data_8U6H
#
_entry.id   8U6H
#
_cell.length_a   112.404
_cell.length_b   73.185
_cell.length_c   171.583
_cell.angle_alpha   90.00
_cell.angle_beta   97.51
_cell.angle_gamma   90.00
#
_symmetry.space_group_name_H-M   'P 1 21 1'
#
loop_
_entity.id
_entity.type
_entity.pdbx_description
1 polymer 'Reverse transcriptase/ribonuclease H'
2 polymer 'p51 RT'
3 non-polymer 3-chloro-5-{4-chloro-2-[2-(2-oxo-3-propanoyl-2,3-dihydro-1H-benzimidazol-1-yl)ethoxy]phenoxy}benzonitrile
4 non-polymer 'PHOSPHATE ION'
5 water water
#
loop_
_entity_poly.entity_id
_entity_poly.type
_entity_poly.pdbx_seq_one_letter_code
_entity_poly.pdbx_strand_id
1 'polypeptide(L)'
;MVPISPIETVPVKLKPGMDGPKVKQWPLTEEKIKALVEICTEMEKEGKISKIGPENPYNTPVFAIKKKDSTKWRKLVDFR
ELNKRTQDFWEVQLGIPHPAGLKKKKSVTVLDVGDAYFSVPLDEDFRKYTAFTIPSINNETPGIRYQYNVLPQGWKGSPA
IFQSSMTKILEPFAAQNPDIVIYQYMDDLYVGSDLEIGQHRTKIEELRQHLLRWGLTTPDKKHQKEPPFLWMGYELHPDK
WTVQPIVLPEKDSWTVNDIQKLVGKLNWASQIYPGIKVRQLSKLLRGTKALTEVIPLTEEAELELAENREILKEPVHGVY
YDPSKDLIAEIQKQGQGQWTYQIYQEPFKNLKTGKYARMRGAHTNDVKQLTEAVQKITTESIVIWGKTPKFKLPIQKETW
ETWWTEYWQATWIPEWEFVNTPPLVKLWYQLEKEPIVGAETFYVDGAANRETKLGKAGYVTNKGRQKVVPLTNTTNQKTE
LQAIYLALQDSGLEVNIVTDSQYALGIIQAQPDKSESELVNQIIEQLIKKEKVYLAWVPAHKGIGGNEQVDKLVSA
;
A,C
2 'polypeptide(L)'
;PISPIETVPVKLKPGMDGPKVKQWPLTEEKIKALVEICTEMEKEGKISKIGPENPYNTPVFAIKKKDSTKWRKLVDFREL
NKRTQDFWEVQLGIPHPAGLKKKKSVTVLDVGDAYFSVPLDEDFRKYTAFTIPSINNETPGIRYQYNVLPQGWKGSPAIF
QSSMTKILEPFKKQNPDIVIYQYMDDLYVGSDLEIGQHRTKIEELRQHLLRWGLTTPDKKHQKEPPFLWMGYELHPDKWT
VQPIVLPEKDSWTVNDIQKLVGKLNWASQIYPGIKVRQLSKLLRGTKALTEVIPLTEEAELELAENREILKEPVHGVYYD
PSKDLIAEIQKQGQGQWTYQIYQEPFKNLKTGKYARMRGAHTNDVKQLTEAVQKITTESIVIWGKTPKFKLPIQKETWET
WWTEYWQATWIPEWEFVNTPPLVKLWYQ
;
B,D
#
loop_
_chem_comp.id
_chem_comp.type
_chem_comp.name
_chem_comp.formula
PO4 non-polymer 'PHOSPHATE ION' 'O4 P -3'
VVE non-polymer 3-chloro-5-{4-chloro-2-[2-(2-oxo-3-propanoyl-2,3-dihydro-1H-benzimidazol-1-yl)ethoxy]phenoxy}benzonitrile 'C25 H19 Cl2 N3 O4'
#
# COMPACT_ATOMS: atom_id res chain seq x y z
N ILE A 4 2.15 -16.33 -35.84
CA ILE A 4 0.99 -16.17 -36.76
C ILE A 4 -0.18 -15.59 -35.98
N SER A 5 -0.20 -15.77 -34.65
CA SER A 5 -1.34 -15.29 -33.84
C SER A 5 -1.03 -13.91 -33.25
N PRO A 6 -2.02 -13.01 -33.13
CA PRO A 6 -1.79 -11.72 -32.49
C PRO A 6 -1.77 -11.96 -30.97
N ILE A 7 -1.76 -13.23 -30.57
CA ILE A 7 -1.81 -13.58 -29.12
C ILE A 7 -0.59 -12.98 -28.42
N GLU A 8 -0.76 -12.58 -27.17
CA GLU A 8 0.36 -12.01 -26.39
C GLU A 8 1.35 -13.14 -26.12
N THR A 9 2.58 -12.79 -25.76
CA THR A 9 3.63 -13.81 -25.53
C THR A 9 3.80 -14.07 -24.03
N VAL A 10 4.29 -15.26 -23.67
CA VAL A 10 4.54 -15.59 -22.24
C VAL A 10 6.00 -15.29 -21.94
N PRO A 11 6.32 -14.43 -20.94
CA PRO A 11 7.69 -14.18 -20.57
C PRO A 11 8.37 -15.50 -20.23
N VAL A 12 9.48 -15.81 -20.90
CA VAL A 12 10.24 -17.06 -20.61
C VAL A 12 11.63 -16.66 -20.13
N LYS A 13 12.23 -17.47 -19.25
CA LYS A 13 13.57 -17.16 -18.71
C LYS A 13 14.37 -18.46 -18.56
N LEU A 14 15.69 -18.37 -18.72
CA LEU A 14 16.55 -19.56 -18.54
C LEU A 14 16.69 -19.81 -17.04
N LYS A 15 17.19 -20.98 -16.65
CA LYS A 15 17.27 -21.32 -15.21
C LYS A 15 18.06 -20.21 -14.50
N PRO A 16 17.99 -20.09 -13.16
CA PRO A 16 18.63 -18.96 -12.47
C PRO A 16 20.14 -18.80 -12.74
N GLY A 17 20.92 -19.86 -12.57
CA GLY A 17 22.38 -19.74 -12.73
C GLY A 17 22.88 -20.43 -13.98
N MET A 18 22.10 -20.41 -15.06
CA MET A 18 22.48 -21.11 -16.30
C MET A 18 22.43 -20.14 -17.48
N ASP A 19 23.15 -20.43 -18.56
CA ASP A 19 23.09 -19.61 -19.75
C ASP A 19 22.80 -20.47 -20.98
N GLY A 20 22.58 -19.80 -22.12
CA GLY A 20 22.14 -20.50 -23.34
C GLY A 20 23.02 -21.63 -23.84
N PRO A 21 22.52 -22.42 -24.82
CA PRO A 21 23.28 -23.54 -25.34
C PRO A 21 24.31 -23.11 -26.40
N LYS A 22 25.35 -23.91 -26.59
CA LYS A 22 26.40 -23.62 -27.60
C LYS A 22 26.93 -24.95 -28.14
N VAL A 23 26.07 -25.72 -28.83
CA VAL A 23 26.47 -27.05 -29.35
C VAL A 23 27.02 -26.90 -30.77
N LYS A 24 27.93 -27.77 -31.17
CA LYS A 24 28.48 -27.74 -32.55
C LYS A 24 27.50 -28.43 -33.51
N GLN A 25 27.34 -27.88 -34.71
CA GLN A 25 26.46 -28.54 -35.71
C GLN A 25 27.33 -29.51 -36.52
N TRP A 26 26.90 -30.76 -36.60
CA TRP A 26 27.70 -31.79 -37.31
C TRP A 26 27.48 -31.67 -38.82
N PRO A 27 28.39 -32.20 -39.67
CA PRO A 27 28.19 -32.17 -41.11
C PRO A 27 27.05 -33.13 -41.49
N LEU A 28 26.47 -32.94 -42.68
CA LEU A 28 25.31 -33.77 -43.07
C LEU A 28 25.31 -34.03 -44.58
N THR A 29 24.79 -35.19 -45.02
CA THR A 29 24.67 -35.47 -46.46
C THR A 29 24.20 -34.19 -47.15
N GLU A 30 24.81 -33.82 -48.28
CA GLU A 30 24.46 -32.53 -48.93
C GLU A 30 23.00 -32.55 -49.40
N GLU A 31 22.49 -33.72 -49.80
CA GLU A 31 21.06 -33.81 -50.19
C GLU A 31 20.21 -33.19 -49.06
N LYS A 32 20.45 -33.62 -47.82
CA LYS A 32 19.65 -33.13 -46.66
C LYS A 32 19.85 -31.62 -46.53
N ILE A 33 21.08 -31.14 -46.70
CA ILE A 33 21.35 -29.68 -46.51
C ILE A 33 20.41 -28.91 -47.42
N LYS A 34 20.23 -29.38 -48.66
CA LYS A 34 19.34 -28.69 -49.62
C LYS A 34 17.93 -28.66 -49.05
N ALA A 35 17.45 -29.80 -48.53
CA ALA A 35 16.08 -29.87 -47.98
C ALA A 35 15.96 -28.92 -46.79
N LEU A 36 16.92 -28.99 -45.87
CA LEU A 36 16.86 -28.14 -44.66
C LEU A 36 16.79 -26.68 -45.12
N VAL A 37 17.33 -26.39 -46.29
CA VAL A 37 17.35 -24.98 -46.80
C VAL A 37 15.94 -24.63 -47.29
N GLU A 38 15.36 -25.50 -48.12
CA GLU A 38 14.01 -25.21 -48.68
C GLU A 38 13.02 -25.06 -47.53
N ILE A 39 13.06 -25.99 -46.57
CA ILE A 39 12.10 -25.95 -45.44
C ILE A 39 12.26 -24.62 -44.71
N CYS A 40 13.50 -24.29 -44.35
CA CYS A 40 13.75 -23.05 -43.57
C CYS A 40 13.33 -21.82 -44.39
N THR A 41 13.58 -21.85 -45.70
CA THR A 41 13.26 -20.67 -46.53
C THR A 41 11.75 -20.44 -46.48
N GLU A 42 10.96 -21.50 -46.60
CA GLU A 42 9.48 -21.37 -46.53
C GLU A 42 9.10 -20.86 -45.15
N MET A 43 9.65 -21.46 -44.10
CA MET A 43 9.35 -21.01 -42.72
C MET A 43 9.71 -19.53 -42.61
N GLU A 44 10.89 -19.17 -43.12
CA GLU A 44 11.31 -17.76 -43.09
C GLU A 44 10.24 -16.92 -43.74
N LYS A 45 9.65 -17.43 -44.82
CA LYS A 45 8.65 -16.64 -45.58
C LYS A 45 7.39 -16.46 -44.73
N GLU A 46 7.15 -17.36 -43.77
CA GLU A 46 5.89 -17.29 -42.97
C GLU A 46 6.16 -16.64 -41.62
N GLY A 47 7.37 -16.11 -41.40
CA GLY A 47 7.69 -15.40 -40.15
C GLY A 47 8.02 -16.36 -39.02
N LYS A 48 7.96 -17.66 -39.30
CA LYS A 48 8.21 -18.67 -38.23
C LYS A 48 9.66 -18.55 -37.76
N ILE A 49 10.59 -18.26 -38.68
CA ILE A 49 12.02 -18.18 -38.30
C ILE A 49 12.63 -16.96 -38.97
N SER A 50 13.72 -16.43 -38.41
CA SER A 50 14.40 -15.25 -39.00
C SER A 50 15.92 -15.51 -39.00
N LYS A 51 16.60 -15.14 -40.08
CA LYS A 51 18.07 -15.37 -40.19
C LYS A 51 18.78 -14.46 -39.19
N ILE A 52 19.96 -14.86 -38.72
CA ILE A 52 20.70 -14.08 -37.71
C ILE A 52 22.17 -14.00 -38.12
N GLY A 53 22.97 -13.23 -37.38
CA GLY A 53 24.41 -13.09 -37.70
C GLY A 53 25.29 -13.74 -36.66
N PRO A 54 26.63 -13.59 -36.74
CA PRO A 54 27.53 -14.25 -35.80
C PRO A 54 27.43 -13.64 -34.39
N GLU A 55 26.73 -12.52 -34.27
CA GLU A 55 26.59 -11.85 -32.94
C GLU A 55 25.98 -12.84 -31.95
N ASN A 56 24.95 -13.58 -32.35
CA ASN A 56 24.35 -14.61 -31.47
C ASN A 56 25.40 -15.70 -31.24
N PRO A 57 25.76 -16.00 -29.98
CA PRO A 57 26.78 -16.99 -29.70
C PRO A 57 26.17 -18.36 -29.37
N TYR A 58 24.85 -18.47 -29.42
CA TYR A 58 24.19 -19.71 -28.99
C TYR A 58 23.86 -20.61 -30.18
N ASN A 59 24.06 -21.92 -30.03
CA ASN A 59 23.67 -22.84 -31.07
C ASN A 59 23.16 -24.16 -30.46
N THR A 60 22.09 -24.70 -31.09
CA THR A 60 21.62 -26.05 -30.88
C THR A 60 21.56 -26.74 -32.25
N PRO A 61 21.82 -28.06 -32.34
CA PRO A 61 21.90 -28.75 -33.62
C PRO A 61 20.60 -29.02 -34.38
N VAL A 62 20.69 -29.16 -35.71
CA VAL A 62 19.51 -29.45 -36.57
C VAL A 62 19.78 -30.76 -37.29
N PHE A 63 18.73 -31.38 -37.84
CA PHE A 63 18.87 -32.65 -38.57
C PHE A 63 17.72 -32.82 -39.56
N ALA A 64 17.78 -33.84 -40.41
CA ALA A 64 16.69 -34.10 -41.37
C ALA A 64 16.36 -35.60 -41.39
N ILE A 65 15.08 -35.93 -41.22
CA ILE A 65 14.64 -37.35 -41.26
C ILE A 65 13.86 -37.54 -42.55
N LYS A 66 13.93 -38.73 -43.15
CA LYS A 66 13.30 -38.98 -44.47
C LYS A 66 11.83 -38.54 -44.48
N LYS A 67 11.22 -38.31 -43.32
CA LYS A 67 9.77 -37.99 -43.30
C LYS A 67 9.06 -39.24 -43.81
N LYS A 68 9.20 -40.36 -43.09
CA LYS A 68 8.53 -41.63 -43.49
C LYS A 68 8.92 -42.24 -44.84
N ASP A 69 7.93 -42.52 -45.69
CA ASP A 69 8.18 -43.11 -47.03
C ASP A 69 7.93 -41.90 -47.92
N SER A 70 7.36 -40.83 -47.37
CA SER A 70 7.14 -39.59 -48.15
C SER A 70 8.40 -39.25 -48.95
N THR A 71 9.58 -39.57 -48.39
CA THR A 71 10.85 -39.20 -49.06
C THR A 71 10.83 -37.69 -49.32
N LYS A 72 10.33 -36.91 -48.34
CA LYS A 72 10.23 -35.44 -48.51
C LYS A 72 11.17 -34.75 -47.50
N TRP A 73 11.61 -35.47 -46.46
CA TRP A 73 12.51 -34.89 -45.42
C TRP A 73 11.73 -33.99 -44.48
N ARG A 74 12.17 -33.89 -43.22
CA ARG A 74 11.49 -32.97 -42.27
C ARG A 74 12.59 -32.46 -41.33
N LYS A 75 12.40 -31.28 -40.73
CA LYS A 75 13.47 -30.73 -39.90
C LYS A 75 13.27 -31.19 -38.46
N LEU A 76 14.33 -31.70 -37.84
CA LEU A 76 14.26 -32.02 -36.42
C LEU A 76 15.43 -31.35 -35.72
N VAL A 77 15.12 -30.32 -34.92
CA VAL A 77 16.10 -29.75 -34.02
C VAL A 77 16.14 -30.57 -32.74
N ASP A 78 17.34 -30.68 -32.14
CA ASP A 78 17.55 -31.34 -30.87
C ASP A 78 17.78 -30.27 -29.82
N PHE A 79 16.79 -30.11 -28.92
CA PHE A 79 16.77 -29.02 -27.95
C PHE A 79 17.12 -29.48 -26.53
N ARG A 80 17.76 -30.66 -26.41
CA ARG A 80 18.07 -31.27 -25.12
C ARG A 80 18.83 -30.29 -24.21
N GLU A 81 19.94 -29.73 -24.67
CA GLU A 81 20.63 -28.76 -23.83
C GLU A 81 19.65 -27.65 -23.48
N LEU A 82 19.13 -26.94 -24.48
CA LEU A 82 18.27 -25.76 -24.17
C LEU A 82 17.24 -26.13 -23.11
N ASN A 83 16.58 -27.28 -23.29
CA ASN A 83 15.52 -27.69 -22.34
C ASN A 83 16.14 -27.83 -20.95
N LYS A 84 17.36 -28.35 -20.88
CA LYS A 84 18.05 -28.56 -19.58
C LYS A 84 18.38 -27.22 -18.95
N ARG A 85 18.21 -26.14 -19.69
CA ARG A 85 18.58 -24.81 -19.16
C ARG A 85 17.34 -23.93 -19.16
N THR A 86 16.28 -24.40 -19.80
CA THR A 86 15.02 -23.62 -19.83
C THR A 86 14.33 -23.78 -18.47
N GLN A 87 13.76 -22.70 -17.95
CA GLN A 87 13.11 -22.74 -16.63
C GLN A 87 12.05 -23.82 -16.57
N ASP A 88 11.62 -24.16 -15.37
CA ASP A 88 10.50 -25.09 -15.21
C ASP A 88 9.19 -24.34 -15.47
N PHE A 89 8.17 -25.11 -15.87
CA PHE A 89 6.87 -24.54 -16.18
C PHE A 89 5.81 -25.16 -15.28
N TRP A 90 4.59 -24.59 -15.32
CA TRP A 90 3.43 -25.27 -14.77
C TRP A 90 3.04 -26.39 -15.73
N GLU A 91 3.19 -27.65 -15.29
CA GLU A 91 3.14 -28.73 -16.25
C GLU A 91 1.73 -28.93 -16.82
N VAL A 92 1.67 -29.27 -18.12
CA VAL A 92 0.47 -29.77 -18.77
C VAL A 92 0.02 -31.04 -18.05
N GLN A 93 -1.31 -31.11 -17.78
CA GLN A 93 -1.94 -32.17 -17.03
C GLN A 93 -1.57 -33.53 -17.62
N LEU A 94 -1.25 -34.51 -16.76
CA LEU A 94 -0.79 -35.80 -17.27
C LEU A 94 -1.98 -36.73 -17.50
N GLY A 95 -2.93 -36.71 -16.54
CA GLY A 95 -4.19 -37.45 -16.68
C GLY A 95 -4.94 -37.17 -17.99
N ILE A 96 -5.32 -38.25 -18.69
CA ILE A 96 -6.23 -38.15 -19.83
C ILE A 96 -7.64 -38.36 -19.35
N PRO A 97 -8.65 -37.68 -19.93
CA PRO A 97 -10.03 -37.95 -19.56
C PRO A 97 -10.41 -39.41 -19.78
N HIS A 98 -11.12 -40.01 -18.83
CA HIS A 98 -11.60 -41.41 -19.02
C HIS A 98 -12.93 -41.36 -19.74
N PRO A 99 -13.08 -42.07 -20.86
CA PRO A 99 -14.30 -41.99 -21.64
C PRO A 99 -15.58 -42.17 -20.81
N ALA A 100 -15.50 -42.82 -19.66
CA ALA A 100 -16.70 -43.09 -18.84
C ALA A 100 -17.22 -41.82 -18.18
N GLY A 101 -16.40 -40.77 -18.15
CA GLY A 101 -16.80 -39.52 -17.47
C GLY A 101 -17.25 -38.51 -18.48
N LEU A 102 -17.38 -38.95 -19.73
CA LEU A 102 -17.83 -38.06 -20.81
C LEU A 102 -19.35 -38.07 -20.80
N LYS A 103 -19.95 -36.91 -20.58
CA LYS A 103 -21.42 -36.82 -20.50
C LYS A 103 -21.98 -37.02 -21.90
N LYS A 104 -22.93 -37.92 -22.04
CA LYS A 104 -23.51 -38.22 -23.37
C LYS A 104 -24.06 -36.93 -23.96
N LYS A 105 -23.63 -36.59 -25.17
CA LYS A 105 -24.16 -35.40 -25.84
C LYS A 105 -24.59 -35.81 -27.25
N LYS A 106 -25.66 -35.23 -27.77
CA LYS A 106 -26.19 -35.67 -29.08
C LYS A 106 -25.07 -35.59 -30.12
N SER A 107 -24.54 -34.40 -30.34
CA SER A 107 -23.51 -34.23 -31.40
C SER A 107 -22.16 -33.92 -30.76
N VAL A 108 -21.08 -34.40 -31.39
CA VAL A 108 -19.70 -34.17 -30.88
C VAL A 108 -18.77 -33.99 -32.07
N THR A 109 -17.95 -32.95 -32.05
CA THR A 109 -17.01 -32.66 -33.16
C THR A 109 -15.57 -32.69 -32.64
N VAL A 110 -14.65 -33.24 -33.42
CA VAL A 110 -13.21 -33.23 -33.04
C VAL A 110 -12.50 -32.27 -33.99
N LEU A 111 -11.83 -31.26 -33.45
CA LEU A 111 -11.15 -30.24 -34.28
C LEU A 111 -9.68 -30.19 -33.93
N ASP A 112 -8.83 -30.79 -34.76
CA ASP A 112 -7.38 -30.72 -34.55
C ASP A 112 -6.88 -29.39 -35.09
N VAL A 113 -5.76 -28.90 -34.55
CA VAL A 113 -5.25 -27.57 -34.87
C VAL A 113 -3.95 -27.72 -35.65
N GLY A 114 -3.87 -27.07 -36.82
CA GLY A 114 -2.76 -27.29 -37.73
C GLY A 114 -1.52 -26.51 -37.31
N ASP A 115 -0.35 -27.16 -37.36
CA ASP A 115 0.89 -26.50 -36.98
C ASP A 115 0.64 -25.69 -35.71
N ALA A 116 0.13 -26.40 -34.71
CA ALA A 116 -0.31 -25.72 -33.51
C ALA A 116 0.80 -24.79 -33.04
N TYR A 117 1.93 -25.36 -32.58
CA TYR A 117 2.97 -24.60 -31.91
C TYR A 117 3.40 -23.45 -32.78
N PHE A 118 3.68 -23.74 -34.06
CA PHE A 118 4.21 -22.70 -34.94
C PHE A 118 3.25 -21.51 -35.08
N SER A 119 2.00 -21.62 -34.60
CA SER A 119 1.03 -20.55 -34.74
C SER A 119 1.10 -19.61 -33.55
N VAL A 120 1.99 -19.89 -32.59
CA VAL A 120 2.02 -19.08 -31.37
C VAL A 120 3.40 -18.45 -31.22
N PRO A 121 3.42 -17.11 -31.05
CA PRO A 121 4.67 -16.35 -30.92
C PRO A 121 5.57 -16.90 -29.83
N LEU A 122 6.86 -16.51 -29.85
CA LEU A 122 7.77 -16.83 -28.75
C LEU A 122 8.27 -15.55 -28.10
N ASP A 123 8.46 -15.60 -26.80
CA ASP A 123 9.02 -14.44 -26.12
C ASP A 123 10.23 -14.00 -26.92
N GLU A 124 10.15 -12.78 -27.47
CA GLU A 124 11.29 -12.15 -28.14
C GLU A 124 12.60 -12.44 -27.40
N ASP A 125 12.70 -12.02 -26.13
CA ASP A 125 13.99 -12.06 -25.44
C ASP A 125 14.50 -13.49 -25.30
N PHE A 126 13.66 -14.50 -25.59
CA PHE A 126 14.12 -15.87 -25.46
C PHE A 126 14.59 -16.45 -26.79
N ARG A 127 14.15 -15.85 -27.90
CA ARG A 127 14.44 -16.41 -29.24
C ARG A 127 15.92 -16.67 -29.43
N LYS A 128 16.78 -15.74 -29.00
CA LYS A 128 18.23 -15.87 -29.23
C LYS A 128 18.68 -17.29 -28.92
N TYR A 129 18.14 -17.90 -27.87
CA TYR A 129 18.62 -19.22 -27.44
C TYR A 129 18.12 -20.31 -28.37
N THR A 130 17.03 -20.04 -29.10
CA THR A 130 16.46 -21.04 -30.05
C THR A 130 17.20 -20.94 -31.38
N ALA A 131 18.52 -20.77 -31.35
CA ALA A 131 19.28 -20.53 -32.59
C ALA A 131 19.86 -21.82 -33.17
N PHE A 132 19.86 -21.94 -34.48
CA PHE A 132 20.36 -23.17 -35.14
C PHE A 132 21.15 -22.81 -36.39
N THR A 133 22.05 -23.69 -36.79
CA THR A 133 22.91 -23.48 -37.96
C THR A 133 22.67 -24.57 -38.99
N ILE A 134 22.37 -24.18 -40.24
CA ILE A 134 22.31 -25.15 -41.33
C ILE A 134 23.75 -25.42 -41.75
N PRO A 135 24.15 -26.71 -41.84
CA PRO A 135 25.56 -27.02 -42.04
C PRO A 135 25.88 -26.51 -43.44
N SER A 136 27.15 -26.16 -43.60
CA SER A 136 27.67 -25.77 -44.90
C SER A 136 27.91 -27.00 -45.77
N ILE A 137 27.72 -26.76 -47.07
CA ILE A 137 27.81 -27.77 -48.10
C ILE A 137 29.23 -28.34 -48.06
N ASN A 138 30.21 -27.44 -48.25
CA ASN A 138 31.63 -27.72 -48.12
C ASN A 138 32.10 -27.14 -46.80
N ASN A 139 33.14 -27.72 -46.22
CA ASN A 139 33.58 -27.38 -44.86
C ASN A 139 34.14 -25.95 -44.85
N GLU A 140 34.22 -25.35 -46.03
CA GLU A 140 34.81 -24.03 -46.24
C GLU A 140 33.87 -22.92 -45.77
N THR A 141 32.64 -22.96 -46.28
CA THR A 141 31.72 -21.85 -46.24
C THR A 141 30.94 -21.86 -44.93
N PRO A 142 31.06 -20.85 -44.03
CA PRO A 142 30.19 -20.78 -42.85
C PRO A 142 28.76 -21.15 -43.23
N GLY A 143 28.07 -21.84 -42.32
CA GLY A 143 26.69 -22.25 -42.56
C GLY A 143 25.75 -21.06 -42.40
N ILE A 144 24.47 -21.28 -42.71
CA ILE A 144 23.49 -20.22 -42.50
C ILE A 144 22.72 -20.43 -41.20
N ARG A 145 22.36 -19.32 -40.54
CA ARG A 145 21.92 -19.30 -39.15
C ARG A 145 20.55 -18.65 -38.99
N TYR A 146 19.86 -19.10 -37.95
CA TYR A 146 18.46 -18.82 -37.75
C TYR A 146 18.12 -18.85 -36.25
N GLN A 147 16.93 -18.35 -35.93
CA GLN A 147 16.32 -18.50 -34.62
C GLN A 147 14.80 -18.51 -34.82
N TYR A 148 14.08 -19.12 -33.88
CA TYR A 148 12.63 -19.21 -33.96
C TYR A 148 11.92 -17.93 -33.51
N ASN A 149 10.74 -17.68 -34.08
CA ASN A 149 9.87 -16.61 -33.60
C ASN A 149 8.53 -17.20 -33.16
N VAL A 150 8.52 -18.52 -32.98
CA VAL A 150 7.33 -19.25 -32.61
C VAL A 150 7.80 -20.51 -31.90
N LEU A 151 6.86 -21.24 -31.31
CA LEU A 151 7.19 -22.24 -30.32
C LEU A 151 7.91 -23.38 -31.02
N PRO A 152 9.21 -23.57 -30.76
CA PRO A 152 9.97 -24.62 -31.40
C PRO A 152 9.31 -25.93 -30.98
N GLN A 153 9.36 -26.95 -31.83
CA GLN A 153 8.60 -28.19 -31.54
C GLN A 153 9.33 -29.02 -30.48
N GLY A 154 10.66 -28.98 -30.41
CA GLY A 154 11.31 -29.82 -29.42
C GLY A 154 11.40 -29.17 -28.04
N TRP A 155 10.91 -27.96 -27.91
CA TRP A 155 11.26 -27.15 -26.76
C TRP A 155 10.49 -27.61 -25.53
N LYS A 156 11.08 -27.39 -24.35
CA LYS A 156 10.49 -27.75 -23.08
C LYS A 156 9.14 -27.09 -22.90
N GLY A 157 8.99 -25.86 -23.46
CA GLY A 157 7.92 -24.94 -23.08
C GLY A 157 6.78 -24.80 -24.09
N SER A 158 6.86 -25.48 -25.23
CA SER A 158 5.90 -25.22 -26.31
C SER A 158 4.53 -25.71 -25.92
N PRO A 159 4.41 -26.93 -25.33
CA PRO A 159 3.12 -27.48 -24.95
C PRO A 159 2.33 -26.57 -24.01
N ALA A 160 2.97 -26.25 -22.87
CA ALA A 160 2.35 -25.46 -21.83
C ALA A 160 1.98 -24.09 -22.36
N ILE A 161 2.90 -23.44 -23.05
CA ILE A 161 2.57 -22.15 -23.62
C ILE A 161 1.49 -22.30 -24.69
N PHE A 162 1.49 -23.41 -25.46
CA PHE A 162 0.46 -23.52 -26.47
C PHE A 162 -0.90 -23.63 -25.79
N GLN A 163 -0.95 -24.52 -24.80
CA GLN A 163 -2.13 -24.74 -23.99
C GLN A 163 -2.60 -23.41 -23.43
N SER A 164 -1.69 -22.66 -22.82
CA SER A 164 -2.13 -21.47 -22.12
C SER A 164 -2.76 -20.49 -23.11
N SER A 165 -2.22 -20.40 -24.32
CA SER A 165 -2.70 -19.39 -25.26
C SER A 165 -4.06 -19.82 -25.81
N MET A 166 -4.25 -21.13 -25.95
CA MET A 166 -5.54 -21.64 -26.44
C MET A 166 -6.60 -21.35 -25.37
N THR A 167 -6.27 -21.60 -24.11
CA THR A 167 -7.25 -21.27 -23.08
C THR A 167 -7.68 -19.80 -23.19
N LYS A 168 -6.73 -18.89 -23.36
CA LYS A 168 -7.09 -17.49 -23.50
C LYS A 168 -8.06 -17.28 -24.67
N ILE A 169 -7.80 -17.98 -25.78
CA ILE A 169 -8.55 -17.73 -27.01
C ILE A 169 -9.93 -18.35 -26.93
N LEU A 170 -10.15 -19.29 -26.00
CA LEU A 170 -11.45 -19.91 -25.84
C LEU A 170 -12.31 -19.17 -24.81
N GLU A 171 -11.70 -18.54 -23.79
CA GLU A 171 -12.50 -18.01 -22.68
C GLU A 171 -13.65 -17.17 -23.19
N PRO A 172 -13.46 -16.17 -24.06
CA PRO A 172 -14.58 -15.33 -24.51
C PRO A 172 -15.67 -16.11 -25.24
N PHE A 173 -15.26 -16.92 -26.21
CA PHE A 173 -16.22 -17.68 -26.99
C PHE A 173 -17.01 -18.61 -26.07
N ALA A 174 -16.31 -19.24 -25.14
CA ALA A 174 -16.91 -20.28 -24.34
C ALA A 174 -17.90 -19.60 -23.39
N ALA A 175 -17.71 -18.30 -23.21
CA ALA A 175 -18.60 -17.56 -22.34
C ALA A 175 -19.81 -17.14 -23.15
N GLN A 176 -19.57 -16.65 -24.37
CA GLN A 176 -20.64 -16.22 -25.23
C GLN A 176 -21.58 -17.41 -25.47
N ASN A 177 -21.07 -18.66 -25.44
CA ASN A 177 -21.87 -19.81 -25.82
C ASN A 177 -21.82 -20.88 -24.73
N PRO A 178 -22.56 -20.73 -23.62
CA PRO A 178 -22.62 -21.79 -22.62
C PRO A 178 -23.23 -23.10 -23.11
N ASP A 179 -24.03 -23.05 -24.19
CA ASP A 179 -24.70 -24.23 -24.72
C ASP A 179 -23.71 -25.27 -25.27
N ILE A 180 -22.46 -24.85 -25.45
CA ILE A 180 -21.45 -25.76 -26.07
C ILE A 180 -20.39 -26.12 -25.04
N VAL A 181 -19.97 -27.39 -25.01
CA VAL A 181 -18.94 -27.86 -24.05
C VAL A 181 -17.65 -28.16 -24.81
N ILE A 182 -16.63 -27.31 -24.65
CA ILE A 182 -15.34 -27.49 -25.37
C ILE A 182 -14.31 -28.12 -24.43
N TYR A 183 -13.66 -29.19 -24.86
CA TYR A 183 -12.61 -29.83 -24.04
C TYR A 183 -11.27 -29.65 -24.76
N GLN A 184 -10.17 -29.76 -24.04
CA GLN A 184 -8.85 -29.51 -24.65
C GLN A 184 -7.87 -30.63 -24.28
N TYR A 185 -7.20 -31.20 -25.27
CA TYR A 185 -6.15 -32.22 -25.02
C TYR A 185 -5.10 -32.07 -26.11
N MET A 186 -3.91 -31.64 -25.73
CA MET A 186 -2.84 -31.41 -26.70
C MET A 186 -3.40 -30.55 -27.83
N ASP A 187 -3.14 -30.92 -29.08
CA ASP A 187 -3.55 -30.08 -30.19
C ASP A 187 -5.05 -30.22 -30.47
N ASP A 188 -5.75 -31.05 -29.71
CA ASP A 188 -7.16 -31.32 -30.10
C ASP A 188 -8.15 -30.55 -29.24
N LEU A 189 -9.27 -30.16 -29.86
CA LEU A 189 -10.36 -29.49 -29.11
C LEU A 189 -11.60 -30.32 -29.39
N TYR A 190 -12.12 -31.01 -28.39
CA TYR A 190 -13.32 -31.85 -28.54
C TYR A 190 -14.55 -31.07 -28.08
N VAL A 191 -15.44 -30.73 -29.00
CA VAL A 191 -16.66 -29.94 -28.68
C VAL A 191 -17.89 -30.82 -28.81
N GLY A 192 -18.79 -30.76 -27.84
CA GLY A 192 -20.02 -31.58 -27.84
C GLY A 192 -21.23 -30.75 -27.51
N SER A 193 -22.41 -31.14 -28.00
CA SER A 193 -23.60 -30.30 -27.79
C SER A 193 -24.87 -31.14 -27.77
N ASP A 194 -25.98 -30.53 -27.35
CA ASP A 194 -27.29 -31.22 -27.35
C ASP A 194 -28.24 -30.38 -28.18
N LEU A 195 -27.70 -29.61 -29.13
CA LEU A 195 -28.53 -28.74 -30.00
C LEU A 195 -28.95 -29.54 -31.23
N GLU A 196 -29.62 -28.88 -32.19
CA GLU A 196 -29.96 -29.60 -33.44
C GLU A 196 -28.68 -29.69 -34.28
N ILE A 197 -28.56 -30.71 -35.13
CA ILE A 197 -27.30 -30.90 -35.90
C ILE A 197 -26.91 -29.58 -36.56
N GLY A 198 -27.89 -28.84 -37.09
CA GLY A 198 -27.61 -27.59 -37.79
C GLY A 198 -27.05 -26.53 -36.86
N GLN A 199 -27.67 -26.38 -35.69
CA GLN A 199 -27.21 -25.38 -34.69
C GLN A 199 -25.80 -25.78 -34.23
N HIS A 200 -25.58 -27.08 -34.03
CA HIS A 200 -24.23 -27.55 -33.62
C HIS A 200 -23.22 -27.15 -34.69
N ARG A 201 -23.50 -27.43 -35.95
CA ARG A 201 -22.54 -27.12 -37.04
C ARG A 201 -22.35 -25.61 -37.12
N THR A 202 -23.42 -24.84 -36.94
CA THR A 202 -23.33 -23.37 -37.03
C THR A 202 -22.35 -22.89 -35.96
N LYS A 203 -22.47 -23.39 -34.73
CA LYS A 203 -21.58 -22.96 -33.63
C LYS A 203 -20.15 -23.47 -33.88
N ILE A 204 -20.03 -24.70 -34.38
CA ILE A 204 -18.69 -25.29 -34.66
C ILE A 204 -18.00 -24.39 -35.69
N GLU A 205 -18.76 -23.93 -36.69
CA GLU A 205 -18.17 -23.02 -37.71
C GLU A 205 -17.85 -21.69 -37.03
N GLU A 206 -18.78 -21.15 -36.25
CA GLU A 206 -18.49 -19.90 -35.55
C GLU A 206 -17.20 -20.04 -34.76
N LEU A 207 -16.98 -21.23 -34.19
CA LEU A 207 -15.78 -21.49 -33.41
C LEU A 207 -14.58 -21.50 -34.33
N ARG A 208 -14.69 -22.21 -35.46
CA ARG A 208 -13.57 -22.24 -36.40
C ARG A 208 -13.20 -20.81 -36.77
N GLN A 209 -14.26 -20.02 -36.98
CA GLN A 209 -14.19 -18.63 -37.41
C GLN A 209 -13.37 -17.87 -36.37
N HIS A 210 -13.71 -18.11 -35.11
CA HIS A 210 -13.07 -17.41 -34.00
C HIS A 210 -11.59 -17.76 -33.91
N LEU A 211 -11.29 -19.06 -34.00
CA LEU A 211 -9.95 -19.54 -33.82
C LEU A 211 -9.06 -18.99 -34.93
N LEU A 212 -9.65 -18.81 -36.10
CA LEU A 212 -8.87 -18.38 -37.26
C LEU A 212 -8.42 -16.93 -37.09
N ARG A 213 -9.31 -16.10 -36.54
CA ARG A 213 -8.98 -14.70 -36.27
C ARG A 213 -7.79 -14.63 -35.32
N TRP A 214 -7.50 -15.70 -34.57
CA TRP A 214 -6.33 -15.75 -33.71
C TRP A 214 -5.18 -16.57 -34.31
N GLY A 215 -5.24 -16.85 -35.62
CA GLY A 215 -4.20 -17.61 -36.29
C GLY A 215 -4.17 -19.09 -35.89
N LEU A 216 -5.35 -19.71 -35.73
CA LEU A 216 -5.42 -21.15 -35.56
C LEU A 216 -6.42 -21.74 -36.54
N THR A 217 -5.90 -22.59 -37.43
CA THR A 217 -6.68 -23.32 -38.41
C THR A 217 -7.09 -24.68 -37.86
N THR A 218 -8.16 -25.18 -38.47
CA THR A 218 -8.90 -26.35 -38.08
C THR A 218 -9.47 -26.96 -39.33
N PRO A 219 -9.72 -28.29 -39.41
CA PRO A 219 -10.45 -28.87 -40.54
C PRO A 219 -11.84 -28.30 -40.74
N ASP A 220 -12.34 -28.30 -41.98
CA ASP A 220 -13.74 -28.07 -42.24
C ASP A 220 -14.25 -29.18 -43.16
N LYS A 221 -15.16 -30.03 -42.61
CA LYS A 221 -15.78 -31.17 -43.29
C LYS A 221 -14.70 -32.13 -43.80
N LYS A 222 -13.53 -31.99 -43.18
CA LYS A 222 -12.51 -33.01 -43.15
C LYS A 222 -12.30 -33.32 -41.66
N HIS A 223 -13.30 -32.93 -40.87
CA HIS A 223 -13.30 -33.30 -39.45
C HIS A 223 -13.41 -34.82 -39.43
N GLN A 224 -12.87 -35.46 -38.39
CA GLN A 224 -12.88 -36.94 -38.35
C GLN A 224 -14.33 -37.41 -38.23
N LYS A 225 -14.60 -38.66 -38.63
CA LYS A 225 -15.98 -39.21 -38.57
C LYS A 225 -16.16 -39.89 -37.21
N GLU A 226 -17.35 -39.76 -36.64
CA GLU A 226 -17.55 -40.25 -35.26
C GLU A 226 -17.32 -41.75 -35.14
N PRO A 227 -18.08 -42.62 -35.82
CA PRO A 227 -17.97 -44.07 -35.60
C PRO A 227 -16.61 -44.53 -35.08
N PRO A 228 -15.47 -44.19 -35.72
CA PRO A 228 -14.19 -44.70 -35.26
C PRO A 228 -13.35 -43.66 -34.54
N PHE A 229 -13.90 -42.97 -33.54
CA PHE A 229 -13.00 -42.06 -32.80
C PHE A 229 -11.99 -42.93 -32.06
N LEU A 230 -10.93 -43.34 -32.74
CA LEU A 230 -9.85 -44.10 -32.08
C LEU A 230 -9.06 -43.07 -31.29
N TRP A 231 -9.15 -43.10 -29.96
CA TRP A 231 -8.56 -42.00 -29.16
C TRP A 231 -7.80 -42.52 -27.95
N MET A 232 -6.51 -42.22 -27.86
CA MET A 232 -5.72 -42.55 -26.68
C MET A 232 -6.00 -43.98 -26.18
N GLY A 233 -6.26 -44.90 -27.12
CA GLY A 233 -6.33 -46.33 -26.83
C GLY A 233 -7.76 -46.85 -26.83
N TYR A 234 -8.73 -45.95 -27.09
CA TYR A 234 -10.13 -46.30 -26.96
C TYR A 234 -10.80 -46.24 -28.33
N GLU A 235 -11.92 -46.98 -28.45
CA GLU A 235 -12.87 -46.74 -29.51
C GLU A 235 -14.01 -45.92 -28.92
N LEU A 236 -14.24 -44.74 -29.50
CA LEU A 236 -15.32 -43.86 -29.07
C LEU A 236 -16.39 -43.84 -30.14
N HIS A 237 -17.46 -44.60 -29.89
CA HIS A 237 -18.62 -44.62 -30.80
C HIS A 237 -19.67 -43.68 -30.20
N PRO A 238 -20.62 -43.15 -30.97
CA PRO A 238 -21.55 -42.17 -30.43
C PRO A 238 -22.50 -42.75 -29.38
N ASP A 239 -22.48 -44.07 -29.19
CA ASP A 239 -23.44 -44.71 -28.27
C ASP A 239 -22.68 -45.39 -27.14
N LYS A 240 -21.39 -45.62 -27.33
CA LYS A 240 -20.62 -46.38 -26.34
C LYS A 240 -19.12 -46.22 -26.56
N TRP A 241 -18.34 -46.76 -25.64
CA TRP A 241 -16.88 -46.73 -25.74
C TRP A 241 -16.36 -48.11 -25.43
N THR A 242 -15.25 -48.49 -26.05
CA THR A 242 -14.55 -49.66 -25.60
C THR A 242 -13.06 -49.35 -25.66
N VAL A 243 -12.28 -50.35 -25.22
CA VAL A 243 -10.85 -50.38 -25.43
C VAL A 243 -10.60 -50.88 -26.84
N GLN A 244 -9.55 -50.33 -27.48
CA GLN A 244 -9.11 -50.79 -28.80
C GLN A 244 -8.54 -52.20 -28.73
N PRO A 245 -8.78 -53.03 -29.76
CA PRO A 245 -8.65 -54.49 -29.61
C PRO A 245 -7.24 -54.86 -29.15
N ILE A 246 -7.16 -55.90 -28.31
CA ILE A 246 -5.95 -56.23 -27.57
C ILE A 246 -5.49 -57.64 -27.96
N VAL A 247 -4.21 -57.76 -28.36
CA VAL A 247 -3.73 -58.99 -28.99
C VAL A 247 -2.88 -59.75 -27.97
N LEU A 248 -3.33 -60.98 -27.61
CA LEU A 248 -2.52 -62.00 -26.95
C LEU A 248 -2.90 -62.15 -25.47
N ASP A 252 2.15 -67.67 -28.61
CA ASP A 252 2.28 -67.51 -27.13
C ASP A 252 3.77 -67.46 -26.76
N SER A 253 4.14 -66.38 -26.06
CA SER A 253 5.53 -65.99 -25.83
C SER A 253 5.82 -65.90 -24.33
N TRP A 254 7.08 -66.20 -23.95
CA TRP A 254 7.42 -66.45 -22.56
C TRP A 254 8.76 -65.84 -22.16
N THR A 255 9.12 -64.67 -22.70
CA THR A 255 10.27 -63.91 -22.21
C THR A 255 9.80 -63.08 -21.01
N VAL A 256 10.63 -62.14 -20.52
CA VAL A 256 10.25 -61.30 -19.40
C VAL A 256 9.48 -60.07 -19.90
N ASN A 257 10.11 -59.33 -20.82
CA ASN A 257 9.54 -58.09 -21.35
C ASN A 257 8.18 -58.41 -21.98
N ASP A 258 8.09 -59.58 -22.62
CA ASP A 258 6.83 -60.07 -23.15
C ASP A 258 5.80 -60.15 -22.03
N ILE A 259 6.25 -60.50 -20.80
CA ILE A 259 5.39 -60.62 -19.64
C ILE A 259 4.81 -59.24 -19.23
N GLN A 260 5.69 -58.25 -19.12
CA GLN A 260 5.25 -56.91 -18.66
C GLN A 260 4.28 -56.32 -19.69
N LYS A 261 4.62 -56.44 -20.98
CA LYS A 261 3.72 -55.93 -22.04
C LYS A 261 2.36 -56.61 -21.89
N LEU A 262 2.37 -57.93 -21.69
CA LEU A 262 1.10 -58.68 -21.52
C LEU A 262 0.36 -58.13 -20.30
N VAL A 263 1.04 -58.00 -19.16
CA VAL A 263 0.35 -57.55 -17.92
C VAL A 263 -0.25 -56.17 -18.20
N GLY A 264 0.53 -55.28 -18.81
CA GLY A 264 0.04 -53.92 -19.10
C GLY A 264 -1.20 -53.97 -19.96
N LYS A 265 -1.17 -54.77 -21.02
CA LYS A 265 -2.33 -54.89 -21.93
C LYS A 265 -3.54 -55.37 -21.13
N LEU A 266 -3.34 -56.37 -20.28
CA LEU A 266 -4.44 -56.93 -19.47
C LEU A 266 -4.97 -55.83 -18.54
N ASN A 267 -4.06 -55.10 -17.90
CA ASN A 267 -4.47 -54.03 -16.96
C ASN A 267 -5.31 -53.01 -17.73
N TRP A 268 -4.91 -52.69 -18.95
CA TRP A 268 -5.67 -51.71 -19.79
C TRP A 268 -7.04 -52.29 -20.09
N ALA A 269 -7.15 -53.61 -20.22
CA ALA A 269 -8.42 -54.20 -20.57
C ALA A 269 -9.33 -54.26 -19.35
N SER A 270 -8.76 -54.08 -18.16
CA SER A 270 -9.50 -54.19 -16.91
C SER A 270 -10.38 -52.97 -16.66
N GLN A 271 -10.12 -51.86 -17.38
CA GLN A 271 -11.05 -50.75 -17.38
C GLN A 271 -12.49 -51.27 -17.51
N ILE A 272 -12.75 -52.17 -18.48
CA ILE A 272 -14.12 -52.44 -18.90
C ILE A 272 -14.44 -53.94 -18.96
N TYR A 273 -13.42 -54.76 -19.27
CA TYR A 273 -13.58 -56.20 -19.36
C TYR A 273 -13.55 -56.78 -17.95
N PRO A 274 -14.69 -57.22 -17.39
CA PRO A 274 -14.73 -57.76 -16.03
C PRO A 274 -13.80 -58.93 -15.79
N GLY A 275 -13.07 -58.83 -14.66
CA GLY A 275 -12.37 -59.94 -14.04
C GLY A 275 -11.27 -60.51 -14.92
N ILE A 276 -10.52 -59.64 -15.59
CA ILE A 276 -9.20 -60.01 -16.08
C ILE A 276 -8.29 -60.19 -14.86
N LYS A 277 -7.42 -61.21 -14.88
CA LYS A 277 -6.60 -61.50 -13.72
C LYS A 277 -5.13 -61.40 -14.09
N VAL A 278 -4.32 -60.89 -13.14
CA VAL A 278 -2.87 -60.76 -13.33
C VAL A 278 -2.10 -61.07 -12.04
N ARG A 279 -2.73 -61.73 -11.05
CA ARG A 279 -2.03 -62.00 -9.79
C ARG A 279 -0.82 -62.88 -10.07
N GLN A 280 -1.06 -64.08 -10.62
CA GLN A 280 0.00 -65.04 -10.82
C GLN A 280 1.08 -64.40 -11.71
N LEU A 281 0.68 -63.88 -12.87
CA LEU A 281 1.65 -63.42 -13.85
C LEU A 281 2.58 -62.34 -13.27
N SER A 282 2.05 -61.57 -12.31
CA SER A 282 2.85 -60.46 -11.72
C SER A 282 3.84 -61.05 -10.72
N LYS A 283 3.56 -62.25 -10.23
CA LYS A 283 4.51 -62.91 -9.31
C LYS A 283 5.72 -63.36 -10.14
N LEU A 284 5.48 -63.65 -11.42
CA LEU A 284 6.57 -64.10 -12.32
C LEU A 284 7.47 -62.90 -12.64
N LEU A 285 7.17 -61.74 -12.07
CA LEU A 285 8.04 -60.56 -12.26
C LEU A 285 8.89 -60.37 -11.00
N ARG A 286 9.47 -61.45 -10.48
CA ARG A 286 10.37 -61.38 -9.31
C ARG A 286 11.81 -61.24 -9.82
N GLY A 287 12.61 -60.34 -9.23
CA GLY A 287 13.97 -60.12 -9.79
C GLY A 287 13.93 -59.32 -11.08
N THR A 288 13.33 -59.89 -12.13
CA THR A 288 13.17 -59.16 -13.43
C THR A 288 14.52 -58.63 -13.92
N LYS A 289 14.57 -57.35 -14.31
CA LYS A 289 15.81 -56.71 -14.83
C LYS A 289 16.12 -57.25 -16.24
N ALA A 290 16.32 -58.56 -16.37
CA ALA A 290 16.66 -59.15 -17.69
C ALA A 290 15.39 -59.33 -18.51
N LEU A 291 15.10 -58.37 -19.40
CA LEU A 291 13.87 -58.44 -20.24
C LEU A 291 13.93 -59.69 -21.11
N THR A 292 15.14 -60.09 -21.53
CA THR A 292 15.30 -61.27 -22.42
C THR A 292 15.14 -62.57 -21.61
N GLU A 293 15.44 -62.52 -20.31
CA GLU A 293 15.39 -63.75 -19.49
C GLU A 293 14.09 -64.50 -19.76
N VAL A 294 14.18 -65.80 -20.06
CA VAL A 294 12.95 -66.63 -20.26
C VAL A 294 12.38 -66.95 -18.88
N ILE A 295 11.10 -67.35 -18.81
CA ILE A 295 10.45 -67.61 -17.50
C ILE A 295 9.58 -68.87 -17.60
N PRO A 296 9.59 -69.78 -16.60
CA PRO A 296 8.71 -70.94 -16.62
C PRO A 296 7.23 -70.60 -16.41
N LEU A 297 6.38 -71.08 -17.32
CA LEU A 297 4.95 -70.85 -17.27
C LEU A 297 4.31 -71.81 -16.27
N THR A 298 4.15 -71.34 -15.02
CA THR A 298 3.39 -72.02 -14.00
C THR A 298 2.02 -72.44 -14.54
N GLU A 299 1.49 -73.56 -14.04
CA GLU A 299 0.16 -74.02 -14.40
C GLU A 299 -0.91 -73.11 -13.78
N GLU A 300 -0.52 -72.31 -12.78
CA GLU A 300 -1.41 -71.37 -12.09
C GLU A 300 -1.48 -70.05 -12.85
N ALA A 301 -0.37 -69.68 -13.50
CA ALA A 301 -0.30 -68.46 -14.29
C ALA A 301 -0.70 -68.72 -15.74
N GLU A 302 -0.34 -69.89 -16.28
CA GLU A 302 -0.68 -70.23 -17.65
C GLU A 302 -2.13 -70.72 -17.76
N LEU A 303 -2.77 -71.01 -16.61
CA LEU A 303 -4.22 -71.19 -16.53
C LEU A 303 -4.88 -69.82 -16.50
N GLU A 304 -4.33 -68.91 -15.69
CA GLU A 304 -4.74 -67.52 -15.69
C GLU A 304 -4.90 -67.04 -17.13
N LEU A 305 -3.84 -67.14 -17.94
CA LEU A 305 -3.85 -66.62 -19.31
C LEU A 305 -4.92 -67.31 -20.17
N ALA A 306 -5.26 -68.56 -19.83
CA ALA A 306 -6.33 -69.29 -20.51
C ALA A 306 -7.68 -68.64 -20.25
N GLU A 307 -7.96 -68.35 -18.97
CA GLU A 307 -9.18 -67.66 -18.56
C GLU A 307 -9.29 -66.31 -19.27
N ASN A 308 -8.16 -65.58 -19.34
CA ASN A 308 -8.14 -64.23 -19.87
C ASN A 308 -8.54 -64.21 -21.35
N ARG A 309 -8.01 -65.14 -22.13
CA ARG A 309 -8.30 -65.15 -23.58
C ARG A 309 -9.81 -65.32 -23.79
N GLU A 310 -10.44 -66.13 -22.95
CA GLU A 310 -11.90 -66.37 -23.08
C GLU A 310 -12.64 -65.05 -22.86
N ILE A 311 -12.19 -64.25 -21.88
CA ILE A 311 -12.86 -62.95 -21.59
C ILE A 311 -12.63 -62.01 -22.77
N LEU A 312 -11.49 -62.16 -23.45
CA LEU A 312 -11.16 -61.24 -24.55
C LEU A 312 -11.81 -61.67 -25.87
N LYS A 313 -12.48 -62.82 -25.89
CA LYS A 313 -13.24 -63.27 -27.05
C LYS A 313 -14.54 -62.47 -27.15
N GLU A 314 -15.22 -62.26 -26.02
CA GLU A 314 -16.43 -61.45 -25.93
C GLU A 314 -16.03 -59.97 -26.06
N PRO A 315 -16.62 -59.15 -26.97
CA PRO A 315 -16.39 -57.71 -26.98
C PRO A 315 -17.27 -57.06 -25.91
N VAL A 316 -16.65 -56.19 -25.11
CA VAL A 316 -17.36 -55.47 -24.07
C VAL A 316 -17.35 -53.99 -24.42
N HIS A 317 -18.43 -53.31 -24.07
CA HIS A 317 -18.52 -51.89 -24.28
C HIS A 317 -18.92 -51.28 -22.94
N GLY A 318 -18.67 -49.98 -22.79
CA GLY A 318 -19.17 -49.21 -21.68
C GLY A 318 -19.96 -48.02 -22.19
N VAL A 319 -20.85 -47.51 -21.34
CA VAL A 319 -21.68 -46.37 -21.61
C VAL A 319 -20.85 -45.12 -21.30
N TYR A 320 -21.32 -43.97 -21.79
CA TYR A 320 -20.96 -42.67 -21.25
C TYR A 320 -21.80 -42.33 -20.00
N TYR A 321 -21.66 -41.10 -19.47
CA TYR A 321 -22.10 -40.82 -18.10
C TYR A 321 -23.33 -39.92 -18.14
N ASP A 322 -24.25 -40.13 -17.18
CA ASP A 322 -25.49 -39.38 -17.17
C ASP A 322 -25.70 -38.71 -15.84
N PRO A 323 -25.54 -37.38 -15.76
CA PRO A 323 -25.62 -36.68 -14.48
C PRO A 323 -26.91 -36.95 -13.72
N SER A 324 -27.98 -37.21 -14.44
CA SER A 324 -29.27 -37.25 -13.79
C SER A 324 -29.33 -38.43 -12.84
N LYS A 325 -28.55 -39.46 -13.15
CA LYS A 325 -28.66 -40.75 -12.51
C LYS A 325 -27.55 -40.89 -11.46
N ASP A 326 -27.76 -41.81 -10.50
CA ASP A 326 -26.80 -42.07 -9.43
C ASP A 326 -25.63 -42.86 -10.01
N LEU A 327 -24.47 -42.71 -9.40
CA LEU A 327 -23.42 -43.69 -9.65
C LEU A 327 -23.63 -44.83 -8.67
N ILE A 328 -23.51 -46.06 -9.17
CA ILE A 328 -23.42 -47.21 -8.31
C ILE A 328 -22.10 -47.94 -8.53
N ALA A 329 -21.54 -48.44 -7.45
CA ALA A 329 -20.32 -49.24 -7.46
C ALA A 329 -20.55 -50.48 -6.62
N GLU A 330 -20.18 -51.63 -7.18
CA GLU A 330 -20.40 -52.89 -6.51
C GLU A 330 -19.10 -53.67 -6.57
N ILE A 331 -18.72 -54.26 -5.42
CA ILE A 331 -17.42 -54.91 -5.28
C ILE A 331 -17.60 -56.41 -5.04
N GLN A 332 -16.80 -57.22 -5.73
CA GLN A 332 -16.78 -58.65 -5.45
C GLN A 332 -15.41 -59.03 -4.93
N LYS A 333 -15.38 -59.91 -3.92
CA LYS A 333 -14.12 -60.51 -3.56
C LYS A 333 -13.81 -61.58 -4.61
N GLN A 334 -12.59 -61.53 -5.14
CA GLN A 334 -12.13 -62.44 -6.17
C GLN A 334 -10.84 -63.06 -5.63
N GLY A 335 -10.86 -64.37 -5.34
CA GLY A 335 -9.68 -65.01 -4.80
C GLY A 335 -9.21 -64.32 -3.51
N GLN A 336 -7.92 -64.51 -3.19
CA GLN A 336 -7.32 -64.01 -1.96
C GLN A 336 -6.56 -62.72 -2.26
N GLY A 337 -6.96 -61.67 -1.56
CA GLY A 337 -6.32 -60.37 -1.67
C GLY A 337 -6.56 -59.73 -3.03
N GLN A 338 -7.41 -60.38 -3.83
CA GLN A 338 -7.81 -59.86 -5.12
C GLN A 338 -9.25 -59.36 -5.02
N TRP A 339 -9.52 -58.14 -5.48
CA TRP A 339 -10.89 -57.66 -5.55
C TRP A 339 -11.18 -57.07 -6.94
N THR A 340 -12.47 -56.96 -7.22
CA THR A 340 -12.95 -56.53 -8.51
C THR A 340 -14.22 -55.72 -8.26
N TYR A 341 -14.46 -54.75 -9.16
CA TYR A 341 -15.51 -53.76 -8.94
C TYR A 341 -16.07 -53.24 -10.27
N GLN A 342 -17.38 -53.02 -10.30
CA GLN A 342 -17.98 -52.37 -11.44
C GLN A 342 -18.59 -51.09 -10.95
N ILE A 343 -18.65 -50.11 -11.84
CA ILE A 343 -19.36 -48.87 -11.64
C ILE A 343 -20.33 -48.66 -12.79
N TYR A 344 -21.58 -48.32 -12.44
CA TYR A 344 -22.67 -48.30 -13.41
C TYR A 344 -23.80 -47.41 -12.91
N GLN A 345 -24.66 -47.00 -13.83
CA GLN A 345 -25.82 -46.20 -13.48
C GLN A 345 -27.11 -46.97 -13.71
N GLU A 346 -27.11 -47.85 -14.73
CA GLU A 346 -28.29 -48.69 -15.08
C GLU A 346 -27.95 -50.13 -14.71
N PRO A 347 -28.92 -51.05 -14.53
CA PRO A 347 -28.62 -52.35 -13.96
C PRO A 347 -27.76 -53.34 -14.72
N PHE A 348 -27.44 -53.14 -16.01
CA PHE A 348 -26.33 -53.95 -16.52
C PHE A 348 -25.43 -53.18 -17.48
N LYS A 349 -25.50 -51.85 -17.46
CA LYS A 349 -24.78 -51.07 -18.45
C LYS A 349 -23.67 -50.28 -17.72
N ASN A 350 -22.50 -50.97 -17.63
CA ASN A 350 -21.34 -50.51 -16.88
C ASN A 350 -20.76 -49.23 -17.47
N LEU A 351 -20.32 -48.30 -16.60
CA LEU A 351 -19.55 -47.13 -17.00
C LEU A 351 -18.08 -47.54 -17.12
N LYS A 352 -17.65 -48.38 -16.19
CA LYS A 352 -16.33 -48.94 -16.23
C LYS A 352 -16.23 -49.99 -15.14
N THR A 353 -15.16 -50.77 -15.19
CA THR A 353 -14.85 -51.72 -14.15
C THR A 353 -13.43 -51.50 -13.64
N GLY A 354 -13.01 -52.36 -12.71
CA GLY A 354 -11.61 -52.43 -12.36
C GLY A 354 -11.35 -53.44 -11.25
N LYS A 355 -10.05 -53.61 -10.99
CA LYS A 355 -9.55 -54.51 -9.97
C LYS A 355 -8.80 -53.68 -8.94
N TYR A 356 -8.74 -54.20 -7.71
CA TYR A 356 -7.87 -53.70 -6.65
C TYR A 356 -7.20 -54.92 -6.04
N ALA A 357 -5.88 -54.84 -5.81
CA ALA A 357 -5.15 -56.00 -5.29
C ALA A 357 -4.49 -55.62 -3.97
N ARG A 358 -4.25 -56.64 -3.13
CA ARG A 358 -3.84 -56.43 -1.75
C ARG A 358 -2.52 -55.64 -1.72
N MET A 359 -2.58 -54.41 -1.15
CA MET A 359 -1.42 -53.55 -1.06
C MET A 359 -0.32 -54.26 -0.26
N ARG A 360 0.94 -53.94 -0.56
CA ARG A 360 2.08 -54.59 0.16
C ARG A 360 1.87 -54.50 1.67
N GLY A 361 2.15 -55.58 2.39
CA GLY A 361 1.95 -55.60 3.86
C GLY A 361 1.61 -56.99 4.36
N ALA A 362 2.09 -57.33 5.57
CA ALA A 362 1.84 -58.67 6.13
C ALA A 362 0.66 -58.61 7.10
N HIS A 363 0.07 -59.78 7.41
CA HIS A 363 -1.06 -59.84 8.37
C HIS A 363 -2.18 -58.90 7.88
N THR A 364 -2.81 -59.24 6.75
CA THR A 364 -3.94 -58.42 6.24
C THR A 364 -5.26 -59.06 6.67
N ASN A 365 -6.39 -58.51 6.23
CA ASN A 365 -7.68 -58.98 6.70
C ASN A 365 -8.76 -58.39 5.79
N ASP A 366 -9.79 -59.20 5.51
CA ASP A 366 -10.70 -58.97 4.39
C ASP A 366 -11.54 -57.70 4.57
N VAL A 367 -12.05 -57.47 5.78
CA VAL A 367 -12.79 -56.25 6.07
C VAL A 367 -11.88 -55.02 5.86
N LYS A 368 -10.64 -55.09 6.35
CA LYS A 368 -9.69 -53.98 6.24
C LYS A 368 -9.49 -53.73 4.74
N GLN A 369 -9.25 -54.81 3.98
CA GLN A 369 -9.11 -54.66 2.54
C GLN A 369 -10.38 -54.09 1.90
N LEU A 370 -11.54 -54.55 2.33
CA LEU A 370 -12.74 -54.04 1.69
C LEU A 370 -12.79 -52.52 1.85
N THR A 371 -12.53 -52.08 3.08
CA THR A 371 -12.56 -50.67 3.43
C THR A 371 -11.59 -49.93 2.54
N GLU A 372 -10.39 -50.51 2.39
CA GLU A 372 -9.38 -49.95 1.51
C GLU A 372 -9.92 -49.83 0.08
N ALA A 373 -10.58 -50.88 -0.46
CA ALA A 373 -11.02 -50.84 -1.85
C ALA A 373 -12.08 -49.75 -2.06
N VAL A 374 -12.98 -49.61 -1.07
CA VAL A 374 -13.97 -48.53 -1.13
C VAL A 374 -13.26 -47.18 -1.26
N GLN A 375 -12.10 -47.13 -0.64
CA GLN A 375 -11.29 -45.93 -0.63
C GLN A 375 -10.79 -45.66 -2.04
N LYS A 376 -10.26 -46.65 -2.74
CA LYS A 376 -9.69 -46.33 -4.07
C LYS A 376 -10.83 -45.99 -5.02
N ILE A 377 -11.99 -46.60 -4.83
CA ILE A 377 -13.08 -46.37 -5.77
C ILE A 377 -13.64 -44.97 -5.50
N THR A 378 -13.77 -44.62 -4.23
CA THR A 378 -14.30 -43.30 -3.89
C THR A 378 -13.45 -42.22 -4.57
N THR A 379 -12.12 -42.39 -4.55
CA THR A 379 -11.24 -41.33 -4.98
C THR A 379 -11.34 -41.24 -6.50
N GLU A 380 -11.22 -42.43 -7.11
CA GLU A 380 -11.39 -42.60 -8.55
C GLU A 380 -12.66 -41.89 -9.00
N SER A 381 -13.73 -42.02 -8.22
CA SER A 381 -15.01 -41.49 -8.65
C SER A 381 -14.95 -39.97 -8.73
N ILE A 382 -14.25 -39.38 -7.78
CA ILE A 382 -14.23 -37.93 -7.67
C ILE A 382 -13.48 -37.35 -8.86
N VAL A 383 -12.58 -38.14 -9.44
CA VAL A 383 -11.70 -37.62 -10.47
C VAL A 383 -12.45 -37.59 -11.79
N ILE A 384 -13.19 -38.67 -12.00
CA ILE A 384 -13.82 -38.95 -13.28
C ILE A 384 -15.17 -38.24 -13.37
N TRP A 385 -15.92 -38.32 -12.24
CA TRP A 385 -17.29 -37.84 -12.22
C TRP A 385 -17.43 -36.64 -11.30
N GLY A 386 -16.59 -36.53 -10.29
CA GLY A 386 -16.69 -35.37 -9.38
C GLY A 386 -17.71 -35.56 -8.26
N LYS A 387 -18.12 -36.81 -8.05
CA LYS A 387 -18.90 -37.18 -6.89
C LYS A 387 -18.57 -38.60 -6.52
N THR A 388 -19.06 -39.04 -5.36
CA THR A 388 -18.75 -40.39 -4.94
C THR A 388 -19.94 -41.28 -5.28
N PRO A 389 -19.69 -42.57 -5.49
CA PRO A 389 -20.78 -43.52 -5.70
C PRO A 389 -21.51 -44.02 -4.47
N LYS A 390 -22.74 -44.52 -4.69
CA LYS A 390 -23.39 -45.42 -3.75
C LYS A 390 -22.77 -46.80 -3.89
N PHE A 391 -22.50 -47.47 -2.79
CA PHE A 391 -21.79 -48.74 -2.85
C PHE A 391 -22.78 -49.88 -2.68
N LYS A 392 -22.40 -51.05 -3.23
CA LYS A 392 -23.07 -52.31 -3.00
C LYS A 392 -22.01 -53.33 -2.61
N LEU A 393 -21.99 -53.70 -1.33
CA LEU A 393 -20.84 -54.43 -0.79
C LEU A 393 -21.33 -55.75 -0.21
N PRO A 394 -20.56 -56.85 -0.33
CA PRO A 394 -20.92 -58.12 0.26
C PRO A 394 -20.38 -58.30 1.67
N ILE A 395 -20.93 -57.49 2.57
CA ILE A 395 -20.65 -57.60 3.99
C ILE A 395 -21.89 -57.12 4.74
N GLN A 396 -22.42 -57.92 5.65
CA GLN A 396 -23.58 -57.54 6.45
C GLN A 396 -23.28 -56.26 7.23
N LYS A 397 -24.28 -55.48 7.61
CA LYS A 397 -23.99 -54.34 8.47
C LYS A 397 -23.73 -54.81 9.89
N GLU A 398 -24.06 -56.05 10.22
CA GLU A 398 -23.68 -56.59 11.53
C GLU A 398 -22.15 -56.66 11.54
N THR A 399 -21.58 -57.30 10.50
CA THR A 399 -20.15 -57.52 10.41
C THR A 399 -19.37 -56.20 10.38
N TRP A 400 -19.87 -55.22 9.66
CA TRP A 400 -19.13 -53.94 9.54
C TRP A 400 -19.25 -53.18 10.85
N GLU A 401 -20.46 -53.02 11.35
CA GLU A 401 -20.61 -52.22 12.55
C GLU A 401 -19.82 -52.82 13.70
N THR A 402 -19.69 -54.15 13.74
CA THR A 402 -18.86 -54.72 14.77
C THR A 402 -17.41 -54.28 14.57
N TRP A 403 -16.95 -54.35 13.32
CA TRP A 403 -15.55 -54.15 13.06
C TRP A 403 -15.18 -52.72 13.42
N TRP A 404 -15.89 -51.78 12.82
CA TRP A 404 -15.54 -50.35 13.01
C TRP A 404 -15.66 -49.93 14.46
N THR A 405 -16.50 -50.60 15.24
CA THR A 405 -16.70 -50.06 16.58
C THR A 405 -15.51 -50.42 17.44
N GLU A 406 -14.86 -51.54 17.12
CA GLU A 406 -13.74 -52.02 17.90
C GLU A 406 -12.42 -51.59 17.25
N TYR A 407 -12.47 -51.06 16.02
CA TYR A 407 -11.24 -50.82 15.31
C TYR A 407 -10.56 -49.55 15.81
N TRP A 408 -9.24 -49.65 15.99
CA TRP A 408 -8.47 -48.60 16.62
C TRP A 408 -8.41 -47.34 15.76
N GLN A 409 -8.42 -47.46 14.44
CA GLN A 409 -8.41 -46.25 13.66
C GLN A 409 -9.83 -45.74 13.51
N ALA A 410 -9.96 -44.51 13.04
CA ALA A 410 -11.18 -44.04 12.44
C ALA A 410 -11.26 -44.65 11.05
N THR A 411 -12.45 -45.06 10.64
CA THR A 411 -12.68 -45.60 9.28
C THR A 411 -14.05 -45.06 8.85
N TRP A 412 -14.29 -44.92 7.55
CA TRP A 412 -15.65 -44.51 7.12
C TRP A 412 -16.02 -45.06 5.75
N ILE A 413 -17.26 -45.53 5.59
CA ILE A 413 -17.75 -46.01 4.27
C ILE A 413 -19.08 -45.29 4.02
N PRO A 414 -19.27 -44.64 2.86
CA PRO A 414 -20.49 -43.86 2.61
C PRO A 414 -21.72 -44.75 2.40
N GLU A 415 -22.83 -44.16 1.95
CA GLU A 415 -24.08 -44.92 1.75
C GLU A 415 -23.75 -46.24 1.06
N TRP A 416 -24.14 -47.36 1.67
CA TRP A 416 -23.87 -48.69 1.09
C TRP A 416 -24.98 -49.67 1.43
N GLU A 417 -25.13 -50.72 0.61
CA GLU A 417 -26.15 -51.71 0.86
C GLU A 417 -25.59 -53.09 0.61
N PHE A 418 -25.93 -53.99 1.56
CA PHE A 418 -25.63 -55.40 1.48
C PHE A 418 -26.09 -55.97 0.15
N VAL A 419 -25.31 -56.92 -0.36
CA VAL A 419 -25.53 -57.60 -1.61
C VAL A 419 -25.22 -59.05 -1.27
N ASN A 420 -26.23 -59.89 -1.08
CA ASN A 420 -25.98 -61.26 -0.68
C ASN A 420 -25.40 -62.06 -1.83
N THR A 421 -24.13 -61.82 -2.20
CA THR A 421 -23.48 -62.62 -3.22
C THR A 421 -22.17 -63.17 -2.68
N PRO A 422 -22.11 -64.49 -2.37
CA PRO A 422 -20.87 -65.09 -1.87
C PRO A 422 -19.75 -64.90 -2.89
N PRO A 423 -18.47 -64.77 -2.47
CA PRO A 423 -18.09 -64.89 -1.06
C PRO A 423 -18.35 -63.61 -0.29
N LEU A 424 -18.93 -63.77 0.90
CA LEU A 424 -19.22 -62.66 1.81
C LEU A 424 -18.03 -62.37 2.71
N VAL A 425 -17.78 -61.08 2.94
CA VAL A 425 -16.69 -60.63 3.78
C VAL A 425 -17.09 -60.85 5.23
N LYS A 426 -16.32 -61.67 5.93
CA LYS A 426 -16.59 -61.93 7.34
C LYS A 426 -15.31 -61.88 8.17
N LEU A 427 -15.55 -61.77 9.49
CA LEU A 427 -14.54 -61.91 10.53
C LEU A 427 -14.44 -63.38 10.90
N TRP A 428 -13.29 -64.01 10.60
CA TRP A 428 -13.08 -65.43 10.83
C TRP A 428 -12.91 -65.80 12.31
N TYR A 429 -12.63 -64.84 13.19
CA TYR A 429 -12.67 -65.10 14.62
C TYR A 429 -12.77 -63.83 15.47
N GLN A 430 -12.96 -64.00 16.78
CA GLN A 430 -13.09 -62.88 17.70
C GLN A 430 -12.59 -63.27 19.10
N LEU A 431 -11.52 -62.61 19.57
CA LEU A 431 -10.94 -62.88 20.88
C LEU A 431 -11.85 -62.36 22.01
N GLU A 432 -11.77 -62.94 23.21
CA GLU A 432 -12.67 -62.57 24.30
C GLU A 432 -12.11 -61.32 24.95
N LYS A 433 -12.99 -60.52 25.55
CA LYS A 433 -12.59 -59.22 26.11
C LYS A 433 -12.15 -59.38 27.56
N GLU A 434 -12.40 -60.58 28.09
CA GLU A 434 -12.31 -60.77 29.52
C GLU A 434 -11.86 -62.21 29.75
N PRO A 435 -11.01 -62.39 30.77
CA PRO A 435 -10.50 -63.71 31.13
C PRO A 435 -11.62 -64.75 31.24
N ILE A 436 -11.33 -65.97 30.78
CA ILE A 436 -12.37 -67.05 30.78
C ILE A 436 -12.20 -67.88 32.06
N VAL A 437 -13.31 -68.10 32.78
CA VAL A 437 -13.27 -68.94 34.02
C VAL A 437 -13.22 -70.41 33.60
N GLY A 438 -12.53 -71.24 34.38
CA GLY A 438 -12.45 -72.68 34.07
C GLY A 438 -11.77 -72.91 32.73
N ALA A 439 -10.75 -72.12 32.41
CA ALA A 439 -9.99 -72.33 31.16
C ALA A 439 -8.50 -72.34 31.50
N GLU A 440 -7.78 -73.40 31.11
CA GLU A 440 -6.35 -73.50 31.46
C GLU A 440 -5.67 -72.19 31.09
N THR A 441 -4.82 -71.68 31.99
CA THR A 441 -4.17 -70.41 31.74
C THR A 441 -2.75 -70.69 31.29
N PHE A 442 -2.50 -70.65 29.97
CA PHE A 442 -1.17 -70.89 29.42
C PHE A 442 -0.29 -69.66 29.49
N TYR A 443 0.84 -69.79 30.21
CA TYR A 443 1.90 -68.79 30.25
C TYR A 443 2.99 -69.13 29.21
N VAL A 444 3.05 -68.41 28.08
CA VAL A 444 3.99 -68.77 27.05
C VAL A 444 5.18 -67.81 27.02
N ASP A 445 6.29 -68.30 26.46
CA ASP A 445 7.40 -67.45 26.08
C ASP A 445 8.19 -68.22 25.04
N GLY A 446 9.07 -67.48 24.36
CA GLY A 446 10.05 -68.02 23.45
C GLY A 446 11.30 -67.14 23.52
N ALA A 447 12.38 -67.64 22.93
CA ALA A 447 13.65 -66.91 22.95
C ALA A 447 14.59 -67.55 21.93
N ALA A 448 15.55 -66.78 21.42
CA ALA A 448 16.44 -67.28 20.40
C ALA A 448 17.81 -66.59 20.52
N ASN A 449 18.85 -67.24 19.97
CA ASN A 449 20.22 -66.75 20.06
C ASN A 449 20.65 -66.11 18.74
N ARG A 450 20.98 -64.81 18.79
CA ARG A 450 21.16 -63.98 17.59
C ARG A 450 22.40 -64.38 16.80
N GLU A 451 23.32 -65.13 17.41
CA GLU A 451 24.45 -65.69 16.69
C GLU A 451 24.00 -67.01 16.05
N THR A 452 23.54 -67.94 16.89
CA THR A 452 23.37 -69.34 16.50
C THR A 452 22.13 -69.55 15.63
N LYS A 453 21.28 -68.52 15.49
CA LYS A 453 19.98 -68.58 14.83
C LYS A 453 19.17 -69.79 15.36
N LEU A 454 19.26 -70.01 16.68
CA LEU A 454 18.61 -71.11 17.37
C LEU A 454 17.89 -70.58 18.61
N GLY A 455 16.96 -71.38 19.13
CA GLY A 455 16.26 -71.04 20.35
C GLY A 455 15.23 -72.09 20.73
N LYS A 456 14.28 -71.69 21.59
CA LYS A 456 13.32 -72.60 22.20
C LYS A 456 11.96 -71.93 22.26
N ALA A 457 10.89 -72.73 22.14
CA ALA A 457 9.52 -72.26 22.40
C ALA A 457 8.95 -73.06 23.57
N GLY A 458 7.95 -72.53 24.27
CA GLY A 458 7.39 -73.27 25.39
C GLY A 458 6.22 -72.59 26.10
N TYR A 459 5.64 -73.33 27.06
CA TYR A 459 4.59 -72.85 27.93
C TYR A 459 4.65 -73.55 29.28
N VAL A 460 3.89 -73.00 30.22
CA VAL A 460 3.70 -73.50 31.57
C VAL A 460 2.29 -73.11 32.03
N THR A 461 1.54 -74.06 32.57
CA THR A 461 0.12 -73.84 32.80
C THR A 461 -0.14 -73.84 34.29
N ASN A 462 -1.39 -73.57 34.67
CA ASN A 462 -1.78 -73.44 36.08
C ASN A 462 -2.01 -74.82 36.68
N LYS A 463 -2.53 -75.73 35.86
CA LYS A 463 -2.68 -77.15 36.20
C LYS A 463 -1.33 -77.86 36.06
N GLY A 464 -0.22 -77.12 35.93
CA GLY A 464 1.10 -77.72 36.04
C GLY A 464 1.70 -78.20 34.71
N ARG A 465 0.86 -78.35 33.67
CA ARG A 465 1.32 -78.71 32.33
C ARG A 465 2.49 -77.84 31.86
N GLN A 466 3.43 -78.45 31.14
CA GLN A 466 4.57 -77.72 30.59
C GLN A 466 5.05 -78.40 29.33
N LYS A 467 5.77 -77.63 28.53
CA LYS A 467 6.33 -78.13 27.30
C LYS A 467 7.39 -77.14 26.85
N VAL A 468 8.35 -77.68 26.10
CA VAL A 468 9.39 -76.94 25.42
C VAL A 468 9.71 -77.76 24.18
N VAL A 469 9.89 -77.08 23.06
CA VAL A 469 10.41 -77.72 21.88
C VAL A 469 11.59 -76.88 21.44
N PRO A 470 12.63 -77.51 20.84
CA PRO A 470 13.77 -76.76 20.31
C PRO A 470 13.49 -76.31 18.88
N LEU A 471 14.13 -75.21 18.47
CA LEU A 471 13.86 -74.65 17.13
C LEU A 471 15.18 -74.25 16.45
N THR A 472 15.20 -74.24 15.12
CA THR A 472 16.43 -73.89 14.36
C THR A 472 16.11 -72.79 13.35
N ASN A 473 17.08 -71.95 13.03
CA ASN A 473 16.86 -70.85 12.06
C ASN A 473 15.61 -70.07 12.48
N THR A 474 15.63 -69.47 13.68
CA THR A 474 14.45 -68.73 14.18
C THR A 474 14.87 -67.37 14.74
N THR A 475 13.98 -66.38 14.66
CA THR A 475 14.26 -65.05 15.26
C THR A 475 13.48 -64.96 16.58
N ASN A 476 13.83 -64.03 17.46
CA ASN A 476 13.15 -64.00 18.74
C ASN A 476 11.65 -63.87 18.53
N GLN A 477 11.24 -63.05 17.57
CA GLN A 477 9.82 -62.87 17.35
C GLN A 477 9.21 -64.20 16.98
N LYS A 478 9.78 -64.85 15.98
CA LYS A 478 9.24 -66.10 15.49
C LYS A 478 9.04 -67.09 16.64
N THR A 479 9.84 -66.99 17.72
CA THR A 479 9.68 -67.91 18.84
C THR A 479 8.54 -67.42 19.73
N GLU A 480 8.46 -66.08 19.96
CA GLU A 480 7.42 -65.48 20.78
C GLU A 480 6.05 -65.93 20.26
N LEU A 481 5.99 -66.13 18.96
CA LEU A 481 4.78 -66.36 18.22
C LEU A 481 4.53 -67.86 18.14
N GLN A 482 5.62 -68.62 18.07
CA GLN A 482 5.58 -70.06 18.06
C GLN A 482 5.01 -70.59 19.39
N ALA A 483 5.44 -69.96 20.47
CA ALA A 483 4.94 -70.32 21.80
C ALA A 483 3.42 -70.25 21.81
N ILE A 484 2.88 -69.18 21.22
CA ILE A 484 1.44 -68.99 21.19
C ILE A 484 0.85 -70.19 20.47
N TYR A 485 1.51 -70.56 19.38
CA TYR A 485 1.02 -71.67 18.58
C TYR A 485 0.95 -72.93 19.41
N LEU A 486 1.99 -73.23 20.21
CA LEU A 486 1.98 -74.42 21.06
C LEU A 486 0.78 -74.37 21.99
N ALA A 487 0.73 -73.31 22.80
CA ALA A 487 -0.36 -73.18 23.76
C ALA A 487 -1.71 -73.40 23.09
N LEU A 488 -1.84 -73.00 21.83
CA LEU A 488 -3.08 -73.26 21.14
C LEU A 488 -3.19 -74.76 20.87
N GLN A 489 -2.17 -75.37 20.26
CA GLN A 489 -2.24 -76.77 19.82
C GLN A 489 -2.53 -77.73 20.98
N ASP A 490 -2.02 -77.42 22.18
CA ASP A 490 -2.12 -78.32 23.33
C ASP A 490 -3.23 -77.84 24.26
N SER A 491 -4.27 -77.21 23.71
CA SER A 491 -5.30 -76.50 24.46
C SER A 491 -6.63 -77.18 24.24
N GLY A 492 -7.62 -76.73 25.02
CA GLY A 492 -9.01 -77.09 24.78
C GLY A 492 -9.67 -76.13 23.81
N LEU A 493 -11.01 -76.07 23.89
CA LEU A 493 -11.80 -75.15 23.10
C LEU A 493 -11.78 -73.78 23.75
N GLU A 494 -11.36 -73.73 25.03
CA GLU A 494 -11.39 -72.50 25.79
C GLU A 494 -10.04 -72.30 26.46
N VAL A 495 -9.24 -71.34 25.99
CA VAL A 495 -7.95 -71.14 26.59
C VAL A 495 -7.71 -69.68 26.94
N ASN A 496 -6.93 -69.47 28.00
CA ASN A 496 -6.35 -68.18 28.36
C ASN A 496 -4.85 -68.21 28.11
N ILE A 497 -4.32 -67.23 27.38
CA ILE A 497 -2.92 -67.22 27.01
C ILE A 497 -2.31 -65.92 27.51
N VAL A 498 -1.07 -65.99 27.99
CA VAL A 498 -0.40 -64.86 28.59
C VAL A 498 1.02 -64.78 28.05
N THR A 499 1.27 -63.71 27.25
CA THR A 499 2.57 -63.46 26.64
C THR A 499 3.14 -62.15 27.17
N ASP A 500 4.44 -61.94 26.93
CA ASP A 500 5.08 -60.65 27.18
C ASP A 500 5.42 -59.97 25.84
N SER A 501 5.12 -60.63 24.72
CA SER A 501 5.48 -60.17 23.40
C SER A 501 4.52 -59.12 22.88
N GLN A 502 4.93 -57.85 22.90
CA GLN A 502 4.15 -56.83 22.25
C GLN A 502 3.97 -57.23 20.80
N TYR A 503 5.02 -57.76 20.18
CA TYR A 503 4.98 -58.12 18.76
C TYR A 503 3.86 -59.12 18.48
N ALA A 504 3.91 -60.24 19.17
CA ALA A 504 2.96 -61.30 18.92
C ALA A 504 1.55 -60.82 19.24
N LEU A 505 1.41 -60.17 20.39
CA LEU A 505 0.12 -59.61 20.77
C LEU A 505 -0.48 -58.81 19.61
N GLY A 506 0.33 -57.90 19.06
CA GLY A 506 -0.16 -56.99 18.05
C GLY A 506 -0.72 -57.76 16.85
N ILE A 507 0.09 -58.70 16.37
CA ILE A 507 -0.29 -59.43 15.18
C ILE A 507 -1.68 -59.98 15.41
N ILE A 508 -1.85 -60.76 16.50
CA ILE A 508 -3.09 -61.49 16.72
C ILE A 508 -4.24 -60.51 17.00
N GLN A 509 -4.00 -59.47 17.81
CA GLN A 509 -5.08 -58.59 18.16
C GLN A 509 -5.69 -57.94 16.93
N ALA A 510 -4.87 -57.71 15.89
CA ALA A 510 -5.33 -57.12 14.63
C ALA A 510 -6.11 -58.12 13.77
N GLN A 511 -6.34 -59.34 14.29
CA GLN A 511 -7.27 -60.29 13.69
C GLN A 511 -6.96 -60.47 12.23
N PRO A 512 -5.72 -60.86 11.88
CA PRO A 512 -5.36 -61.08 10.49
C PRO A 512 -6.18 -62.25 9.99
N ASP A 513 -6.52 -62.22 8.70
CA ASP A 513 -7.38 -63.21 8.07
C ASP A 513 -6.49 -64.10 7.22
N LYS A 514 -5.24 -63.68 7.05
CA LYS A 514 -4.25 -64.44 6.31
C LYS A 514 -2.92 -63.71 6.47
N SER A 515 -1.84 -64.40 6.10
CA SER A 515 -0.48 -63.80 6.15
C SER A 515 0.44 -64.67 5.30
N GLU A 516 1.59 -64.14 4.88
CA GLU A 516 2.57 -64.96 4.14
C GLU A 516 3.34 -65.81 5.14
N SER A 517 3.33 -65.39 6.41
CA SER A 517 4.05 -66.15 7.46
C SER A 517 3.24 -67.40 7.80
N GLU A 518 3.60 -68.53 7.18
CA GLU A 518 2.88 -69.80 7.44
C GLU A 518 2.60 -69.90 8.94
N LEU A 519 3.55 -69.49 9.78
CA LEU A 519 3.34 -69.68 11.21
C LEU A 519 2.05 -68.97 11.67
N VAL A 520 1.83 -67.76 11.11
CA VAL A 520 0.67 -66.96 11.47
C VAL A 520 -0.57 -67.73 11.00
N ASN A 521 -0.51 -68.28 9.79
CA ASN A 521 -1.65 -68.99 9.24
C ASN A 521 -2.01 -70.18 10.13
N GLN A 522 -1.01 -70.88 10.66
CA GLN A 522 -1.29 -71.96 11.59
C GLN A 522 -1.99 -71.39 12.81
N ILE A 523 -1.49 -70.27 13.35
CA ILE A 523 -2.12 -69.66 14.52
C ILE A 523 -3.56 -69.32 14.19
N ILE A 524 -3.75 -68.71 13.02
CA ILE A 524 -5.08 -68.32 12.59
C ILE A 524 -5.99 -69.53 12.46
N GLU A 525 -5.50 -70.60 11.82
CA GLU A 525 -6.35 -71.76 11.58
C GLU A 525 -6.66 -72.46 12.90
N GLN A 526 -5.78 -72.28 13.90
CA GLN A 526 -6.03 -72.79 15.23
C GLN A 526 -7.08 -71.93 15.91
N LEU A 527 -6.95 -70.59 15.80
CA LEU A 527 -7.82 -69.65 16.47
C LEU A 527 -9.27 -69.76 16.01
N ILE A 528 -9.46 -70.22 14.77
CA ILE A 528 -10.80 -70.50 14.26
C ILE A 528 -11.37 -71.70 15.02
N LYS A 529 -10.63 -72.81 15.05
CA LYS A 529 -11.18 -74.05 15.59
C LYS A 529 -11.53 -73.83 17.07
N LYS A 530 -10.88 -72.87 17.74
CA LYS A 530 -11.14 -72.68 19.15
C LYS A 530 -12.55 -72.12 19.35
N GLU A 531 -13.09 -72.31 20.54
CA GLU A 531 -14.40 -71.79 20.88
C GLU A 531 -14.24 -70.40 21.47
N LYS A 532 -13.27 -70.26 22.39
CA LYS A 532 -12.98 -68.99 23.04
C LYS A 532 -11.48 -68.89 23.32
N VAL A 533 -10.91 -67.69 23.11
CA VAL A 533 -9.51 -67.42 23.40
C VAL A 533 -9.48 -66.06 24.05
N TYR A 534 -8.73 -65.93 25.14
CA TYR A 534 -8.40 -64.63 25.67
C TYR A 534 -6.89 -64.55 25.72
N LEU A 535 -6.33 -63.47 25.17
CA LEU A 535 -4.86 -63.30 25.17
C LEU A 535 -4.54 -62.11 26.06
N ALA A 536 -3.42 -62.16 26.79
CA ALA A 536 -3.15 -61.08 27.72
C ALA A 536 -1.66 -60.91 27.86
N TRP A 537 -1.31 -59.68 28.20
CA TRP A 537 0.04 -59.19 28.02
C TRP A 537 0.60 -58.81 29.39
N VAL A 538 1.85 -59.14 29.63
CA VAL A 538 2.49 -58.67 30.85
C VAL A 538 3.89 -58.23 30.50
N PRO A 539 4.45 -57.28 31.28
CA PRO A 539 5.78 -56.77 31.00
C PRO A 539 6.76 -57.89 31.29
N ALA A 540 7.94 -57.79 30.71
CA ALA A 540 8.94 -58.82 30.83
C ALA A 540 9.89 -58.52 31.98
N HIS A 541 10.50 -59.58 32.52
CA HIS A 541 11.56 -59.48 33.51
C HIS A 541 11.18 -58.51 34.63
N LYS A 542 9.91 -58.57 35.06
CA LYS A 542 9.42 -57.62 36.09
C LYS A 542 8.98 -58.40 37.33
N GLY A 543 9.25 -59.70 37.37
CA GLY A 543 8.92 -60.51 38.55
C GLY A 543 7.49 -61.02 38.50
N ILE A 544 6.90 -61.10 37.31
CA ILE A 544 5.51 -61.62 37.16
C ILE A 544 5.57 -63.15 37.21
N GLY A 545 4.57 -63.81 37.76
CA GLY A 545 4.68 -65.25 38.03
C GLY A 545 4.97 -66.24 36.91
N GLY A 546 4.02 -66.52 36.04
CA GLY A 546 4.12 -67.66 35.12
C GLY A 546 5.27 -67.19 34.27
N ASN A 547 5.25 -65.92 33.87
CA ASN A 547 6.31 -65.38 32.98
C ASN A 547 7.66 -65.80 33.53
N GLU A 548 7.98 -65.42 34.77
CA GLU A 548 9.35 -65.69 35.27
C GLU A 548 9.66 -67.18 35.08
N GLN A 549 8.69 -68.03 35.39
CA GLN A 549 8.91 -69.49 35.27
C GLN A 549 9.16 -69.83 33.80
N VAL A 550 8.31 -69.32 32.91
CA VAL A 550 8.41 -69.70 31.48
C VAL A 550 9.70 -69.12 30.90
N ASP A 551 10.14 -67.96 31.39
CA ASP A 551 11.34 -67.36 30.81
C ASP A 551 12.57 -68.21 31.15
N LYS A 552 12.63 -68.74 32.38
CA LYS A 552 13.71 -69.63 32.81
C LYS A 552 13.72 -70.87 31.90
N LEU A 553 12.54 -71.50 31.72
CA LEU A 553 12.35 -72.70 30.92
C LEU A 553 13.09 -72.59 29.57
N VAL A 554 12.95 -71.43 28.89
CA VAL A 554 13.46 -71.33 27.48
C VAL A 554 14.28 -70.06 27.13
N SER A 555 15.27 -69.73 27.97
CA SER A 555 16.17 -68.59 27.67
C SER A 555 17.59 -69.08 27.94
N ALA A 556 17.83 -69.60 29.12
CA ALA A 556 19.17 -70.13 29.48
C ALA A 556 19.81 -70.79 28.25
N ILE B 5 -0.41 2.00 -1.71
CA ILE B 5 0.30 1.78 -0.42
C ILE B 5 1.62 1.06 -0.71
N GLU B 6 2.62 1.26 0.14
CA GLU B 6 3.94 0.60 -0.05
C GLU B 6 3.81 -0.88 0.29
N THR B 7 4.70 -1.72 -0.26
CA THR B 7 4.65 -3.17 0.00
C THR B 7 5.83 -3.56 0.87
N VAL B 8 5.59 -4.23 2.00
CA VAL B 8 6.72 -4.72 2.84
C VAL B 8 7.44 -5.82 2.04
N PRO B 9 8.74 -5.66 1.71
CA PRO B 9 9.45 -6.63 0.92
C PRO B 9 9.42 -7.98 1.65
N VAL B 10 9.30 -9.09 0.92
CA VAL B 10 9.27 -10.44 1.54
C VAL B 10 10.26 -11.35 0.80
N LYS B 11 11.15 -12.00 1.53
CA LYS B 11 12.11 -12.90 0.93
C LYS B 11 11.94 -14.26 1.60
N LEU B 12 11.86 -15.31 0.77
CA LEU B 12 11.85 -16.67 1.32
C LEU B 12 13.15 -16.87 2.10
N LYS B 13 13.15 -17.85 3.01
CA LYS B 13 14.38 -18.33 3.60
C LYS B 13 15.32 -18.69 2.44
N PRO B 14 16.65 -18.45 2.54
CA PRO B 14 17.56 -18.67 1.41
C PRO B 14 17.93 -20.14 1.18
N GLY B 15 18.20 -20.47 -0.09
CA GLY B 15 18.40 -21.85 -0.51
C GLY B 15 17.11 -22.67 -0.49
N MET B 16 15.98 -21.99 -0.75
CA MET B 16 14.63 -22.53 -0.68
C MET B 16 13.85 -22.09 -1.92
N ASP B 17 13.13 -23.00 -2.60
CA ASP B 17 12.24 -22.54 -3.66
C ASP B 17 10.78 -22.59 -3.20
N GLY B 18 9.97 -21.75 -3.87
CA GLY B 18 8.54 -21.63 -3.63
C GLY B 18 7.81 -22.96 -3.69
N PRO B 19 6.59 -22.99 -3.11
CA PRO B 19 5.87 -24.25 -2.94
C PRO B 19 5.45 -24.85 -4.27
N LYS B 20 5.57 -26.18 -4.36
CA LYS B 20 5.14 -26.90 -5.54
C LYS B 20 4.38 -28.12 -5.06
N VAL B 21 3.06 -27.94 -4.89
CA VAL B 21 2.27 -28.95 -4.22
C VAL B 21 1.10 -29.40 -5.09
N LYS B 22 0.91 -30.73 -5.13
CA LYS B 22 -0.18 -31.33 -5.85
C LYS B 22 -1.49 -30.91 -5.18
N GLN B 23 -2.38 -30.36 -6.00
CA GLN B 23 -3.78 -30.08 -5.70
C GLN B 23 -4.59 -31.37 -5.60
N TRP B 24 -5.07 -31.68 -4.41
CA TRP B 24 -5.97 -32.87 -4.31
C TRP B 24 -7.19 -32.58 -5.18
N PRO B 25 -7.77 -33.59 -5.87
CA PRO B 25 -8.98 -33.37 -6.67
C PRO B 25 -10.21 -33.10 -5.80
N LEU B 26 -11.15 -32.35 -6.36
CA LEU B 26 -12.33 -31.89 -5.66
C LEU B 26 -13.61 -32.44 -6.29
N THR B 27 -14.68 -32.43 -5.51
CA THR B 27 -16.01 -32.68 -6.02
C THR B 27 -16.50 -31.46 -6.78
N GLU B 28 -17.44 -31.70 -7.71
CA GLU B 28 -17.90 -30.68 -8.64
C GLU B 28 -18.67 -29.61 -7.87
N GLU B 29 -19.19 -29.88 -6.67
CA GLU B 29 -19.89 -28.81 -5.96
C GLU B 29 -18.85 -27.83 -5.44
N LYS B 30 -17.70 -28.33 -4.98
CA LYS B 30 -16.68 -27.45 -4.43
C LYS B 30 -16.05 -26.64 -5.57
N ILE B 31 -15.89 -27.26 -6.74
CA ILE B 31 -15.25 -26.57 -7.83
C ILE B 31 -16.09 -25.38 -8.27
N LYS B 32 -17.37 -25.64 -8.50
CA LYS B 32 -18.31 -24.58 -8.84
C LYS B 32 -18.20 -23.47 -7.81
N ALA B 33 -18.15 -23.85 -6.53
CA ALA B 33 -18.11 -22.86 -5.45
C ALA B 33 -16.86 -22.01 -5.62
N LEU B 34 -15.74 -22.69 -5.84
CA LEU B 34 -14.46 -22.03 -5.99
C LEU B 34 -14.39 -21.11 -7.23
N VAL B 35 -15.06 -21.46 -8.35
CA VAL B 35 -14.93 -20.58 -9.51
C VAL B 35 -15.79 -19.36 -9.28
N GLU B 36 -16.89 -19.55 -8.54
CA GLU B 36 -17.73 -18.44 -8.12
C GLU B 36 -16.94 -17.46 -7.26
N ILE B 37 -16.30 -17.99 -6.20
CA ILE B 37 -15.56 -17.17 -5.26
C ILE B 37 -14.45 -16.44 -6.02
N CYS B 38 -13.65 -17.20 -6.77
CA CYS B 38 -12.44 -16.60 -7.31
C CYS B 38 -12.77 -15.60 -8.42
N THR B 39 -13.96 -15.74 -9.04
CA THR B 39 -14.35 -14.83 -10.10
C THR B 39 -14.59 -13.45 -9.52
N GLU B 40 -15.31 -13.43 -8.40
CA GLU B 40 -15.61 -12.21 -7.69
C GLU B 40 -14.28 -11.60 -7.23
N MET B 41 -13.40 -12.44 -6.70
CA MET B 41 -12.19 -11.93 -6.09
C MET B 41 -11.38 -11.17 -7.15
N GLU B 42 -11.45 -11.64 -8.38
CA GLU B 42 -10.62 -11.14 -9.46
C GLU B 42 -11.16 -9.80 -9.96
N LYS B 43 -12.48 -9.66 -10.04
CA LYS B 43 -13.11 -8.40 -10.36
C LYS B 43 -12.67 -7.36 -9.34
N GLU B 44 -12.46 -7.79 -8.10
CA GLU B 44 -12.07 -6.87 -7.05
C GLU B 44 -10.54 -6.81 -6.97
N GLY B 45 -9.81 -7.33 -7.97
CA GLY B 45 -8.37 -7.18 -8.06
C GLY B 45 -7.57 -7.89 -6.96
N LYS B 46 -8.21 -8.77 -6.18
CA LYS B 46 -7.52 -9.40 -5.07
C LYS B 46 -6.50 -10.37 -5.64
N ILE B 47 -6.94 -11.09 -6.68
CA ILE B 47 -6.13 -12.07 -7.41
C ILE B 47 -6.17 -11.71 -8.89
N SER B 48 -5.46 -12.50 -9.70
CA SER B 48 -5.53 -12.33 -11.14
C SER B 48 -4.92 -13.55 -11.82
N LYS B 49 -5.39 -13.88 -13.05
CA LYS B 49 -5.03 -15.14 -13.70
C LYS B 49 -3.58 -15.06 -14.15
N ILE B 50 -2.94 -16.21 -14.36
CA ILE B 50 -1.50 -16.26 -14.43
C ILE B 50 -1.01 -17.23 -15.49
N GLY B 51 0.21 -16.97 -15.94
CA GLY B 51 0.80 -17.69 -17.04
C GLY B 51 1.30 -19.07 -16.62
N PRO B 52 1.87 -19.81 -17.57
CA PRO B 52 2.53 -21.07 -17.27
C PRO B 52 4.01 -20.93 -16.95
N GLU B 53 4.49 -19.69 -16.93
CA GLU B 53 5.87 -19.47 -16.53
C GLU B 53 6.00 -19.46 -15.01
N ASN B 54 4.87 -19.43 -14.31
CA ASN B 54 4.83 -19.54 -12.86
C ASN B 54 4.63 -21.00 -12.49
N PRO B 55 5.63 -21.74 -12.05
CA PRO B 55 5.46 -23.17 -11.85
C PRO B 55 4.99 -23.56 -10.45
N TYR B 56 4.79 -22.56 -9.59
CA TYR B 56 4.52 -22.84 -8.20
C TYR B 56 3.06 -23.23 -7.97
N ASN B 57 2.85 -24.00 -6.89
CA ASN B 57 1.48 -24.29 -6.54
C ASN B 57 1.30 -24.64 -5.06
N THR B 58 0.24 -24.02 -4.51
CA THR B 58 -0.27 -24.22 -3.17
C THR B 58 -1.72 -24.70 -3.30
N PRO B 59 -2.17 -25.77 -2.59
CA PRO B 59 -3.54 -26.27 -2.69
C PRO B 59 -4.70 -25.39 -2.23
N VAL B 60 -5.90 -25.68 -2.75
CA VAL B 60 -7.05 -24.88 -2.38
C VAL B 60 -8.25 -25.78 -2.06
N PHE B 61 -9.06 -25.40 -1.08
CA PHE B 61 -10.25 -26.17 -0.77
C PHE B 61 -11.50 -25.32 -0.60
N ALA B 62 -12.65 -25.98 -0.51
CA ALA B 62 -13.87 -25.28 -0.14
C ALA B 62 -14.49 -25.99 1.07
N ILE B 63 -14.58 -25.17 2.12
CA ILE B 63 -15.18 -25.62 3.40
C ILE B 63 -16.42 -24.76 3.57
N LYS B 64 -17.34 -25.18 4.42
CA LYS B 64 -18.59 -24.42 4.65
C LYS B 64 -18.75 -24.27 6.17
N THR B 69 -23.98 -22.26 5.21
CA THR B 69 -24.89 -22.31 4.04
C THR B 69 -24.16 -21.80 2.80
N LYS B 70 -23.38 -20.72 2.95
CA LYS B 70 -22.58 -20.19 1.82
C LYS B 70 -21.19 -20.84 1.87
N TRP B 71 -20.42 -20.72 0.78
CA TRP B 71 -19.11 -21.43 0.73
C TRP B 71 -17.96 -20.49 1.10
N ARG B 72 -16.85 -21.06 1.54
CA ARG B 72 -15.66 -20.32 1.95
C ARG B 72 -14.46 -20.94 1.26
N LYS B 73 -13.61 -20.10 0.66
CA LYS B 73 -12.34 -20.57 0.16
C LYS B 73 -11.41 -20.90 1.32
N LEU B 74 -10.56 -21.91 1.14
CA LEU B 74 -9.50 -22.18 2.10
C LEU B 74 -8.24 -22.56 1.34
N VAL B 75 -7.12 -21.90 1.62
CA VAL B 75 -5.84 -22.23 0.93
C VAL B 75 -4.87 -22.88 1.92
N ASP B 76 -4.21 -23.97 1.51
CA ASP B 76 -3.24 -24.67 2.39
C ASP B 76 -1.85 -24.07 2.18
N PHE B 77 -1.57 -22.95 2.84
CA PHE B 77 -0.26 -22.27 2.68
C PHE B 77 0.75 -22.88 3.66
N ARG B 78 0.55 -24.14 4.02
CA ARG B 78 1.40 -24.79 5.04
C ARG B 78 2.84 -24.90 4.56
N GLU B 79 3.04 -25.19 3.28
CA GLU B 79 4.41 -25.28 2.72
C GLU B 79 4.99 -23.87 2.61
N LEU B 80 4.25 -22.95 2.01
CA LEU B 80 4.73 -21.55 1.92
C LEU B 80 5.04 -21.06 3.32
N ASN B 81 4.15 -21.32 4.28
CA ASN B 81 4.44 -20.78 5.61
C ASN B 81 5.77 -21.35 6.12
N LYS B 82 5.98 -22.68 6.02
CA LYS B 82 7.21 -23.36 6.40
C LYS B 82 8.39 -22.75 5.63
N ARG B 83 8.12 -22.01 4.56
CA ARG B 83 9.25 -21.51 3.75
C ARG B 83 9.33 -19.99 3.89
N THR B 84 8.40 -19.41 4.64
CA THR B 84 8.39 -17.93 4.79
C THR B 84 8.16 -17.53 6.25
N GLN B 85 7.07 -18.01 6.86
CA GLN B 85 6.72 -17.56 8.23
C GLN B 85 7.92 -17.69 9.16
N ASP B 86 8.73 -18.74 8.99
CA ASP B 86 9.84 -18.95 9.96
C ASP B 86 10.75 -17.70 9.96
N PHE B 87 10.99 -17.11 8.79
CA PHE B 87 11.78 -15.86 8.73
C PHE B 87 10.98 -14.73 9.38
N TRP B 88 9.69 -14.64 9.06
CA TRP B 88 8.83 -13.57 9.62
C TRP B 88 8.51 -13.87 11.09
N GLU B 89 8.76 -15.09 11.56
CA GLU B 89 8.56 -15.42 13.00
C GLU B 89 9.66 -14.70 13.80
N VAL B 90 10.83 -14.50 13.18
CA VAL B 90 11.90 -13.79 13.85
C VAL B 90 11.77 -12.29 13.52
N GLN B 91 12.03 -11.95 12.25
CA GLN B 91 12.04 -10.58 11.80
C GLN B 91 10.79 -9.82 12.28
N LEU B 92 9.58 -10.35 12.03
CA LEU B 92 8.36 -9.56 12.13
C LEU B 92 7.33 -10.20 13.08
N GLY B 93 7.82 -10.89 14.13
CA GLY B 93 7.02 -11.79 14.95
C GLY B 93 5.94 -11.12 15.81
N ILE B 94 5.08 -11.96 16.41
CA ILE B 94 3.94 -11.46 17.17
C ILE B 94 3.90 -12.10 18.55
N PRO B 95 4.02 -11.29 19.62
CA PRO B 95 4.03 -11.80 20.99
C PRO B 95 2.70 -12.39 21.48
N HIS B 96 2.81 -13.43 22.33
CA HIS B 96 1.70 -14.24 22.81
C HIS B 96 1.43 -13.94 24.29
N PRO B 97 0.25 -13.49 24.70
CA PRO B 97 -0.02 -13.28 26.11
C PRO B 97 -0.22 -14.56 26.91
N ALA B 98 0.63 -14.71 27.95
CA ALA B 98 0.52 -15.76 28.94
C ALA B 98 -0.80 -15.67 29.71
N GLY B 99 -1.46 -14.51 29.65
CA GLY B 99 -2.68 -14.32 30.39
C GLY B 99 -3.92 -14.87 29.69
N LEU B 100 -3.88 -15.10 28.38
CA LEU B 100 -5.10 -15.47 27.67
C LEU B 100 -5.58 -16.85 28.14
N LYS B 101 -4.63 -17.74 28.48
CA LYS B 101 -4.95 -19.09 28.90
C LYS B 101 -5.75 -19.08 30.21
N LYS B 102 -5.67 -17.96 30.95
CA LYS B 102 -6.26 -17.80 32.28
C LYS B 102 -7.63 -17.10 32.23
N LYS B 103 -7.95 -16.42 31.14
CA LYS B 103 -9.23 -15.71 31.06
C LYS B 103 -10.41 -16.68 31.20
N LYS B 104 -11.54 -16.09 31.55
CA LYS B 104 -12.73 -16.85 31.87
C LYS B 104 -13.31 -17.29 30.54
N SER B 105 -13.51 -16.32 29.66
CA SER B 105 -14.05 -16.56 28.34
C SER B 105 -13.11 -15.99 27.28
N VAL B 106 -12.92 -16.76 26.21
CA VAL B 106 -12.24 -16.28 25.03
C VAL B 106 -13.13 -16.53 23.82
N THR B 107 -13.59 -15.45 23.19
CA THR B 107 -14.29 -15.51 21.92
C THR B 107 -13.29 -15.38 20.79
N VAL B 108 -13.61 -15.97 19.63
CA VAL B 108 -12.67 -16.00 18.53
C VAL B 108 -13.28 -15.40 17.28
N LEU B 109 -12.80 -14.20 16.90
CA LEU B 109 -13.34 -13.47 15.77
C LEU B 109 -12.55 -13.76 14.50
N ASP B 110 -13.19 -13.69 13.33
CA ASP B 110 -12.47 -13.88 12.08
C ASP B 110 -12.21 -12.52 11.42
N VAL B 111 -10.94 -12.18 11.23
CA VAL B 111 -10.58 -10.88 10.72
C VAL B 111 -9.74 -11.05 9.46
N GLY B 112 -9.97 -12.15 8.76
CA GLY B 112 -9.31 -12.40 7.49
C GLY B 112 -9.58 -11.29 6.48
N ASP B 113 -10.81 -10.74 6.49
CA ASP B 113 -11.16 -9.75 5.49
C ASP B 113 -10.17 -8.59 5.52
N ALA B 114 -9.60 -8.30 6.68
CA ALA B 114 -8.70 -7.17 6.83
C ALA B 114 -7.58 -7.20 5.81
N TYR B 115 -7.11 -8.41 5.49
CA TYR B 115 -5.85 -8.60 4.80
C TYR B 115 -5.98 -8.18 3.34
N PHE B 116 -7.22 -8.12 2.85
CA PHE B 116 -7.48 -7.82 1.46
C PHE B 116 -7.30 -6.34 1.20
N SER B 117 -6.74 -5.58 2.14
CA SER B 117 -6.59 -4.16 1.91
C SER B 117 -5.12 -3.74 1.89
N VAL B 118 -4.22 -4.63 2.31
CA VAL B 118 -2.82 -4.39 2.08
C VAL B 118 -2.39 -5.14 0.83
N PRO B 119 -1.57 -4.53 -0.05
CA PRO B 119 -0.99 -5.25 -1.18
C PRO B 119 0.26 -6.04 -0.80
N LEU B 120 0.57 -7.06 -1.61
CA LEU B 120 1.70 -7.92 -1.33
C LEU B 120 2.84 -7.53 -2.27
N ASP B 121 4.11 -7.70 -1.86
CA ASP B 121 5.27 -7.37 -2.71
C ASP B 121 5.10 -8.10 -4.05
N GLU B 122 5.28 -7.38 -5.17
CA GLU B 122 5.03 -7.98 -6.47
C GLU B 122 6.00 -9.12 -6.66
N ASP B 123 7.18 -9.04 -6.04
CA ASP B 123 8.18 -10.09 -6.19
C ASP B 123 7.82 -11.36 -5.42
N PHE B 124 6.81 -11.31 -4.54
CA PHE B 124 6.44 -12.46 -3.72
C PHE B 124 5.29 -13.23 -4.39
N ARG B 125 4.46 -12.52 -5.18
CA ARG B 125 3.11 -12.93 -5.52
C ARG B 125 3.07 -14.24 -6.28
N LYS B 126 4.05 -14.43 -7.16
CA LYS B 126 4.20 -15.70 -7.86
C LYS B 126 4.20 -16.91 -6.88
N TYR B 127 4.66 -16.73 -5.64
CA TYR B 127 4.77 -17.86 -4.74
C TYR B 127 3.41 -18.21 -4.12
N THR B 128 2.42 -17.32 -4.29
CA THR B 128 1.06 -17.58 -3.81
C THR B 128 0.18 -18.23 -4.88
N ALA B 129 0.73 -19.01 -5.80
CA ALA B 129 -0.08 -19.49 -6.91
C ALA B 129 -0.96 -20.66 -6.46
N PHE B 130 -2.24 -20.66 -6.89
CA PHE B 130 -3.07 -21.85 -6.70
C PHE B 130 -3.84 -22.23 -7.97
N THR B 131 -4.40 -23.48 -7.98
CA THR B 131 -5.03 -24.04 -9.17
C THR B 131 -6.39 -24.65 -8.87
N ILE B 132 -7.48 -23.96 -9.27
CA ILE B 132 -8.82 -24.56 -9.26
C ILE B 132 -8.84 -25.66 -10.30
N PRO B 133 -9.00 -26.93 -9.88
CA PRO B 133 -8.81 -28.07 -10.75
C PRO B 133 -10.10 -28.35 -11.48
N SER B 134 -10.08 -29.43 -12.24
CA SER B 134 -11.10 -29.66 -13.22
C SER B 134 -11.42 -31.16 -13.21
N ILE B 135 -12.71 -31.47 -13.42
CA ILE B 135 -13.16 -32.85 -13.38
C ILE B 135 -12.70 -33.66 -14.60
N ASN B 136 -12.25 -34.88 -14.33
CA ASN B 136 -11.90 -35.83 -15.37
C ASN B 136 -10.96 -35.20 -16.41
N ASN B 137 -10.14 -34.19 -16.02
CA ASN B 137 -9.18 -33.54 -16.90
C ASN B 137 -9.78 -33.00 -18.19
N GLU B 138 -11.00 -32.52 -18.13
CA GLU B 138 -11.62 -32.07 -19.34
C GLU B 138 -10.87 -30.81 -19.78
N THR B 139 -10.31 -30.09 -18.80
CA THR B 139 -9.71 -28.81 -19.08
C THR B 139 -8.51 -28.58 -18.18
N PRO B 140 -7.58 -27.68 -18.55
CA PRO B 140 -6.50 -27.34 -17.64
C PRO B 140 -7.17 -26.61 -16.48
N GLY B 141 -6.50 -26.67 -15.32
CA GLY B 141 -7.01 -26.01 -14.11
C GLY B 141 -6.99 -24.50 -14.32
N ILE B 142 -7.91 -23.79 -13.66
CA ILE B 142 -7.82 -22.33 -13.62
C ILE B 142 -6.73 -21.90 -12.64
N ARG B 143 -5.78 -21.05 -13.10
CA ARG B 143 -4.64 -20.61 -12.29
C ARG B 143 -4.70 -19.12 -11.96
N TYR B 144 -4.45 -18.79 -10.69
CA TYR B 144 -4.50 -17.45 -10.16
C TYR B 144 -3.31 -17.22 -9.24
N GLN B 145 -3.08 -15.96 -8.84
CA GLN B 145 -2.11 -15.64 -7.79
C GLN B 145 -2.58 -14.36 -7.12
N TYR B 146 -2.09 -14.13 -5.89
CA TYR B 146 -2.59 -13.07 -5.03
C TYR B 146 -1.83 -11.76 -5.29
N ASN B 147 -2.54 -10.64 -5.22
CA ASN B 147 -1.97 -9.29 -5.27
C ASN B 147 -2.06 -8.57 -3.92
N VAL B 148 -2.94 -9.09 -3.05
CA VAL B 148 -3.11 -8.62 -1.69
C VAL B 148 -2.68 -9.72 -0.73
N LEU B 149 -2.77 -9.42 0.58
CA LEU B 149 -2.30 -10.33 1.61
C LEU B 149 -3.26 -11.51 1.66
N PRO B 150 -2.79 -12.72 1.42
CA PRO B 150 -3.65 -13.89 1.41
C PRO B 150 -4.10 -14.31 2.82
N GLN B 151 -5.24 -14.97 2.89
CA GLN B 151 -5.81 -15.35 4.17
C GLN B 151 -5.03 -16.48 4.82
N GLY B 152 -4.44 -17.38 4.07
CA GLY B 152 -3.87 -18.49 4.83
C GLY B 152 -2.49 -18.20 5.41
N TRP B 153 -1.92 -17.06 5.08
CA TRP B 153 -0.48 -16.94 5.07
C TRP B 153 0.03 -16.29 6.36
N LYS B 154 1.01 -16.94 7.00
CA LYS B 154 1.45 -16.49 8.31
C LYS B 154 2.13 -15.13 8.21
N GLY B 155 2.58 -14.79 7.01
CA GLY B 155 3.01 -13.42 6.73
C GLY B 155 1.91 -12.38 6.90
N SER B 156 0.67 -12.72 6.59
CA SER B 156 -0.33 -11.68 6.39
C SER B 156 -0.63 -10.95 7.70
N PRO B 157 -0.94 -11.65 8.79
CA PRO B 157 -1.14 -10.95 10.05
C PRO B 157 0.11 -10.18 10.51
N ALA B 158 1.31 -10.75 10.25
CA ALA B 158 2.57 -10.16 10.66
C ALA B 158 2.76 -8.78 10.04
N ILE B 159 2.38 -8.63 8.77
CA ILE B 159 2.56 -7.38 8.09
C ILE B 159 1.49 -6.42 8.59
N PHE B 160 0.28 -6.93 8.83
CA PHE B 160 -0.85 -6.08 9.15
C PHE B 160 -0.88 -5.70 10.63
N GLN B 161 -0.06 -6.41 11.42
CA GLN B 161 0.15 -6.19 12.84
C GLN B 161 0.20 -4.72 13.19
N SER B 162 0.95 -3.92 12.42
CA SER B 162 1.00 -2.50 12.68
C SER B 162 -0.42 -1.94 12.61
N SER B 163 -1.05 -2.07 11.44
CA SER B 163 -2.36 -1.46 11.23
C SER B 163 -3.36 -1.94 12.28
N MET B 164 -3.15 -3.17 12.79
CA MET B 164 -4.13 -3.84 13.64
C MET B 164 -4.09 -3.21 15.03
N THR B 165 -2.88 -2.84 15.48
CA THR B 165 -2.73 -2.11 16.71
C THR B 165 -3.41 -0.75 16.64
N LYS B 166 -3.36 -0.08 15.49
CA LYS B 166 -3.91 1.26 15.39
C LYS B 166 -5.44 1.22 15.48
N ILE B 167 -6.03 0.08 15.10
CA ILE B 167 -7.49 -0.05 15.08
C ILE B 167 -8.00 -0.43 16.46
N LEU B 168 -7.20 -1.24 17.17
CA LEU B 168 -7.66 -1.75 18.49
C LEU B 168 -7.24 -0.81 19.63
N GLU B 169 -6.35 0.14 19.35
CA GLU B 169 -5.85 1.04 20.43
C GLU B 169 -7.03 1.70 21.15
N PRO B 170 -8.00 2.35 20.47
CA PRO B 170 -9.09 3.00 21.18
C PRO B 170 -9.79 2.02 22.13
N PHE B 171 -10.15 0.84 21.63
CA PHE B 171 -10.88 -0.16 22.45
C PHE B 171 -9.99 -0.64 23.61
N LYS B 172 -8.73 -0.94 23.33
CA LYS B 172 -7.86 -1.51 24.39
C LYS B 172 -7.63 -0.48 25.49
N LYS B 173 -8.01 0.78 25.28
CA LYS B 173 -7.86 1.79 26.31
C LYS B 173 -9.15 1.92 27.14
N GLN B 174 -10.31 2.02 26.46
CA GLN B 174 -11.61 1.99 27.14
C GLN B 174 -11.86 0.65 27.88
N ASN B 175 -11.01 -0.34 27.62
CA ASN B 175 -11.19 -1.69 28.22
C ASN B 175 -9.80 -2.29 28.42
N PRO B 176 -9.05 -1.91 29.46
CA PRO B 176 -7.68 -2.38 29.64
C PRO B 176 -7.58 -3.78 30.24
N ASP B 177 -8.71 -4.41 30.54
CA ASP B 177 -8.67 -5.72 31.23
C ASP B 177 -9.03 -6.86 30.26
N ILE B 178 -9.30 -6.52 29.00
CA ILE B 178 -9.60 -7.57 27.98
C ILE B 178 -8.31 -7.90 27.25
N VAL B 179 -8.05 -9.20 27.01
CA VAL B 179 -6.81 -9.62 26.30
C VAL B 179 -7.15 -9.90 24.83
N ILE B 180 -6.31 -9.41 23.91
CA ILE B 180 -6.52 -9.63 22.49
C ILE B 180 -5.26 -10.23 21.88
N TYR B 181 -5.40 -11.36 21.19
CA TYR B 181 -4.24 -12.00 20.51
C TYR B 181 -4.61 -12.27 19.05
N GLN B 182 -3.64 -12.12 18.15
CA GLN B 182 -3.91 -12.37 16.71
C GLN B 182 -3.13 -13.57 16.19
N TYR B 183 -3.86 -14.64 15.87
CA TYR B 183 -3.22 -15.80 15.21
C TYR B 183 -3.76 -15.85 13.78
N MET B 184 -2.89 -15.74 12.79
CA MET B 184 -3.28 -15.72 11.36
C MET B 184 -4.80 -15.79 11.12
N ASP B 185 -5.43 -14.66 10.79
CA ASP B 185 -6.87 -14.66 10.37
C ASP B 185 -7.86 -14.60 11.53
N ASP B 186 -7.43 -14.85 12.76
CA ASP B 186 -8.42 -14.92 13.87
C ASP B 186 -8.02 -13.99 15.01
N LEU B 187 -9.00 -13.44 15.72
CA LEU B 187 -8.72 -12.55 16.88
C LEU B 187 -9.24 -13.21 18.14
N TYR B 188 -8.35 -13.56 19.05
CA TYR B 188 -8.71 -14.16 20.33
C TYR B 188 -8.96 -13.06 21.36
N VAL B 189 -10.20 -12.92 21.84
CA VAL B 189 -10.61 -11.85 22.73
C VAL B 189 -11.03 -12.45 24.07
N GLY B 190 -10.18 -12.32 25.08
CA GLY B 190 -10.44 -12.91 26.38
C GLY B 190 -10.80 -11.86 27.44
N SER B 191 -11.92 -12.10 28.13
CA SER B 191 -12.40 -11.24 29.19
C SER B 191 -12.70 -12.07 30.43
N ASP B 192 -12.95 -11.40 31.55
CA ASP B 192 -13.26 -12.11 32.81
C ASP B 192 -14.61 -11.62 33.33
N LEU B 193 -15.57 -11.47 32.42
CA LEU B 193 -16.90 -10.92 32.79
C LEU B 193 -18.01 -11.93 32.48
N GLU B 194 -19.22 -11.65 32.92
CA GLU B 194 -20.37 -12.56 32.67
C GLU B 194 -20.47 -12.82 31.17
N ILE B 195 -20.87 -14.03 30.78
CA ILE B 195 -20.93 -14.36 29.34
C ILE B 195 -21.73 -13.26 28.65
N GLY B 196 -22.84 -12.85 29.25
CA GLY B 196 -23.69 -11.81 28.65
C GLY B 196 -22.93 -10.51 28.49
N GLN B 197 -22.18 -10.12 29.51
CA GLN B 197 -21.35 -8.89 29.42
C GLN B 197 -20.27 -9.13 28.37
N HIS B 198 -19.50 -10.21 28.52
CA HIS B 198 -18.47 -10.55 27.52
C HIS B 198 -19.11 -10.58 26.15
N ARG B 199 -20.33 -11.09 26.06
CA ARG B 199 -20.96 -11.23 24.73
C ARG B 199 -21.18 -9.83 24.16
N THR B 200 -21.40 -8.84 25.02
CA THR B 200 -21.70 -7.51 24.48
C THR B 200 -20.40 -6.87 24.00
N LYS B 201 -19.42 -6.75 24.91
CA LYS B 201 -18.10 -6.23 24.60
C LYS B 201 -17.64 -6.70 23.23
N ILE B 202 -17.77 -8.00 22.97
CA ILE B 202 -17.37 -8.56 21.70
C ILE B 202 -18.19 -7.91 20.59
N GLU B 203 -19.52 -7.83 20.77
CA GLU B 203 -20.39 -7.16 19.84
C GLU B 203 -20.00 -5.69 19.71
N GLU B 204 -19.55 -5.09 20.82
CA GLU B 204 -19.08 -3.71 20.83
C GLU B 204 -17.79 -3.57 20.03
N LEU B 205 -16.93 -4.59 20.13
CA LEU B 205 -15.70 -4.65 19.35
C LEU B 205 -16.00 -4.86 17.87
N ARG B 206 -16.87 -5.82 17.53
CA ARG B 206 -17.26 -6.06 16.16
C ARG B 206 -17.66 -4.76 15.48
N GLN B 207 -18.34 -3.89 16.23
CA GLN B 207 -18.84 -2.62 15.71
C GLN B 207 -17.66 -1.67 15.52
N HIS B 208 -16.75 -1.68 16.49
CA HIS B 208 -15.52 -0.91 16.39
C HIS B 208 -14.83 -1.25 15.07
N LEU B 209 -14.58 -2.54 14.87
CA LEU B 209 -13.83 -3.02 13.73
C LEU B 209 -14.51 -2.56 12.43
N LEU B 210 -15.85 -2.59 12.42
CA LEU B 210 -16.60 -2.32 11.20
C LEU B 210 -16.53 -0.83 10.93
N ARG B 211 -16.45 -0.03 11.99
CA ARG B 211 -16.34 1.40 11.80
C ARG B 211 -15.06 1.72 11.02
N TRP B 212 -14.01 0.93 11.25
CA TRP B 212 -12.72 1.19 10.64
C TRP B 212 -12.48 0.31 9.43
N GLY B 213 -13.53 -0.35 8.93
CA GLY B 213 -13.45 -1.07 7.66
C GLY B 213 -13.30 -2.59 7.76
N LEU B 214 -13.07 -3.17 8.95
CA LEU B 214 -12.98 -4.62 9.10
C LEU B 214 -14.36 -5.25 9.25
N THR B 215 -14.84 -5.87 8.17
CA THR B 215 -15.89 -6.86 8.27
C THR B 215 -15.47 -7.99 9.20
N THR B 216 -16.47 -8.59 9.86
CA THR B 216 -16.23 -9.77 10.73
C THR B 216 -17.42 -10.69 10.53
N PRO B 217 -17.24 -11.95 10.09
CA PRO B 217 -18.37 -12.82 9.79
C PRO B 217 -19.48 -12.68 10.85
N ASP B 218 -20.71 -12.44 10.40
CA ASP B 218 -21.86 -12.27 11.34
C ASP B 218 -22.41 -13.63 11.74
N TYR B 232 -16.21 -19.87 18.50
CA TYR B 232 -17.37 -19.67 19.40
C TYR B 232 -16.88 -19.07 20.71
N GLU B 233 -17.49 -19.46 21.83
CA GLU B 233 -17.05 -18.96 23.16
C GLU B 233 -16.26 -20.08 23.84
N LEU B 234 -15.02 -19.78 24.25
CA LEU B 234 -14.17 -20.79 24.92
C LEU B 234 -13.98 -20.38 26.38
N HIS B 235 -13.82 -21.35 27.28
CA HIS B 235 -13.68 -21.06 28.73
C HIS B 235 -12.40 -21.71 29.25
N PRO B 236 -11.22 -21.12 29.01
CA PRO B 236 -9.95 -21.75 29.38
C PRO B 236 -9.64 -22.02 30.85
N ASP B 237 -10.25 -21.24 31.77
CA ASP B 237 -10.04 -21.43 33.21
C ASP B 237 -10.66 -22.76 33.65
N LYS B 238 -11.69 -23.21 32.92
CA LYS B 238 -12.36 -24.48 33.13
C LYS B 238 -11.48 -25.65 32.65
N TRP B 239 -10.43 -25.39 31.84
CA TRP B 239 -9.63 -26.45 31.25
C TRP B 239 -8.82 -27.19 32.32
N THR B 240 -8.72 -28.51 32.17
CA THR B 240 -8.04 -29.37 33.14
C THR B 240 -7.51 -30.61 32.45
N VAL B 241 -6.42 -31.17 32.98
CA VAL B 241 -5.77 -32.34 32.32
C VAL B 241 -6.51 -33.64 32.67
N GLN B 242 -6.11 -34.75 32.06
CA GLN B 242 -6.71 -36.07 32.37
C GLN B 242 -5.75 -36.85 33.27
N PRO B 243 -5.98 -36.89 34.60
CA PRO B 243 -5.06 -37.57 35.51
C PRO B 243 -5.09 -39.08 35.28
N ILE B 244 -3.99 -39.77 35.57
CA ILE B 244 -3.94 -41.26 35.41
C ILE B 244 -4.72 -41.88 36.57
N VAL B 245 -5.68 -42.75 36.27
CA VAL B 245 -6.50 -43.34 37.32
C VAL B 245 -6.40 -44.86 37.28
N LEU B 246 -5.85 -45.43 38.35
CA LEU B 246 -5.78 -46.91 38.47
C LEU B 246 -7.15 -47.38 38.96
N PRO B 247 -7.52 -48.65 38.75
CA PRO B 247 -8.85 -49.12 39.13
C PRO B 247 -9.03 -49.07 40.65
N GLU B 248 -10.28 -48.97 41.12
CA GLU B 248 -10.56 -49.00 42.57
C GLU B 248 -11.57 -50.12 42.83
N LYS B 249 -11.11 -51.36 42.94
CA LYS B 249 -12.04 -52.51 43.10
C LYS B 249 -11.89 -53.14 44.48
N ASP B 250 -12.90 -53.89 44.93
CA ASP B 250 -12.86 -54.54 46.27
C ASP B 250 -12.11 -55.87 46.16
N SER B 251 -12.40 -56.67 45.13
CA SER B 251 -11.66 -57.91 44.94
C SER B 251 -10.95 -57.95 43.59
N TRP B 252 -9.76 -58.53 43.60
CA TRP B 252 -8.88 -58.49 42.45
C TRP B 252 -8.61 -59.89 41.94
N THR B 253 -8.90 -60.08 40.66
CA THR B 253 -8.51 -61.36 40.03
C THR B 253 -7.04 -61.22 39.67
N VAL B 254 -6.42 -62.31 39.27
CA VAL B 254 -5.00 -62.34 38.92
C VAL B 254 -4.76 -61.44 37.70
N ASN B 255 -5.71 -61.52 36.76
CA ASN B 255 -5.78 -60.61 35.63
C ASN B 255 -5.83 -59.17 36.12
N ASP B 256 -6.75 -58.89 37.04
CA ASP B 256 -6.89 -57.50 37.54
C ASP B 256 -5.52 -57.02 38.00
N ILE B 257 -4.76 -57.87 38.69
CA ILE B 257 -3.47 -57.47 39.21
C ILE B 257 -2.47 -57.35 38.06
N GLN B 258 -2.44 -58.31 37.13
CA GLN B 258 -1.48 -58.28 36.04
C GLN B 258 -1.62 -56.93 35.31
N LYS B 259 -2.87 -56.53 35.03
CA LYS B 259 -3.12 -55.31 34.28
C LYS B 259 -2.61 -54.10 35.07
N LEU B 260 -3.02 -54.00 36.34
CA LEU B 260 -2.55 -52.95 37.23
C LEU B 260 -1.02 -52.89 37.24
N VAL B 261 -0.33 -54.05 37.20
CA VAL B 261 1.11 -54.03 37.17
C VAL B 261 1.56 -53.37 35.86
N GLY B 262 0.94 -53.78 34.75
CA GLY B 262 1.24 -53.19 33.45
C GLY B 262 1.12 -51.65 33.39
N LYS B 263 0.01 -51.13 33.94
CA LYS B 263 -0.32 -49.72 33.83
C LYS B 263 0.70 -48.93 34.62
N LEU B 264 0.94 -49.32 35.86
CA LEU B 264 1.98 -48.71 36.67
C LEU B 264 3.32 -48.81 35.92
N ASN B 265 3.68 -50.03 35.51
CA ASN B 265 4.96 -50.23 34.86
C ASN B 265 5.14 -49.20 33.75
N TRP B 266 4.04 -48.80 33.10
CA TRP B 266 4.07 -47.77 32.07
C TRP B 266 4.21 -46.37 32.66
N ALA B 267 3.39 -46.07 33.67
CA ALA B 267 3.39 -44.77 34.30
C ALA B 267 4.79 -44.39 34.74
N SER B 268 5.63 -45.40 35.07
CA SER B 268 6.98 -45.19 35.58
C SER B 268 7.75 -44.23 34.68
N GLN B 269 7.45 -44.24 33.39
CA GLN B 269 8.07 -43.30 32.50
C GLN B 269 7.56 -41.89 32.86
N ILE B 270 6.24 -41.68 32.83
CA ILE B 270 5.71 -40.33 33.06
C ILE B 270 5.95 -39.87 34.50
N TYR B 271 6.14 -40.79 35.46
CA TYR B 271 6.11 -40.42 36.87
C TYR B 271 7.15 -41.19 37.67
N PRO B 272 8.26 -40.55 38.10
CA PRO B 272 9.18 -41.19 39.03
C PRO B 272 8.42 -41.37 40.35
N GLY B 273 8.69 -42.49 41.03
CA GLY B 273 8.12 -42.76 42.35
C GLY B 273 7.16 -43.96 42.37
N ILE B 274 6.94 -44.56 41.20
CA ILE B 274 6.05 -45.69 41.07
C ILE B 274 6.77 -46.98 41.45
N LYS B 275 6.05 -47.85 42.16
CA LYS B 275 6.61 -49.05 42.75
C LYS B 275 5.69 -50.23 42.43
N VAL B 276 6.25 -51.38 42.04
CA VAL B 276 5.44 -52.56 41.75
C VAL B 276 5.97 -53.80 42.46
N ARG B 277 6.99 -53.66 43.34
CA ARG B 277 7.53 -54.82 44.02
C ARG B 277 6.38 -55.54 44.73
N GLN B 278 5.80 -54.85 45.73
CA GLN B 278 4.78 -55.43 46.58
C GLN B 278 3.70 -56.06 45.71
N LEU B 279 3.14 -55.30 44.77
CA LEU B 279 2.03 -55.77 43.98
C LEU B 279 2.42 -56.96 43.12
N SER B 280 3.68 -57.02 42.65
CA SER B 280 4.14 -58.12 41.78
C SER B 280 4.38 -59.40 42.60
N LYS B 281 4.74 -59.21 43.88
CA LYS B 281 4.80 -60.27 44.87
C LYS B 281 3.50 -61.08 44.86
N LEU B 282 2.34 -60.38 44.90
CA LEU B 282 1.05 -61.04 44.85
C LEU B 282 1.04 -62.10 43.73
N LEU B 283 1.68 -61.78 42.60
CA LEU B 283 1.67 -62.70 41.44
C LEU B 283 2.86 -63.64 41.53
N ARG B 284 3.07 -64.24 42.70
CA ARG B 284 4.16 -65.24 42.85
C ARG B 284 3.58 -66.63 42.59
N GLY B 285 3.92 -67.22 41.44
CA GLY B 285 3.39 -68.55 41.10
C GLY B 285 2.85 -68.61 39.69
N THR B 286 2.12 -69.66 39.35
CA THR B 286 1.61 -69.84 38.00
C THR B 286 0.10 -69.97 38.05
N LYS B 287 -0.61 -68.88 38.38
CA LYS B 287 -2.03 -68.99 38.70
C LYS B 287 -2.92 -68.83 37.46
N ALA B 288 -4.20 -69.19 37.64
CA ALA B 288 -5.19 -68.96 36.59
C ALA B 288 -5.70 -67.53 36.69
N LEU B 289 -6.02 -66.94 35.53
CA LEU B 289 -6.25 -65.50 35.42
C LEU B 289 -7.43 -65.09 36.28
N THR B 290 -8.45 -65.96 36.34
CA THR B 290 -9.73 -65.61 37.03
C THR B 290 -9.67 -65.78 38.55
N GLU B 291 -8.58 -66.32 39.08
CA GLU B 291 -8.47 -66.57 40.51
C GLU B 291 -8.44 -65.23 41.24
N VAL B 292 -9.20 -65.16 42.34
CA VAL B 292 -9.25 -63.97 43.16
C VAL B 292 -8.10 -64.04 44.14
N ILE B 293 -7.44 -62.89 44.36
CA ILE B 293 -6.27 -62.85 45.26
C ILE B 293 -6.51 -61.79 46.33
N PRO B 294 -6.26 -62.08 47.62
CA PRO B 294 -6.40 -61.07 48.67
C PRO B 294 -5.22 -60.10 48.59
N LEU B 295 -5.46 -58.81 48.87
CA LEU B 295 -4.38 -57.80 48.71
C LEU B 295 -3.60 -57.66 50.03
N THR B 296 -2.31 -57.99 50.00
CA THR B 296 -1.46 -57.83 51.21
C THR B 296 -1.48 -56.37 51.65
N GLU B 297 -1.24 -56.12 52.94
CA GLU B 297 -1.20 -54.73 53.47
C GLU B 297 -0.11 -53.95 52.73
N GLU B 298 1.04 -54.59 52.47
CA GLU B 298 2.17 -53.89 51.80
C GLU B 298 1.68 -53.37 50.44
N ALA B 299 1.01 -54.22 49.66
CA ALA B 299 0.51 -53.80 48.33
C ALA B 299 -0.56 -52.73 48.51
N GLU B 300 -1.52 -52.97 49.41
CA GLU B 300 -2.61 -51.99 49.63
C GLU B 300 -1.99 -50.63 49.93
N LEU B 301 -0.80 -50.63 50.53
CA LEU B 301 -0.08 -49.37 50.80
C LEU B 301 0.68 -48.96 49.54
N GLU B 302 1.45 -49.90 48.96
CA GLU B 302 2.15 -49.59 47.73
C GLU B 302 1.17 -49.07 46.68
N LEU B 303 -0.03 -49.66 46.66
CA LEU B 303 -1.06 -49.20 45.74
C LEU B 303 -1.52 -47.81 46.17
N ALA B 304 -1.68 -47.61 47.49
CA ALA B 304 -2.24 -46.37 48.02
C ALA B 304 -1.25 -45.22 47.83
N GLU B 305 0.06 -45.53 47.87
CA GLU B 305 1.09 -44.54 47.64
C GLU B 305 1.10 -44.13 46.17
N ASN B 306 1.01 -45.13 45.28
CA ASN B 306 1.11 -44.85 43.83
C ASN B 306 -0.08 -43.99 43.40
N ARG B 307 -1.27 -44.27 43.93
CA ARG B 307 -2.48 -43.51 43.55
C ARG B 307 -2.24 -42.02 43.81
N GLU B 308 -1.70 -41.70 45.00
CA GLU B 308 -1.46 -40.28 45.37
C GLU B 308 -0.51 -39.66 44.34
N ILE B 309 0.58 -40.35 44.03
CA ILE B 309 1.57 -39.81 43.06
C ILE B 309 0.86 -39.55 41.74
N LEU B 310 0.03 -40.50 41.30
CA LEU B 310 -0.64 -40.37 39.98
C LEU B 310 -1.58 -39.16 40.02
N LYS B 311 -2.23 -38.92 41.15
CA LYS B 311 -3.11 -37.73 41.29
C LYS B 311 -2.26 -36.47 41.19
N GLU B 312 -1.05 -36.49 41.74
CA GLU B 312 -0.18 -35.28 41.75
C GLU B 312 0.04 -34.78 40.32
N PRO B 313 -0.32 -33.52 40.00
CA PRO B 313 -0.03 -32.98 38.69
C PRO B 313 1.43 -33.27 38.32
N VAL B 314 1.66 -33.86 37.14
CA VAL B 314 3.07 -34.08 36.69
C VAL B 314 3.80 -32.75 36.79
N HIS B 315 5.01 -32.75 37.36
CA HIS B 315 5.76 -31.48 37.55
C HIS B 315 7.16 -31.59 36.93
N GLY B 316 7.58 -30.57 36.18
CA GLY B 316 8.96 -30.56 35.65
C GLY B 316 8.99 -30.67 34.13
N VAL B 317 8.02 -30.09 33.45
CA VAL B 317 8.01 -30.12 32.00
C VAL B 317 7.79 -28.68 31.55
N TYR B 318 8.67 -28.19 30.70
CA TYR B 318 8.56 -26.79 30.32
C TYR B 318 8.39 -26.78 28.82
N TYR B 319 7.71 -25.73 28.34
CA TYR B 319 7.54 -25.53 26.92
C TYR B 319 8.81 -24.87 26.40
N ASP B 320 9.47 -25.50 25.42
CA ASP B 320 10.70 -25.02 24.81
C ASP B 320 10.39 -24.44 23.43
N PRO B 321 10.20 -23.12 23.26
CA PRO B 321 9.86 -22.54 21.97
C PRO B 321 10.62 -23.10 20.78
N SER B 322 11.89 -23.46 20.99
CA SER B 322 12.68 -23.89 19.87
C SER B 322 12.08 -25.13 19.21
N LYS B 323 11.31 -25.92 19.97
CA LYS B 323 10.93 -27.26 19.54
C LYS B 323 9.48 -27.27 19.03
N ASP B 324 9.18 -28.22 18.10
CA ASP B 324 7.82 -28.44 17.65
C ASP B 324 7.01 -29.18 18.71
N LEU B 325 5.71 -28.81 18.82
CA LEU B 325 4.77 -29.60 19.61
C LEU B 325 4.24 -30.78 18.78
N ILE B 326 3.91 -31.87 19.48
CA ILE B 326 3.34 -33.07 18.91
C ILE B 326 2.04 -33.37 19.61
N ALA B 327 1.01 -33.75 18.86
CA ALA B 327 -0.23 -34.20 19.48
C ALA B 327 -0.55 -35.63 19.04
N GLU B 328 -0.67 -36.57 19.97
CA GLU B 328 -1.23 -37.87 19.65
C GLU B 328 -2.70 -37.95 20.09
N ILE B 329 -3.50 -38.72 19.33
CA ILE B 329 -4.92 -38.95 19.58
C ILE B 329 -5.23 -40.44 19.55
N GLN B 330 -5.87 -40.96 20.59
CA GLN B 330 -6.30 -42.34 20.54
C GLN B 330 -7.80 -42.35 20.48
N LYS B 331 -8.34 -43.31 19.73
CA LYS B 331 -9.77 -43.54 19.69
C LYS B 331 -10.08 -44.54 20.79
N GLN B 332 -10.74 -44.05 21.83
CA GLN B 332 -11.51 -44.86 22.76
C GLN B 332 -12.86 -45.21 22.14
N GLY B 333 -13.71 -45.88 22.89
CA GLY B 333 -15.02 -46.20 22.34
C GLY B 333 -16.02 -45.06 22.50
N GLN B 334 -17.28 -45.38 22.20
CA GLN B 334 -18.42 -44.61 22.66
C GLN B 334 -18.19 -43.12 22.42
N GLY B 335 -17.62 -42.81 21.27
CA GLY B 335 -17.54 -41.42 20.82
C GLY B 335 -16.49 -40.59 21.56
N GLN B 336 -15.57 -41.26 22.26
CA GLN B 336 -14.57 -40.59 23.08
C GLN B 336 -13.19 -40.69 22.46
N TRP B 337 -12.39 -39.66 22.67
CA TRP B 337 -11.01 -39.66 22.14
C TRP B 337 -10.08 -39.06 23.19
N THR B 338 -8.96 -39.73 23.49
CA THR B 338 -7.99 -39.11 24.39
C THR B 338 -6.84 -38.54 23.60
N TYR B 339 -6.12 -37.57 24.17
CA TYR B 339 -4.96 -36.98 23.52
C TYR B 339 -3.84 -36.55 24.44
N GLN B 340 -2.64 -36.47 23.88
CA GLN B 340 -1.54 -35.87 24.58
C GLN B 340 -0.76 -34.97 23.64
N ILE B 341 -0.32 -33.85 24.19
CA ILE B 341 0.50 -32.91 23.49
C ILE B 341 1.87 -32.86 24.15
N TYR B 342 2.94 -32.82 23.37
CA TYR B 342 4.25 -32.98 23.97
C TYR B 342 5.38 -32.66 23.01
N GLN B 343 6.56 -32.40 23.57
CA GLN B 343 7.71 -31.98 22.78
C GLN B 343 8.74 -33.09 22.80
N GLU B 344 8.81 -33.81 23.91
CA GLU B 344 9.69 -34.96 24.04
C GLU B 344 8.76 -36.11 24.38
N PRO B 345 9.17 -37.38 24.24
CA PRO B 345 8.24 -38.52 24.28
C PRO B 345 7.37 -38.64 25.53
N PHE B 346 7.97 -38.59 26.73
CA PHE B 346 7.15 -38.86 27.90
C PHE B 346 6.87 -37.58 28.68
N LYS B 347 7.37 -36.45 28.20
CA LYS B 347 7.29 -35.20 28.94
C LYS B 347 6.12 -34.38 28.39
N ASN B 348 4.92 -34.64 28.93
CA ASN B 348 3.65 -34.18 28.38
C ASN B 348 3.27 -32.75 28.80
N LEU B 349 3.02 -31.88 27.83
CA LEU B 349 2.64 -30.52 28.19
C LEU B 349 1.17 -30.42 28.59
N LYS B 350 0.36 -31.40 28.18
CA LYS B 350 -1.07 -31.35 28.38
C LYS B 350 -1.64 -32.69 27.97
N THR B 351 -2.74 -33.13 28.60
CA THR B 351 -3.45 -34.30 28.13
C THR B 351 -4.93 -34.03 28.37
N GLY B 352 -5.78 -34.71 27.60
CA GLY B 352 -7.19 -34.37 27.55
C GLY B 352 -8.04 -35.53 27.03
N LYS B 353 -9.35 -35.30 27.05
CA LYS B 353 -10.32 -36.27 26.57
C LYS B 353 -11.52 -35.50 26.05
N TYR B 354 -11.82 -35.66 24.76
CA TYR B 354 -13.10 -35.26 24.20
C TYR B 354 -14.06 -36.45 24.16
N ALA B 355 -15.25 -36.22 24.75
CA ALA B 355 -16.42 -37.04 24.47
C ALA B 355 -17.37 -36.20 23.61
N ARG B 356 -17.97 -36.86 22.60
CA ARG B 356 -18.85 -36.23 21.63
C ARG B 356 -20.26 -36.20 22.19
N MET B 357 -21.17 -35.51 21.50
CA MET B 357 -22.58 -35.46 21.94
C MET B 357 -23.24 -36.81 21.63
N THR B 362 -22.49 -39.91 14.72
CA THR B 362 -21.43 -39.06 14.13
C THR B 362 -20.38 -39.96 13.50
N ASN B 363 -19.83 -39.57 12.35
CA ASN B 363 -18.76 -40.35 11.70
C ASN B 363 -17.49 -40.29 12.56
N ASP B 364 -16.77 -41.40 12.66
CA ASP B 364 -15.51 -41.34 13.37
C ASP B 364 -14.72 -40.14 12.86
N VAL B 365 -14.80 -39.90 11.54
CA VAL B 365 -13.94 -38.93 10.89
C VAL B 365 -14.42 -37.54 11.27
N LYS B 366 -15.75 -37.32 11.26
CA LYS B 366 -16.30 -36.10 11.82
C LYS B 366 -15.87 -35.90 13.29
N GLN B 367 -15.82 -36.96 14.07
CA GLN B 367 -15.31 -36.81 15.42
C GLN B 367 -13.84 -36.39 15.38
N LEU B 368 -13.04 -37.08 14.55
CA LEU B 368 -11.59 -36.88 14.62
C LEU B 368 -11.24 -35.46 14.14
N THR B 369 -11.94 -34.93 13.14
CA THR B 369 -11.65 -33.56 12.74
C THR B 369 -12.12 -32.60 13.82
N GLU B 370 -13.21 -32.88 14.50
CA GLU B 370 -13.63 -32.00 15.57
C GLU B 370 -12.57 -32.01 16.67
N ALA B 371 -11.91 -33.16 16.92
CA ALA B 371 -10.86 -33.17 17.92
C ALA B 371 -9.73 -32.25 17.47
N VAL B 372 -9.20 -32.55 16.26
CA VAL B 372 -8.01 -31.90 15.77
C VAL B 372 -8.22 -30.40 15.94
N GLN B 373 -9.45 -29.98 15.72
CA GLN B 373 -9.68 -28.55 15.73
C GLN B 373 -9.71 -28.08 17.17
N LYS B 374 -10.24 -28.91 18.09
CA LYS B 374 -10.34 -28.51 19.49
C LYS B 374 -8.92 -28.37 20.01
N ILE B 375 -8.09 -29.39 19.74
CA ILE B 375 -6.74 -29.45 20.27
C ILE B 375 -5.94 -28.27 19.73
N THR B 376 -6.02 -28.04 18.43
CA THR B 376 -5.25 -26.92 17.82
C THR B 376 -5.65 -25.61 18.50
N THR B 377 -6.94 -25.36 18.69
CA THR B 377 -7.36 -24.11 19.27
C THR B 377 -6.74 -23.98 20.67
N GLU B 378 -6.80 -25.08 21.44
CA GLU B 378 -6.31 -25.01 22.80
C GLU B 378 -4.86 -24.60 22.81
N SER B 379 -4.09 -25.30 21.98
CA SER B 379 -2.67 -25.10 21.76
C SER B 379 -2.38 -23.69 21.22
N ILE B 380 -3.20 -23.13 20.34
CA ILE B 380 -2.99 -21.73 20.00
C ILE B 380 -3.12 -20.89 21.27
N VAL B 381 -4.18 -21.08 22.04
CA VAL B 381 -4.43 -20.20 23.18
C VAL B 381 -3.33 -20.31 24.23
N ILE B 382 -2.84 -21.51 24.45
CA ILE B 382 -1.88 -21.74 25.52
C ILE B 382 -0.49 -21.27 25.12
N TRP B 383 -0.01 -21.61 23.93
CA TRP B 383 1.38 -21.43 23.52
C TRP B 383 1.53 -20.59 22.25
N GLY B 384 0.44 -20.13 21.63
CA GLY B 384 0.54 -19.44 20.34
C GLY B 384 1.25 -20.27 19.28
N LYS B 385 0.99 -21.58 19.29
CA LYS B 385 1.61 -22.54 18.38
C LYS B 385 0.60 -23.66 18.12
N THR B 386 0.58 -24.18 16.90
CA THR B 386 -0.21 -25.37 16.62
C THR B 386 0.74 -26.54 16.77
N PRO B 387 0.27 -27.72 17.14
CA PRO B 387 1.13 -28.88 17.13
C PRO B 387 1.02 -29.59 15.78
N LYS B 388 1.71 -30.72 15.68
CA LYS B 388 1.74 -31.51 14.48
C LYS B 388 1.06 -32.82 14.82
N PHE B 389 -0.08 -33.11 14.20
CA PHE B 389 -0.83 -34.23 14.74
C PHE B 389 -0.27 -35.53 14.21
N LYS B 390 -0.44 -36.60 14.99
CA LYS B 390 -0.32 -37.95 14.50
C LYS B 390 -1.71 -38.59 14.52
N LEU B 391 -2.35 -38.68 13.35
CA LEU B 391 -3.72 -39.10 13.23
C LEU B 391 -3.84 -40.60 12.99
N PRO B 392 -4.71 -41.31 13.78
CA PRO B 392 -4.92 -42.75 13.64
C PRO B 392 -6.05 -42.99 12.64
N ILE B 393 -5.73 -42.77 11.36
CA ILE B 393 -6.68 -42.90 10.28
C ILE B 393 -5.82 -43.08 9.04
N GLN B 394 -6.22 -43.94 8.09
CA GLN B 394 -5.42 -44.18 6.90
C GLN B 394 -5.41 -42.89 6.10
N LYS B 395 -4.28 -42.60 5.45
CA LYS B 395 -4.03 -41.28 4.86
C LYS B 395 -5.12 -40.86 3.88
N GLU B 396 -5.53 -41.78 2.99
CA GLU B 396 -6.38 -41.42 1.87
C GLU B 396 -7.80 -41.13 2.36
N THR B 397 -8.24 -41.90 3.36
CA THR B 397 -9.52 -41.63 3.98
C THR B 397 -9.53 -40.21 4.57
N TRP B 398 -8.42 -39.77 5.19
CA TRP B 398 -8.34 -38.45 5.82
C TRP B 398 -8.27 -37.35 4.77
N GLU B 399 -7.51 -37.60 3.69
CA GLU B 399 -7.35 -36.63 2.62
C GLU B 399 -8.64 -36.51 1.84
N THR B 400 -9.45 -37.57 1.87
CA THR B 400 -10.67 -37.59 1.10
C THR B 400 -11.78 -36.81 1.80
N TRP B 401 -11.78 -36.73 3.15
CA TRP B 401 -12.98 -36.34 3.87
C TRP B 401 -12.80 -35.24 4.93
N TRP B 402 -11.56 -34.87 5.32
CA TRP B 402 -11.33 -33.84 6.33
C TRP B 402 -12.03 -32.54 5.99
N THR B 403 -11.96 -32.11 4.73
CA THR B 403 -12.56 -30.83 4.39
C THR B 403 -14.08 -30.83 4.51
N GLU B 404 -14.69 -31.98 4.73
CA GLU B 404 -16.14 -32.07 4.83
C GLU B 404 -16.63 -31.51 6.15
N TYR B 405 -15.84 -31.62 7.23
CA TYR B 405 -16.31 -31.27 8.56
C TYR B 405 -15.63 -30.01 9.09
N TRP B 406 -14.67 -29.49 8.33
CA TRP B 406 -13.67 -28.58 8.85
C TRP B 406 -14.17 -27.15 8.79
N GLN B 407 -13.95 -26.39 9.86
CA GLN B 407 -14.46 -25.05 9.92
C GLN B 407 -13.36 -24.06 10.28
N ALA B 408 -12.16 -24.53 10.56
CA ALA B 408 -11.09 -23.61 10.89
C ALA B 408 -10.56 -22.88 9.65
N THR B 409 -10.11 -21.63 9.86
CA THR B 409 -9.39 -20.83 8.88
C THR B 409 -7.94 -21.33 8.70
N TRP B 410 -7.46 -22.16 9.62
CA TRP B 410 -6.09 -22.62 9.58
C TRP B 410 -6.10 -24.13 9.40
N ILE B 411 -4.93 -24.70 9.20
CA ILE B 411 -4.77 -26.12 8.99
C ILE B 411 -3.45 -26.47 9.64
N PRO B 412 -3.47 -27.31 10.68
CA PRO B 412 -2.25 -27.84 11.28
C PRO B 412 -1.52 -28.86 10.44
N GLU B 413 -0.29 -29.13 10.83
CA GLU B 413 0.51 -30.18 10.22
C GLU B 413 0.01 -31.55 10.70
N TRP B 414 0.15 -32.61 9.89
CA TRP B 414 -0.24 -33.93 10.39
C TRP B 414 0.51 -35.02 9.64
N GLU B 415 0.72 -36.13 10.35
CA GLU B 415 1.19 -37.39 9.80
C GLU B 415 0.16 -38.45 10.17
N PHE B 416 0.31 -39.69 9.69
CA PHE B 416 -0.65 -40.72 10.04
C PHE B 416 0.02 -41.91 10.71
N VAL B 417 -0.44 -42.20 11.93
CA VAL B 417 0.02 -43.45 12.58
C VAL B 417 -0.87 -44.55 12.00
N ASN B 418 -0.26 -45.64 11.52
CA ASN B 418 -1.05 -46.77 10.98
C ASN B 418 -0.68 -48.03 11.77
N THR B 419 0.22 -47.89 12.75
CA THR B 419 0.56 -49.05 13.63
C THR B 419 -0.28 -48.93 14.89
N PRO B 420 -1.06 -49.97 15.26
CA PRO B 420 -1.98 -49.87 16.39
C PRO B 420 -1.26 -49.44 17.68
N PRO B 421 -1.85 -48.54 18.50
CA PRO B 421 -1.26 -48.21 19.78
C PRO B 421 -1.53 -49.44 20.64
N LEU B 422 -0.83 -50.54 20.36
CA LEU B 422 -1.07 -51.80 21.10
C LEU B 422 -1.05 -51.49 22.59
N VAL B 423 -0.16 -50.58 22.99
CA VAL B 423 -0.16 -50.15 24.42
C VAL B 423 -1.63 -50.12 24.81
N LYS B 424 -2.01 -50.84 25.86
CA LYS B 424 -3.42 -50.74 26.31
C LYS B 424 -3.71 -49.24 26.44
N LEU B 425 -4.94 -48.83 26.15
CA LEU B 425 -5.25 -47.37 26.19
C LEU B 425 -4.66 -46.79 27.48
N TRP B 426 -4.83 -47.49 28.60
CA TRP B 426 -4.36 -46.96 29.92
C TRP B 426 -4.25 -45.44 29.90
N TYR B 427 -5.18 -44.76 29.21
CA TYR B 427 -5.26 -43.28 29.25
C TYR B 427 -6.68 -42.83 29.53
N GLN B 428 -7.54 -43.78 29.91
CA GLN B 428 -8.96 -43.48 30.23
C GLN B 428 -9.69 -43.09 28.95
N SER C 5 -21.21 10.03 17.97
CA SER C 5 -21.35 9.44 19.33
C SER C 5 -20.16 8.55 19.69
N PRO C 6 -19.62 7.76 18.74
CA PRO C 6 -18.42 6.96 19.00
C PRO C 6 -17.15 7.69 18.59
N ILE C 7 -17.33 8.95 18.15
CA ILE C 7 -16.26 9.78 17.62
C ILE C 7 -15.51 10.36 18.81
N GLU C 8 -14.18 10.38 18.72
CA GLU C 8 -13.37 10.91 19.81
C GLU C 8 -13.64 12.40 19.91
N THR C 9 -13.50 12.98 21.11
CA THR C 9 -13.80 14.39 21.30
C THR C 9 -12.53 15.21 21.23
N VAL C 10 -12.68 16.47 20.80
CA VAL C 10 -11.59 17.42 20.82
C VAL C 10 -11.52 18.07 22.20
N PRO C 11 -10.35 18.09 22.86
CA PRO C 11 -10.23 18.74 24.16
C PRO C 11 -10.23 20.26 24.00
N VAL C 12 -11.20 20.92 24.64
CA VAL C 12 -11.40 22.35 24.50
C VAL C 12 -10.89 23.01 25.78
N LYS C 13 -10.41 24.26 25.67
CA LYS C 13 -10.09 25.08 26.84
C LYS C 13 -10.63 26.50 26.64
N LEU C 14 -10.93 27.19 27.75
CA LEU C 14 -11.51 28.55 27.67
C LEU C 14 -10.39 29.58 27.52
N LYS C 15 -10.70 30.77 26.99
CA LYS C 15 -9.68 31.84 26.86
C LYS C 15 -8.93 31.97 28.18
N PRO C 16 -7.60 32.16 28.18
CA PRO C 16 -6.82 32.20 29.42
C PRO C 16 -7.53 33.03 30.50
N GLY C 17 -7.71 32.48 31.70
CA GLY C 17 -8.37 33.22 32.79
C GLY C 17 -9.87 33.36 32.58
N MET C 18 -10.28 34.02 31.51
CA MET C 18 -11.73 34.26 31.25
C MET C 18 -12.58 33.06 31.68
N ASP C 19 -13.56 33.27 32.56
CA ASP C 19 -14.37 32.14 33.09
C ASP C 19 -15.65 31.92 32.30
N GLY C 20 -16.42 30.89 32.64
CA GLY C 20 -17.63 30.55 31.87
C GLY C 20 -18.71 31.62 31.94
N PRO C 21 -19.45 31.88 30.85
CA PRO C 21 -20.52 32.88 30.85
C PRO C 21 -21.58 32.58 31.91
N LYS C 22 -21.97 33.60 32.68
CA LYS C 22 -23.03 33.42 33.71
C LYS C 22 -24.03 34.57 33.58
N VAL C 23 -25.11 34.35 32.82
CA VAL C 23 -26.16 35.40 32.65
C VAL C 23 -27.53 34.77 32.94
N LYS C 24 -28.37 35.46 33.71
CA LYS C 24 -29.74 34.93 34.02
C LYS C 24 -30.69 35.31 32.88
N GLN C 25 -31.85 34.66 32.82
CA GLN C 25 -32.84 34.94 31.74
C GLN C 25 -34.11 35.52 32.36
N TRP C 26 -34.67 34.82 33.35
CA TRP C 26 -35.95 35.28 33.97
C TRP C 26 -36.93 35.67 32.86
N PRO C 27 -37.26 34.79 31.89
CA PRO C 27 -38.13 35.14 30.76
C PRO C 27 -39.59 35.31 31.20
N LEU C 28 -40.48 35.58 30.24
CA LEU C 28 -41.90 35.83 30.60
C LEU C 28 -42.84 34.93 29.81
N THR C 29 -42.89 35.09 28.48
CA THR C 29 -43.87 34.31 27.65
C THR C 29 -43.87 32.85 28.08
N GLU C 30 -45.06 32.30 28.37
CA GLU C 30 -45.18 30.87 28.76
C GLU C 30 -46.09 30.15 27.76
N GLU C 31 -46.59 30.87 26.76
CA GLU C 31 -47.49 30.27 25.75
C GLU C 31 -46.77 29.13 25.04
N LYS C 32 -45.49 29.34 24.69
CA LYS C 32 -44.71 28.30 23.97
C LYS C 32 -43.57 27.81 24.88
N ILE C 33 -43.54 28.25 26.14
CA ILE C 33 -42.51 27.71 27.08
C ILE C 33 -42.66 26.20 27.10
N LYS C 34 -43.90 25.70 27.09
CA LYS C 34 -44.15 24.24 27.03
C LYS C 34 -43.56 23.70 25.73
N ALA C 35 -43.68 24.47 24.64
CA ALA C 35 -43.11 24.05 23.34
C ALA C 35 -41.59 24.02 23.45
N LEU C 36 -40.98 25.09 23.96
CA LEU C 36 -39.54 25.07 24.14
C LEU C 36 -39.13 24.03 25.18
N VAL C 37 -40.09 23.53 25.97
CA VAL C 37 -39.83 22.41 26.87
C VAL C 37 -40.37 21.12 26.23
N GLU C 38 -41.06 21.24 25.08
CA GLU C 38 -41.34 20.12 24.18
C GLU C 38 -40.17 19.90 23.23
N ILE C 39 -39.52 21.01 22.81
CA ILE C 39 -38.27 20.98 22.05
C ILE C 39 -37.15 20.44 22.93
N CYS C 40 -37.20 20.73 24.25
CA CYS C 40 -36.23 20.28 25.23
C CYS C 40 -36.43 18.82 25.64
N THR C 41 -37.51 18.19 25.15
CA THR C 41 -37.77 16.79 25.41
C THR C 41 -37.16 15.95 24.30
N GLU C 42 -37.63 16.20 23.07
CA GLU C 42 -37.17 15.45 21.90
C GLU C 42 -35.65 15.40 21.87
N MET C 43 -35.00 16.55 22.14
CA MET C 43 -33.55 16.62 22.17
C MET C 43 -33.01 15.89 23.40
N GLU C 44 -33.73 15.95 24.54
CA GLU C 44 -33.32 15.26 25.76
C GLU C 44 -33.25 13.76 25.50
N LYS C 45 -34.07 13.29 24.55
CA LYS C 45 -34.23 11.88 24.24
C LYS C 45 -33.15 11.40 23.28
N GLU C 46 -32.97 12.15 22.19
CA GLU C 46 -31.95 11.80 21.17
C GLU C 46 -30.57 11.78 21.83
N GLY C 47 -30.45 12.40 22.99
CA GLY C 47 -29.20 12.36 23.73
C GLY C 47 -28.39 13.65 23.57
N LYS C 48 -28.89 14.60 22.77
CA LYS C 48 -28.14 15.80 22.44
C LYS C 48 -27.91 16.63 23.70
N ILE C 49 -28.89 16.62 24.62
CA ILE C 49 -28.89 17.52 25.78
C ILE C 49 -29.31 16.74 27.03
N SER C 50 -28.76 17.12 28.20
CA SER C 50 -28.97 16.41 29.46
C SER C 50 -29.35 17.37 30.59
N LYS C 51 -30.45 17.05 31.31
CA LYS C 51 -31.00 17.90 32.35
C LYS C 51 -29.99 18.08 33.48
N ILE C 52 -29.43 19.29 33.60
CA ILE C 52 -28.36 19.58 34.55
C ILE C 52 -28.95 20.25 35.79
N GLY C 53 -28.45 19.86 36.97
CA GLY C 53 -28.84 20.49 38.23
C GLY C 53 -28.27 21.91 38.37
N PRO C 54 -28.80 22.75 39.28
CA PRO C 54 -28.33 24.13 39.43
C PRO C 54 -27.01 24.40 40.17
N GLU C 55 -26.09 23.42 40.20
CA GLU C 55 -24.82 23.57 40.91
C GLU C 55 -23.74 24.15 39.99
N ASN C 56 -24.04 24.33 38.70
CA ASN C 56 -23.13 25.00 37.78
C ASN C 56 -23.46 26.49 37.79
N PRO C 57 -22.48 27.39 38.09
CA PRO C 57 -22.74 28.83 38.16
C PRO C 57 -22.91 29.49 36.79
N TYR C 58 -22.45 28.81 35.74
CA TYR C 58 -22.50 29.40 34.38
C TYR C 58 -23.90 29.27 33.80
N ASN C 59 -24.27 30.17 32.88
CA ASN C 59 -25.59 30.06 32.21
C ASN C 59 -25.59 30.88 30.92
N THR C 60 -26.38 30.45 29.94
CA THR C 60 -26.47 31.16 28.63
C THR C 60 -27.95 31.47 28.36
N PRO C 61 -28.32 32.28 27.34
CA PRO C 61 -29.72 32.67 27.12
C PRO C 61 -30.65 31.62 26.51
N VAL C 62 -31.80 32.06 26.02
CA VAL C 62 -32.80 31.11 25.45
C VAL C 62 -33.74 31.89 24.52
N PHE C 63 -34.46 31.18 23.65
CA PHE C 63 -35.42 31.83 22.72
C PHE C 63 -36.49 30.82 22.29
N ILE C 65 -38.30 31.86 17.91
CA ILE C 65 -38.78 32.60 16.70
C ILE C 65 -39.80 31.73 15.97
N LYS C 66 -40.29 32.25 14.83
CA LYS C 66 -41.07 31.46 13.89
C LYS C 66 -40.82 32.00 12.48
N ASP C 69 -39.78 29.35 9.54
CA ASP C 69 -40.30 29.19 8.16
C ASP C 69 -41.72 29.75 8.07
N SER C 70 -42.52 29.26 7.13
CA SER C 70 -43.91 29.74 6.96
C SER C 70 -44.70 29.51 8.24
N THR C 71 -44.60 28.30 8.80
CA THR C 71 -45.32 27.97 10.07
C THR C 71 -44.42 27.06 10.92
N LYS C 72 -43.22 27.53 11.24
CA LYS C 72 -42.27 26.69 12.02
C LYS C 72 -41.65 27.53 13.15
N TRP C 73 -41.62 26.97 14.37
CA TRP C 73 -41.00 27.68 15.52
C TRP C 73 -39.71 26.97 15.91
N ARG C 74 -38.56 27.58 15.61
CA ARG C 74 -37.26 26.97 15.91
C ARG C 74 -36.57 27.75 17.04
N LYS C 75 -35.92 27.01 17.96
CA LYS C 75 -35.25 27.59 19.13
C LYS C 75 -33.90 28.19 18.75
N LEU C 76 -33.32 28.97 19.68
CA LEU C 76 -32.00 29.55 19.51
C LEU C 76 -31.34 29.75 20.87
N VAL C 77 -30.04 30.08 20.84
CA VAL C 77 -29.28 30.53 21.99
C VAL C 77 -28.24 31.52 21.47
N ASP C 78 -27.73 32.39 22.35
CA ASP C 78 -26.78 33.42 21.98
C ASP C 78 -25.50 33.23 22.81
N PHE C 79 -24.51 32.56 22.20
CA PHE C 79 -23.32 32.14 22.91
C PHE C 79 -22.21 33.19 22.75
N ARG C 80 -22.59 34.44 22.46
CA ARG C 80 -21.59 35.47 22.27
C ARG C 80 -20.63 35.52 23.47
N GLU C 81 -21.18 35.33 24.68
CA GLU C 81 -20.36 35.41 25.89
C GLU C 81 -19.58 34.13 26.10
N LEU C 82 -20.01 33.04 25.45
CA LEU C 82 -19.23 31.83 25.38
C LEU C 82 -18.16 31.99 24.30
N ASN C 83 -18.61 32.35 23.09
CA ASN C 83 -17.73 32.57 21.94
C ASN C 83 -16.59 33.54 22.29
N LYS C 84 -16.91 34.60 23.03
CA LYS C 84 -15.89 35.54 23.49
C LYS C 84 -14.85 34.79 24.35
N ARG C 85 -15.32 33.91 25.25
CA ARG C 85 -14.50 33.35 26.30
C ARG C 85 -13.80 32.04 25.88
N THR C 86 -14.22 31.48 24.74
CA THR C 86 -13.68 30.17 24.28
C THR C 86 -12.38 30.37 23.51
N GLN C 87 -11.46 29.42 23.60
CA GLN C 87 -10.15 29.53 22.91
C GLN C 87 -10.35 29.69 21.41
N ASP C 88 -9.35 30.26 20.73
CA ASP C 88 -9.42 30.38 19.25
C ASP C 88 -9.04 29.02 18.65
N PHE C 89 -9.49 28.75 17.42
CA PHE C 89 -9.24 27.43 16.80
C PHE C 89 -8.60 27.60 15.42
N TRP C 90 -8.42 26.50 14.70
CA TRP C 90 -7.88 26.56 13.35
C TRP C 90 -8.99 27.09 12.44
N GLU C 91 -8.59 28.00 11.53
CA GLU C 91 -9.45 28.43 10.42
C GLU C 91 -10.08 27.20 9.79
N VAL C 92 -11.34 27.31 9.37
CA VAL C 92 -12.03 26.19 8.75
C VAL C 92 -11.68 26.14 7.26
N GLN C 93 -11.96 27.23 6.55
CA GLN C 93 -11.60 27.34 5.14
C GLN C 93 -11.65 28.80 4.72
N LEU C 94 -10.58 29.25 4.06
CA LEU C 94 -10.42 30.66 3.72
C LEU C 94 -11.04 30.97 2.35
N GLY C 95 -11.64 29.96 1.72
CA GLY C 95 -12.16 30.16 0.35
C GLY C 95 -12.90 28.95 -0.18
N ILE C 96 -13.44 29.05 -1.40
CA ILE C 96 -14.25 27.95 -1.99
C ILE C 96 -13.53 27.39 -3.20
N PRO C 97 -13.57 26.07 -3.43
CA PRO C 97 -12.96 25.49 -4.62
C PRO C 97 -13.56 26.18 -5.85
N HIS C 98 -12.77 26.30 -6.92
CA HIS C 98 -13.27 26.98 -8.14
C HIS C 98 -13.70 25.94 -9.17
N PRO C 99 -14.88 26.11 -9.80
CA PRO C 99 -15.40 25.12 -10.73
C PRO C 99 -14.43 24.78 -11.86
N ALA C 100 -13.33 25.53 -11.99
CA ALA C 100 -12.40 25.30 -13.11
C ALA C 100 -11.28 24.38 -12.66
N GLY C 101 -11.13 24.20 -11.35
CA GLY C 101 -10.10 23.29 -10.82
C GLY C 101 -10.63 21.88 -10.71
N LEU C 102 -11.95 21.74 -10.68
CA LEU C 102 -12.57 20.39 -10.63
C LEU C 102 -12.10 19.59 -11.84
N LYS C 103 -11.58 18.39 -11.61
CA LYS C 103 -11.07 17.53 -12.71
C LYS C 103 -12.23 16.65 -13.21
N LYS C 104 -12.48 16.66 -14.51
CA LYS C 104 -13.64 15.90 -15.06
C LYS C 104 -13.67 14.49 -14.47
N LYS C 105 -14.86 14.01 -14.09
CA LYS C 105 -15.03 12.64 -13.56
C LYS C 105 -16.31 12.08 -14.14
N LYS C 106 -16.25 10.95 -14.84
CA LYS C 106 -17.44 10.38 -15.52
C LYS C 106 -18.68 10.58 -14.65
N SER C 107 -18.57 10.33 -13.36
CA SER C 107 -19.77 10.43 -12.49
C SER C 107 -19.47 11.24 -11.24
N VAL C 108 -20.46 11.97 -10.74
CA VAL C 108 -20.27 12.78 -9.50
C VAL C 108 -21.55 12.74 -8.69
N THR C 109 -21.43 12.71 -7.36
CA THR C 109 -22.62 12.63 -6.49
C THR C 109 -22.43 13.55 -5.29
N VAL C 110 -23.48 14.28 -4.91
CA VAL C 110 -23.40 15.17 -3.73
C VAL C 110 -23.92 14.40 -2.53
N LEU C 111 -23.62 14.88 -1.32
CA LEU C 111 -24.08 14.19 -0.10
C LEU C 111 -24.14 15.20 1.05
N ASP C 112 -25.37 15.55 1.45
CA ASP C 112 -25.59 16.57 2.50
C ASP C 112 -25.69 15.94 3.88
N VAL C 113 -24.77 16.31 4.75
CA VAL C 113 -24.79 15.86 6.18
C VAL C 113 -26.01 16.46 6.87
N GLY C 114 -26.78 15.63 7.58
CA GLY C 114 -27.97 16.13 8.31
C GLY C 114 -27.73 16.14 9.80
N ASP C 115 -28.29 17.12 10.52
CA ASP C 115 -28.03 17.25 11.98
C ASP C 115 -26.51 17.14 12.17
N ALA C 116 -25.74 17.65 11.22
CA ALA C 116 -24.28 17.51 11.26
C ALA C 116 -23.73 17.77 12.66
N TYR C 117 -23.86 19.00 13.15
CA TYR C 117 -23.27 19.35 14.47
C TYR C 117 -23.94 18.53 15.57
N PHE C 118 -25.25 18.35 15.46
CA PHE C 118 -25.99 17.62 16.52
C PHE C 118 -25.69 16.13 16.44
N SER C 119 -24.85 15.73 15.48
CA SER C 119 -24.49 14.29 15.35
C SER C 119 -23.01 14.10 15.72
N VAL C 120 -22.42 15.09 16.39
CA VAL C 120 -20.99 15.00 16.82
C VAL C 120 -20.92 15.32 18.31
N PRO C 121 -20.24 14.50 19.14
CA PRO C 121 -20.12 14.79 20.56
C PRO C 121 -19.28 16.03 20.80
N LEU C 122 -19.26 16.45 22.07
CA LEU C 122 -18.58 17.65 22.52
C LEU C 122 -17.75 17.30 23.76
N ASP C 123 -16.54 17.86 23.86
CA ASP C 123 -15.74 17.61 25.04
C ASP C 123 -16.62 17.89 26.24
N GLU C 124 -16.49 17.09 27.30
CA GLU C 124 -17.44 17.10 28.40
C GLU C 124 -17.18 18.29 29.33
N ASP C 125 -15.93 18.42 29.77
CA ASP C 125 -15.58 19.51 30.74
C ASP C 125 -15.96 20.86 30.15
N PHE C 126 -16.11 20.95 28.83
CA PHE C 126 -16.51 22.21 28.20
C PHE C 126 -18.02 22.20 27.94
N ARG C 127 -18.77 21.40 28.72
CA ARG C 127 -20.22 21.35 28.60
C ARG C 127 -20.87 22.23 29.66
N LYS C 128 -20.29 22.22 30.88
CA LYS C 128 -20.73 23.08 31.97
C LYS C 128 -20.93 24.50 31.46
N TYR C 129 -19.99 24.98 30.63
CA TYR C 129 -20.01 26.33 30.09
C TYR C 129 -21.14 26.51 29.08
N THR C 130 -21.66 25.40 28.54
CA THR C 130 -22.69 25.41 27.51
C THR C 130 -24.08 25.60 28.12
N ALA C 131 -24.16 25.50 29.46
CA ALA C 131 -25.43 25.39 30.19
C ALA C 131 -26.43 26.45 29.71
N PHE C 132 -27.71 26.05 29.67
CA PHE C 132 -28.79 26.91 29.24
C PHE C 132 -29.90 26.81 30.28
N THR C 133 -30.71 27.89 30.42
CA THR C 133 -31.86 27.90 31.31
C THR C 133 -33.05 28.56 30.57
N ILE C 134 -34.22 27.92 30.64
CA ILE C 134 -35.43 28.38 29.96
C ILE C 134 -36.52 28.61 31.01
N ILE C 137 -40.63 28.66 37.50
CA ILE C 137 -40.78 27.86 38.75
C ILE C 137 -39.69 28.27 39.74
N ASN C 138 -39.96 29.35 40.51
CA ASN C 138 -39.02 29.89 41.47
C ASN C 138 -39.07 29.06 42.76
N TYR C 146 -30.60 23.00 31.69
CA TYR C 146 -30.20 22.05 30.65
C TYR C 146 -28.77 22.31 30.16
N GLN C 147 -28.10 21.23 29.72
CA GLN C 147 -26.71 21.22 29.30
C GLN C 147 -26.61 20.60 27.91
N TYR C 148 -25.59 21.02 27.13
CA TYR C 148 -25.33 20.49 25.80
C TYR C 148 -24.28 19.38 25.88
N ASN C 149 -24.54 18.28 25.13
CA ASN C 149 -23.64 17.14 25.04
C ASN C 149 -23.05 17.03 23.64
N VAL C 150 -23.65 17.71 22.65
CA VAL C 150 -23.15 17.72 21.29
C VAL C 150 -22.65 19.12 20.94
N LEU C 151 -22.08 19.27 19.73
CA LEU C 151 -21.65 20.57 19.27
C LEU C 151 -22.86 21.51 19.28
N PRO C 152 -22.75 22.70 19.94
CA PRO C 152 -23.79 23.73 19.87
C PRO C 152 -24.01 24.32 18.49
N GLN C 153 -25.20 24.92 18.28
CA GLN C 153 -25.68 25.31 16.97
C GLN C 153 -25.09 26.65 16.54
N GLY C 154 -24.57 27.43 17.50
CA GLY C 154 -23.97 28.73 17.19
C GLY C 154 -22.54 28.90 17.72
N TRP C 155 -22.00 27.85 18.31
CA TRP C 155 -20.68 27.93 18.93
C TRP C 155 -19.65 28.24 17.84
N LYS C 156 -18.42 28.58 18.26
CA LYS C 156 -17.37 29.07 17.35
C LYS C 156 -16.54 27.92 16.79
N GLY C 157 -16.40 26.86 17.62
CA GLY C 157 -15.56 25.71 17.31
C GLY C 157 -16.35 24.52 16.74
N SER C 158 -17.66 24.69 16.54
CA SER C 158 -18.47 23.65 15.90
C SER C 158 -18.03 23.43 14.45
N PRO C 159 -17.83 24.49 13.64
CA PRO C 159 -17.46 24.28 12.25
C PRO C 159 -16.14 23.53 12.15
N ALA C 160 -15.18 23.95 12.98
CA ALA C 160 -13.82 23.46 12.92
C ALA C 160 -13.74 22.03 13.44
N ILE C 161 -14.57 21.70 14.44
CA ILE C 161 -14.53 20.39 15.07
C ILE C 161 -15.31 19.39 14.23
N PHE C 162 -16.55 19.71 13.84
CA PHE C 162 -17.25 18.86 12.89
C PHE C 162 -16.31 18.50 11.73
N GLN C 163 -15.79 19.52 11.04
CA GLN C 163 -14.96 19.22 9.85
C GLN C 163 -13.86 18.24 10.25
N SER C 164 -13.24 18.47 11.41
CA SER C 164 -12.18 17.60 11.87
C SER C 164 -12.65 16.14 11.95
N SER C 165 -13.83 15.97 12.56
CA SER C 165 -14.45 14.67 12.77
C SER C 165 -14.70 13.98 11.43
N MET C 166 -15.52 14.59 10.57
CA MET C 166 -15.71 14.13 9.21
C MET C 166 -14.39 13.77 8.51
N THR C 167 -13.32 14.55 8.75
CA THR C 167 -12.06 14.30 8.05
C THR C 167 -11.47 12.97 8.49
N LYS C 168 -11.53 12.66 9.80
CA LYS C 168 -11.00 11.41 10.32
C LYS C 168 -11.88 10.21 9.93
N ILE C 169 -13.19 10.46 9.85
CA ILE C 169 -14.19 9.43 9.60
C ILE C 169 -14.17 9.00 8.14
N LEU C 170 -13.72 9.86 7.23
CA LEU C 170 -13.56 9.48 5.83
C LEU C 170 -12.29 8.67 5.58
N GLU C 171 -11.29 8.77 6.48
CA GLU C 171 -9.97 8.19 6.22
C GLU C 171 -10.06 6.70 5.88
N PRO C 172 -10.74 5.86 6.70
CA PRO C 172 -10.90 4.44 6.39
C PRO C 172 -11.46 4.20 5.01
N PHE C 173 -12.54 4.91 4.66
CA PHE C 173 -13.28 4.60 3.44
C PHE C 173 -12.54 5.17 2.23
N ALA C 174 -11.79 6.24 2.46
CA ALA C 174 -11.06 6.86 1.37
C ALA C 174 -9.91 5.93 0.98
N ALA C 175 -9.29 5.31 1.99
CA ALA C 175 -8.14 4.44 1.77
C ALA C 175 -8.56 3.19 0.99
N GLN C 176 -9.70 2.61 1.36
CA GLN C 176 -10.16 1.37 0.78
C GLN C 176 -10.74 1.62 -0.61
N ASN C 177 -11.06 2.88 -0.91
CA ASN C 177 -11.56 3.24 -2.25
C ASN C 177 -10.72 4.38 -2.80
N PRO C 178 -9.50 4.10 -3.28
CA PRO C 178 -8.65 5.13 -3.88
C PRO C 178 -9.09 5.50 -5.30
N ASP C 179 -10.23 4.99 -5.74
CA ASP C 179 -10.76 5.43 -7.05
C ASP C 179 -11.69 6.61 -6.80
N ILE C 180 -12.51 6.52 -5.75
CA ILE C 180 -13.49 7.59 -5.45
C ILE C 180 -12.73 8.85 -5.03
N VAL C 181 -13.34 10.03 -5.22
CA VAL C 181 -12.71 11.31 -4.85
C VAL C 181 -13.72 12.09 -4.01
N ILE C 182 -13.40 12.35 -2.74
CA ILE C 182 -14.41 13.03 -1.87
C ILE C 182 -13.89 14.39 -1.45
N TYR C 183 -14.54 15.47 -1.91
CA TYR C 183 -14.17 16.83 -1.47
C TYR C 183 -15.11 17.21 -0.32
N GLN C 184 -14.60 17.93 0.68
CA GLN C 184 -15.44 18.23 1.88
C GLN C 184 -15.79 19.71 1.90
N TYR C 185 -17.01 20.04 2.31
CA TYR C 185 -17.47 21.44 2.40
C TYR C 185 -18.45 21.57 3.56
N MET C 186 -18.71 22.79 4.00
CA MET C 186 -19.60 22.97 5.17
C MET C 186 -20.77 22.00 5.07
N ASP C 187 -20.93 21.10 6.04
CA ASP C 187 -22.11 20.20 6.08
C ASP C 187 -22.41 19.69 4.67
N ASP C 188 -21.39 19.28 3.92
CA ASP C 188 -21.60 18.84 2.52
C ASP C 188 -20.47 17.93 2.08
N LEU C 189 -20.74 17.00 1.16
CA LEU C 189 -19.69 16.08 0.66
C LEU C 189 -19.89 15.89 -0.84
N TYR C 190 -18.86 16.21 -1.63
CA TYR C 190 -18.93 16.01 -3.11
C TYR C 190 -18.07 14.80 -3.44
N VAL C 191 -18.62 13.82 -4.18
CA VAL C 191 -17.89 12.60 -4.39
C VAL C 191 -17.82 12.37 -5.89
N GLY C 192 -16.61 12.08 -6.41
CA GLY C 192 -16.39 12.01 -7.85
C GLY C 192 -15.55 10.81 -8.27
N SER C 193 -16.03 10.09 -9.30
CA SER C 193 -15.48 8.80 -9.68
C SER C 193 -15.36 8.71 -11.20
N ASP C 194 -14.46 7.81 -11.66
CA ASP C 194 -14.41 7.39 -13.06
C ASP C 194 -14.94 5.96 -13.22
N LEU C 195 -15.91 5.60 -12.37
CA LEU C 195 -16.59 4.31 -12.43
C LEU C 195 -17.77 4.38 -13.39
N GLU C 196 -18.24 3.20 -13.82
CA GLU C 196 -19.47 3.10 -14.61
C GLU C 196 -20.63 3.41 -13.66
N ILE C 197 -21.82 3.66 -14.20
CA ILE C 197 -22.89 4.22 -13.39
C ILE C 197 -23.25 3.28 -12.23
N GLY C 198 -23.30 1.96 -12.51
CA GLY C 198 -23.59 0.98 -11.48
C GLY C 198 -22.63 1.09 -10.29
N GLN C 199 -21.35 0.88 -10.57
CA GLN C 199 -20.30 0.77 -9.56
C GLN C 199 -20.20 2.05 -8.72
N HIS C 200 -20.33 3.22 -9.35
CA HIS C 200 -20.34 4.47 -8.62
C HIS C 200 -21.51 4.50 -7.64
N ARG C 201 -22.72 4.21 -8.11
CA ARG C 201 -23.90 4.23 -7.24
C ARG C 201 -23.74 3.22 -6.12
N THR C 202 -23.11 2.07 -6.44
CA THR C 202 -22.71 1.04 -5.50
C THR C 202 -21.87 1.65 -4.39
N LYS C 203 -20.79 2.32 -4.77
CA LYS C 203 -19.83 2.86 -3.82
C LYS C 203 -20.48 3.97 -3.00
N ILE C 204 -21.38 4.74 -3.61
CA ILE C 204 -22.05 5.79 -2.87
C ILE C 204 -22.74 5.13 -1.68
N GLU C 205 -23.60 4.13 -1.97
CA GLU C 205 -24.30 3.41 -0.93
C GLU C 205 -23.32 2.85 0.12
N GLU C 206 -22.21 2.28 -0.35
CA GLU C 206 -21.21 1.72 0.55
C GLU C 206 -20.64 2.83 1.44
N LEU C 207 -20.41 4.03 0.88
CA LEU C 207 -20.00 5.20 1.65
C LEU C 207 -21.13 5.61 2.59
N ARG C 208 -22.32 5.82 2.01
CA ARG C 208 -23.48 6.22 2.77
C ARG C 208 -23.50 5.49 4.11
N GLN C 209 -23.29 4.17 4.04
CA GLN C 209 -23.46 3.28 5.18
C GLN C 209 -22.41 3.60 6.23
N HIS C 210 -21.15 3.64 5.78
CA HIS C 210 -20.02 3.98 6.62
C HIS C 210 -20.36 5.17 7.51
N LEU C 211 -20.95 6.20 6.89
CA LEU C 211 -21.28 7.42 7.60
C LEU C 211 -22.37 7.13 8.64
N LEU C 212 -23.42 6.36 8.26
CA LEU C 212 -24.47 5.95 9.19
C LEU C 212 -23.85 5.37 10.46
N ARG C 213 -22.84 4.52 10.24
CA ARG C 213 -22.20 3.78 11.30
C ARG C 213 -21.40 4.71 12.21
N TRP C 214 -21.33 5.97 11.82
CA TRP C 214 -20.68 6.97 12.66
C TRP C 214 -21.73 7.96 13.16
N GLY C 215 -22.88 7.98 12.49
CA GLY C 215 -24.06 8.70 12.94
C GLY C 215 -24.38 9.89 12.05
N LEU C 216 -24.17 9.73 10.74
CA LEU C 216 -24.24 10.86 9.83
C LEU C 216 -25.21 10.53 8.69
N THR C 217 -26.44 11.05 8.80
CA THR C 217 -27.51 10.77 7.85
C THR C 217 -27.17 11.44 6.51
N THR C 218 -27.59 10.80 5.42
CA THR C 218 -27.29 11.29 4.08
C THR C 218 -28.46 10.96 3.14
N PRO C 219 -28.57 11.65 1.99
CA PRO C 219 -29.66 11.38 1.04
C PRO C 219 -29.62 10.08 0.23
N ASP C 220 -30.71 9.31 0.36
CA ASP C 220 -30.92 8.02 -0.29
C ASP C 220 -31.70 8.20 -1.60
N LYS C 221 -30.96 8.33 -2.70
CA LYS C 221 -31.62 8.56 -4.01
C LYS C 221 -32.59 9.72 -3.84
N LYS C 222 -32.16 10.76 -3.14
CA LYS C 222 -32.99 11.97 -2.97
C LYS C 222 -32.05 13.17 -3.01
N HIS C 223 -30.96 13.05 -3.78
CA HIS C 223 -29.96 14.15 -3.86
C HIS C 223 -30.10 14.87 -5.20
N GLN C 224 -29.63 16.12 -5.27
CA GLN C 224 -29.72 16.92 -6.52
C GLN C 224 -29.16 16.10 -7.68
N LYS C 225 -29.63 16.37 -8.91
CA LYS C 225 -29.20 15.56 -10.07
C LYS C 225 -27.95 16.17 -10.72
N GLU C 226 -27.31 15.39 -11.59
CA GLU C 226 -26.07 15.86 -12.27
C GLU C 226 -26.38 17.16 -13.02
N PRO C 227 -27.40 17.19 -13.89
CA PRO C 227 -27.75 18.43 -14.57
C PRO C 227 -27.80 19.52 -13.50
N PRO C 228 -28.62 19.37 -12.44
CA PRO C 228 -28.65 20.35 -11.37
C PRO C 228 -27.25 20.69 -10.88
N PHE C 229 -27.01 21.95 -10.52
CA PHE C 229 -25.72 22.33 -9.92
C PHE C 229 -26.05 23.13 -8.67
N LEU C 230 -26.40 24.40 -8.85
CA LEU C 230 -26.77 25.25 -7.70
C LEU C 230 -25.70 25.12 -6.62
N TRP C 231 -24.48 25.55 -6.94
CA TRP C 231 -23.40 25.50 -5.92
C TRP C 231 -22.66 26.84 -5.88
N MET C 232 -22.98 27.66 -4.88
CA MET C 232 -22.21 28.88 -4.70
C MET C 232 -22.24 29.74 -5.97
N GLY C 233 -23.42 29.86 -6.59
CA GLY C 233 -23.61 30.77 -7.72
C GLY C 233 -23.17 30.21 -9.07
N TYR C 234 -22.73 28.95 -9.08
CA TYR C 234 -22.23 28.37 -10.34
C TYR C 234 -23.26 27.40 -10.92
N GLU C 235 -22.97 26.88 -12.10
CA GLU C 235 -23.92 25.95 -12.77
C GLU C 235 -23.11 24.75 -13.27
N LEU C 236 -22.81 23.81 -12.36
CA LEU C 236 -22.07 22.58 -12.76
C LEU C 236 -22.89 21.83 -13.80
N HIS C 237 -22.41 21.77 -15.03
CA HIS C 237 -23.23 21.16 -16.11
C HIS C 237 -22.62 19.82 -16.54
N PRO C 238 -23.45 18.83 -16.93
CA PRO C 238 -22.97 17.51 -17.30
C PRO C 238 -22.20 17.55 -18.64
N ASP C 239 -21.13 18.37 -18.70
CA ASP C 239 -20.26 18.45 -19.90
C ASP C 239 -19.50 19.78 -19.82
N LYS C 240 -20.02 20.75 -19.05
CA LYS C 240 -19.39 22.10 -19.00
C LYS C 240 -19.76 22.80 -17.69
N TRP C 241 -19.33 24.04 -17.52
CA TRP C 241 -19.61 24.79 -16.27
C TRP C 241 -19.72 26.29 -16.55
N THR C 242 -20.82 26.92 -16.15
CA THR C 242 -20.99 28.36 -16.32
C THR C 242 -21.41 28.97 -14.98
N VAL C 243 -21.79 30.25 -15.02
CA VAL C 243 -22.31 30.96 -13.87
C VAL C 243 -23.83 30.79 -13.89
N GLN C 244 -24.48 30.99 -12.73
CA GLN C 244 -25.93 30.99 -12.66
C GLN C 244 -26.46 32.21 -13.39
N PRO C 245 -27.55 32.10 -14.19
CA PRO C 245 -28.05 33.22 -15.00
C PRO C 245 -28.12 34.54 -14.25
N ILE C 246 -27.45 35.57 -14.76
CA ILE C 246 -27.47 36.91 -14.10
C ILE C 246 -28.38 37.83 -14.91
N VAL C 247 -29.31 38.51 -14.23
CA VAL C 247 -30.30 39.39 -14.94
C VAL C 247 -29.75 40.81 -15.00
N LEU C 248 -29.81 41.43 -16.18
CA LEU C 248 -29.35 42.84 -16.33
C LEU C 248 -30.41 43.76 -15.73
N PRO C 249 -30.10 44.53 -14.66
CA PRO C 249 -31.06 45.48 -14.08
C PRO C 249 -31.21 46.73 -14.96
N GLU C 250 -32.45 47.15 -15.22
CA GLU C 250 -32.68 48.38 -16.03
C GLU C 250 -33.51 49.38 -15.20
N TRP C 254 -29.47 55.23 -11.35
CA TRP C 254 -28.91 54.18 -10.45
C TRP C 254 -28.35 54.85 -9.19
N THR C 255 -28.66 54.29 -8.02
CA THR C 255 -28.17 54.86 -6.73
C THR C 255 -26.81 54.21 -6.51
N VAL C 256 -26.26 54.32 -5.31
CA VAL C 256 -24.98 53.64 -4.98
C VAL C 256 -25.07 52.12 -4.90
N ASN C 257 -25.79 51.62 -3.91
CA ASN C 257 -25.92 50.16 -3.73
C ASN C 257 -26.16 49.52 -5.09
N ASP C 258 -27.20 49.95 -5.80
CA ASP C 258 -27.55 49.35 -7.12
C ASP C 258 -26.29 49.12 -7.95
N ILE C 259 -25.41 50.12 -8.05
CA ILE C 259 -24.22 49.99 -8.88
C ILE C 259 -23.27 49.01 -8.22
N GLN C 260 -23.06 49.16 -6.89
CA GLN C 260 -22.19 48.30 -6.12
C GLN C 260 -22.70 46.86 -6.16
N LYS C 261 -24.00 46.69 -6.46
CA LYS C 261 -24.57 45.40 -6.82
C LYS C 261 -24.18 45.05 -8.25
N LEU C 262 -24.28 46.02 -9.18
CA LEU C 262 -24.01 45.79 -10.59
C LEU C 262 -22.52 45.48 -10.83
N VAL C 263 -21.64 46.14 -10.07
CA VAL C 263 -20.20 45.89 -10.18
C VAL C 263 -19.88 44.55 -9.53
N GLY C 264 -20.64 44.19 -8.48
CA GLY C 264 -20.55 42.88 -7.89
C GLY C 264 -20.97 41.79 -8.87
N LYS C 265 -22.09 42.01 -9.56
CA LYS C 265 -22.65 41.05 -10.50
C LYS C 265 -21.79 40.98 -11.76
N LEU C 266 -21.14 42.10 -12.11
CA LEU C 266 -20.27 42.16 -13.28
C LEU C 266 -18.91 41.55 -12.97
N ASN C 267 -18.44 41.74 -11.73
CA ASN C 267 -17.23 41.09 -11.25
C ASN C 267 -17.39 39.58 -11.33
N TRP C 268 -18.53 39.10 -10.80
CA TRP C 268 -18.83 37.68 -10.78
C TRP C 268 -18.93 37.13 -12.20
N ALA C 269 -19.31 37.98 -13.17
CA ALA C 269 -19.55 37.55 -14.54
C ALA C 269 -18.23 37.31 -15.30
N SER C 270 -17.16 38.00 -14.88
CA SER C 270 -15.90 38.03 -15.62
C SER C 270 -15.10 36.72 -15.47
N GLN C 271 -15.67 35.73 -14.77
CA GLN C 271 -15.02 34.45 -14.56
C GLN C 271 -15.03 33.62 -15.83
N ILE C 272 -16.02 33.84 -16.72
CA ILE C 272 -16.11 33.06 -17.95
C ILE C 272 -16.56 33.91 -19.15
N TYR C 273 -16.88 35.21 -18.93
CA TYR C 273 -17.36 36.10 -19.98
C TYR C 273 -16.25 37.08 -20.42
N PRO C 274 -15.53 36.84 -21.56
CA PRO C 274 -14.33 37.62 -21.87
C PRO C 274 -14.69 39.01 -22.37
N GLY C 275 -13.84 39.99 -22.07
CA GLY C 275 -14.07 41.37 -22.50
C GLY C 275 -14.81 42.20 -21.46
N ILE C 276 -15.47 41.53 -20.49
CA ILE C 276 -16.23 42.21 -19.46
C ILE C 276 -15.31 43.20 -18.77
N LYS C 277 -15.81 44.43 -18.58
CA LYS C 277 -15.12 45.47 -17.84
C LYS C 277 -16.13 46.15 -16.90
N VAL C 278 -15.65 46.49 -15.70
CA VAL C 278 -16.38 47.28 -14.72
C VAL C 278 -15.43 48.33 -14.16
N ARG C 279 -14.70 49.00 -15.05
CA ARG C 279 -13.73 50.02 -14.61
C ARG C 279 -14.44 51.36 -14.44
N GLN C 280 -15.43 51.63 -15.29
CA GLN C 280 -16.12 52.91 -15.26
C GLN C 280 -17.10 52.97 -14.10
N LEU C 281 -17.90 51.91 -13.93
CA LEU C 281 -18.84 51.81 -12.82
C LEU C 281 -18.09 51.74 -11.49
N SER C 282 -16.76 51.60 -11.56
CA SER C 282 -15.93 51.59 -10.32
C SER C 282 -15.76 53.02 -9.82
N LYS C 283 -15.46 53.96 -10.71
CA LYS C 283 -15.21 55.37 -10.31
C LYS C 283 -16.49 55.97 -9.70
N LEU C 284 -17.65 55.70 -10.31
CA LEU C 284 -18.90 56.33 -9.83
C LEU C 284 -19.08 56.02 -8.34
N LEU C 285 -18.65 54.84 -7.90
CA LEU C 285 -18.81 54.44 -6.48
C LEU C 285 -17.98 55.36 -5.59
N ARG C 286 -16.96 56.01 -6.15
CA ARG C 286 -16.06 56.86 -5.33
C ARG C 286 -16.90 57.87 -4.55
N GLY C 287 -16.58 58.09 -3.27
CA GLY C 287 -17.33 59.06 -2.44
C GLY C 287 -16.56 59.41 -1.17
N ALA C 290 -23.48 57.39 0.25
CA ALA C 290 -24.56 56.76 1.00
C ALA C 290 -25.12 55.60 0.17
N LEU C 291 -25.64 54.57 0.83
CA LEU C 291 -26.11 53.39 0.07
C LEU C 291 -27.29 53.82 -0.79
N THR C 292 -28.07 54.78 -0.29
CA THR C 292 -29.27 55.26 -1.04
C THR C 292 -28.90 56.50 -1.85
N GLU C 293 -27.75 57.11 -1.55
CA GLU C 293 -27.29 58.27 -2.35
C GLU C 293 -27.43 57.91 -3.83
N VAL C 294 -28.32 58.60 -4.55
CA VAL C 294 -28.48 58.37 -6.01
C VAL C 294 -27.39 59.15 -6.73
N ILE C 295 -26.68 58.52 -7.67
CA ILE C 295 -25.54 59.21 -8.35
C ILE C 295 -25.77 59.18 -9.87
N PRO C 296 -25.27 60.17 -10.63
CA PRO C 296 -25.42 60.19 -12.09
C PRO C 296 -24.49 59.18 -12.77
N LEU C 297 -24.73 58.91 -14.05
CA LEU C 297 -23.89 57.93 -14.79
C LEU C 297 -23.07 58.65 -15.85
N THR C 298 -21.74 58.45 -15.84
CA THR C 298 -20.87 59.06 -16.88
C THR C 298 -21.20 58.42 -18.23
N GLU C 299 -21.14 59.20 -19.31
CA GLU C 299 -21.37 58.61 -20.67
C GLU C 299 -20.53 57.34 -20.78
N GLU C 300 -19.26 57.41 -20.37
CA GLU C 300 -18.39 56.25 -20.45
C GLU C 300 -19.03 55.04 -19.78
N ALA C 301 -19.84 55.29 -18.74
CA ALA C 301 -20.54 54.25 -17.99
C ALA C 301 -21.65 53.62 -18.84
N GLU C 302 -22.24 54.41 -19.75
CA GLU C 302 -23.25 53.91 -20.69
C GLU C 302 -22.59 53.23 -21.90
N LEU C 303 -21.31 53.55 -22.15
CA LEU C 303 -20.52 52.81 -23.12
C LEU C 303 -20.21 51.41 -22.57
N GLU C 304 -19.88 51.36 -21.27
CA GLU C 304 -19.54 50.07 -20.62
C GLU C 304 -20.84 49.32 -20.35
N LEU C 305 -21.87 50.03 -19.88
CA LEU C 305 -23.18 49.37 -19.68
C LEU C 305 -23.59 48.75 -21.01
N ALA C 306 -23.44 49.50 -22.10
CA ALA C 306 -23.78 48.97 -23.44
C ALA C 306 -22.89 47.75 -23.73
N GLU C 307 -21.57 47.91 -23.54
CA GLU C 307 -20.62 46.80 -23.85
C GLU C 307 -20.98 45.60 -22.97
N ASN C 308 -21.19 45.83 -21.67
CA ASN C 308 -21.48 44.72 -20.74
C ASN C 308 -22.85 44.13 -21.06
N ARG C 309 -23.85 44.99 -21.29
CA ARG C 309 -25.22 44.52 -21.58
C ARG C 309 -25.18 43.71 -22.88
N GLU C 310 -24.16 43.96 -23.71
CA GLU C 310 -24.01 43.20 -24.98
C GLU C 310 -23.65 41.74 -24.66
N PRO C 315 -24.99 32.25 -25.01
CA PRO C 315 -24.34 32.26 -23.69
C PRO C 315 -22.92 31.67 -23.78
N VAL C 316 -22.30 31.40 -22.63
CA VAL C 316 -20.89 30.88 -22.63
C VAL C 316 -20.79 29.64 -21.74
N HIS C 317 -19.92 28.71 -22.11
CA HIS C 317 -19.73 27.47 -21.31
C HIS C 317 -18.28 27.37 -20.86
N GLY C 318 -18.03 26.68 -19.75
CA GLY C 318 -16.66 26.57 -19.21
C GLY C 318 -16.21 25.13 -19.15
N VAL C 319 -14.92 24.89 -19.34
CA VAL C 319 -14.41 23.52 -19.38
C VAL C 319 -13.88 23.13 -18.00
N TYR C 320 -13.52 21.86 -17.84
CA TYR C 320 -12.95 21.38 -16.56
C TYR C 320 -11.46 21.12 -16.74
N TYR C 321 -10.75 20.70 -15.69
CA TYR C 321 -9.28 20.58 -15.79
C TYR C 321 -8.84 19.20 -16.28
N ASP C 322 -8.00 19.15 -17.32
CA ASP C 322 -7.41 17.87 -17.77
C ASP C 322 -5.91 17.97 -17.57
N PRO C 323 -5.35 17.47 -16.44
CA PRO C 323 -3.93 17.64 -16.14
C PRO C 323 -3.03 17.35 -17.35
N SER C 324 -3.43 16.41 -18.20
CA SER C 324 -2.58 16.03 -19.36
C SER C 324 -2.33 17.25 -20.25
N LYS C 325 -3.38 18.00 -20.59
CA LYS C 325 -3.23 19.20 -21.43
C LYS C 325 -2.56 20.31 -20.62
N ASP C 326 -1.75 21.16 -21.26
CA ASP C 326 -1.01 22.21 -20.53
C ASP C 326 -1.92 23.42 -20.28
N LEU C 327 -1.42 24.41 -19.54
CA LEU C 327 -2.23 25.62 -19.22
C LEU C 327 -1.70 26.80 -20.02
N ILE C 328 -2.56 27.42 -20.84
CA ILE C 328 -2.17 28.59 -21.60
C ILE C 328 -2.97 29.80 -21.11
N ALA C 329 -2.25 30.91 -20.85
CA ALA C 329 -2.86 32.18 -20.50
C ALA C 329 -2.60 33.19 -21.61
N GLU C 330 -3.68 33.77 -22.15
CA GLU C 330 -3.60 34.86 -23.10
C GLU C 330 -4.11 36.13 -22.45
N ILE C 331 -3.40 37.24 -22.70
CA ILE C 331 -3.76 38.54 -22.17
C ILE C 331 -4.01 39.50 -23.34
N GLN C 332 -5.13 40.21 -23.27
CA GLN C 332 -5.60 41.10 -24.32
C GLN C 332 -5.79 42.51 -23.73
N LYS C 333 -5.30 43.53 -24.44
CA LYS C 333 -5.33 44.91 -23.96
C LYS C 333 -6.68 45.54 -24.29
N GLN C 334 -7.34 46.14 -23.28
N GLN C 334 -7.31 46.15 -23.26
CA GLN C 334 -8.60 46.85 -23.49
CA GLN C 334 -8.60 46.83 -23.40
C GLN C 334 -8.44 48.28 -22.94
C GLN C 334 -8.43 48.30 -22.99
N GLY C 335 -9.55 48.98 -22.73
CA GLY C 335 -9.55 50.42 -22.42
C GLY C 335 -8.57 50.80 -21.30
N GLN C 336 -7.94 51.97 -21.46
CA GLN C 336 -6.81 52.40 -20.63
C GLN C 336 -7.02 52.01 -19.17
N GLY C 337 -5.99 51.39 -18.59
CA GLY C 337 -5.96 50.98 -17.20
C GLY C 337 -6.63 49.64 -16.94
N GLN C 338 -7.08 48.96 -18.01
CA GLN C 338 -7.94 47.78 -17.92
C GLN C 338 -7.43 46.70 -18.88
N TRP C 339 -7.36 45.44 -18.42
CA TRP C 339 -7.01 44.30 -19.26
C TRP C 339 -8.04 43.17 -19.14
N THR C 340 -7.95 42.19 -20.05
CA THR C 340 -8.71 40.96 -19.95
C THR C 340 -7.77 39.79 -20.18
N TYR C 341 -8.20 38.57 -19.83
CA TYR C 341 -7.37 37.38 -20.01
C TYR C 341 -8.22 36.12 -20.06
N GLN C 342 -7.75 35.14 -20.83
CA GLN C 342 -8.38 33.82 -20.87
C GLN C 342 -7.30 32.75 -20.62
N ILE C 343 -7.74 31.65 -19.98
CA ILE C 343 -6.89 30.49 -19.71
C ILE C 343 -7.57 29.26 -20.32
N TYR C 344 -6.87 28.61 -21.25
CA TYR C 344 -7.44 27.49 -21.96
C TYR C 344 -6.42 26.34 -21.95
N GLN C 345 -6.90 25.12 -22.18
CA GLN C 345 -5.99 23.96 -22.27
C GLN C 345 -5.91 23.60 -23.76
N GLU C 346 -7.05 23.70 -24.45
CA GLU C 346 -7.08 23.48 -25.91
C GLU C 346 -7.62 24.76 -26.55
N PRO C 347 -7.25 25.11 -27.79
CA PRO C 347 -7.68 26.37 -28.38
C PRO C 347 -9.22 26.47 -28.36
N PHE C 348 -9.76 27.65 -28.07
CA PHE C 348 -11.23 27.86 -28.10
C PHE C 348 -11.89 27.07 -26.97
N LYS C 349 -11.10 26.55 -26.02
CA LYS C 349 -11.66 25.81 -24.87
C LYS C 349 -11.25 26.52 -23.58
N ASN C 350 -11.77 27.74 -23.38
CA ASN C 350 -11.38 28.54 -22.20
C ASN C 350 -11.99 27.91 -20.94
N LEU C 351 -11.15 27.43 -20.02
CA LEU C 351 -11.66 26.86 -18.74
C LEU C 351 -12.15 28.02 -17.88
N LYS C 352 -11.46 29.16 -17.95
CA LYS C 352 -11.85 30.32 -17.18
C LYS C 352 -11.19 31.57 -17.76
N THR C 353 -11.84 32.71 -17.53
CA THR C 353 -11.42 34.01 -18.06
C THR C 353 -11.51 35.07 -16.97
N GLY C 354 -10.73 36.16 -17.11
CA GLY C 354 -10.69 37.21 -16.11
C GLY C 354 -10.18 38.54 -16.65
N LYS C 355 -10.04 39.51 -15.74
CA LYS C 355 -9.67 40.88 -16.08
C LYS C 355 -8.81 41.43 -14.94
N TYR C 356 -7.99 42.45 -15.22
CA TYR C 356 -7.10 43.02 -14.22
C TYR C 356 -7.46 44.48 -13.96
N ALA C 357 -7.58 44.81 -12.66
CA ALA C 357 -7.83 46.16 -12.18
C ALA C 357 -6.53 46.98 -12.25
N ARG C 358 -6.64 48.25 -12.67
CA ARG C 358 -5.50 49.14 -12.80
C ARG C 358 -4.79 49.29 -11.45
N MET C 359 -3.51 49.69 -11.49
CA MET C 359 -2.66 49.71 -10.31
C MET C 359 -3.33 50.55 -9.22
N ARG C 360 -2.94 50.30 -7.97
CA ARG C 360 -3.31 51.14 -6.85
C ARG C 360 -2.33 52.31 -6.78
N GLY C 361 -1.18 52.16 -7.46
CA GLY C 361 -0.27 53.28 -7.71
C GLY C 361 -0.95 54.39 -8.51
N ALA C 362 -0.34 55.57 -8.52
CA ALA C 362 -0.94 56.71 -9.20
C ALA C 362 -0.57 56.68 -10.68
N HIS C 363 0.74 56.69 -10.98
CA HIS C 363 1.24 56.76 -12.35
C HIS C 363 1.79 55.41 -12.76
N THR C 364 1.26 54.89 -13.87
CA THR C 364 1.52 53.54 -14.32
C THR C 364 1.69 53.58 -15.84
N ASN C 365 2.58 52.75 -16.39
CA ASN C 365 2.64 52.57 -17.83
C ASN C 365 2.01 51.22 -18.15
N ASP C 366 1.99 50.85 -19.44
CA ASP C 366 1.34 49.63 -19.88
C ASP C 366 2.23 48.42 -19.58
N VAL C 367 3.54 48.55 -19.81
CA VAL C 367 4.43 47.41 -19.66
C VAL C 367 4.46 46.98 -18.20
N LYS C 368 4.51 47.93 -17.26
CA LYS C 368 4.50 47.55 -15.85
C LYS C 368 3.15 46.95 -15.46
N GLN C 369 2.07 47.30 -16.16
CA GLN C 369 0.74 46.82 -15.77
C GLN C 369 0.52 45.40 -16.27
N LEU C 370 1.04 45.11 -17.45
CA LEU C 370 1.00 43.75 -17.98
C LEU C 370 1.76 42.82 -17.03
N THR C 371 2.92 43.27 -16.55
CA THR C 371 3.67 42.62 -15.48
C THR C 371 2.75 42.24 -14.33
N GLU C 372 2.21 43.27 -13.66
CA GLU C 372 1.33 43.09 -12.51
C GLU C 372 0.13 42.22 -12.91
N ALA C 373 -0.22 42.18 -14.19
CA ALA C 373 -1.29 41.29 -14.63
C ALA C 373 -0.80 39.84 -14.68
N VAL C 374 0.42 39.63 -15.20
CA VAL C 374 1.03 38.31 -15.21
C VAL C 374 1.09 37.80 -13.77
N GLN C 375 1.46 38.67 -12.84
CA GLN C 375 1.54 38.27 -11.44
C GLN C 375 0.19 37.79 -10.91
N LYS C 376 -0.92 38.40 -11.31
CA LYS C 376 -2.17 38.03 -10.68
C LYS C 376 -2.59 36.66 -11.19
N ILE C 377 -2.44 36.45 -12.50
CA ILE C 377 -2.78 35.20 -13.16
C ILE C 377 -1.94 34.08 -12.54
N THR C 378 -0.62 34.29 -12.47
CA THR C 378 0.32 33.34 -11.90
C THR C 378 -0.16 32.88 -10.52
N THR C 379 -0.60 33.81 -9.65
CA THR C 379 -1.09 33.43 -8.34
C THR C 379 -2.42 32.69 -8.46
N GLU C 380 -3.26 33.07 -9.42
CA GLU C 380 -4.54 32.41 -9.57
C GLU C 380 -4.34 30.98 -10.09
N SER C 381 -3.44 30.80 -11.06
CA SER C 381 -3.19 29.47 -11.61
C SER C 381 -2.64 28.53 -10.53
N ILE C 382 -1.85 29.07 -9.60
CA ILE C 382 -1.20 28.26 -8.57
C ILE C 382 -2.27 27.80 -7.58
N VAL C 383 -3.26 28.63 -7.31
CA VAL C 383 -4.28 28.24 -6.36
C VAL C 383 -5.19 27.18 -7.00
N ILE C 384 -5.62 27.40 -8.24
CA ILE C 384 -6.71 26.60 -8.81
C ILE C 384 -6.24 25.25 -9.33
N TRP C 385 -5.09 25.24 -10.00
CA TRP C 385 -4.57 24.04 -10.64
C TRP C 385 -3.33 23.54 -9.93
N GLY C 386 -2.60 24.43 -9.24
CA GLY C 386 -1.35 24.07 -8.60
C GLY C 386 -0.13 24.22 -9.52
N LYS C 387 -0.32 24.82 -10.70
CA LYS C 387 0.80 25.16 -11.55
C LYS C 387 0.57 26.51 -12.23
N THR C 388 1.64 27.06 -12.81
CA THR C 388 1.58 28.29 -13.59
C THR C 388 1.19 27.95 -15.02
N PRO C 389 0.66 28.91 -15.82
CA PRO C 389 0.57 28.76 -17.27
C PRO C 389 1.81 29.28 -17.99
N LYS C 390 1.97 28.79 -19.23
CA LYS C 390 2.71 29.51 -20.26
C LYS C 390 1.83 30.67 -20.71
N PHE C 391 2.48 31.77 -21.11
CA PHE C 391 1.80 33.03 -21.35
C PHE C 391 1.89 33.45 -22.82
N LYS C 392 0.74 33.85 -23.37
CA LYS C 392 0.68 34.49 -24.69
C LYS C 392 0.32 35.97 -24.52
N LEU C 393 1.24 36.85 -25.01
CA LEU C 393 1.29 38.25 -24.62
C LEU C 393 1.33 39.17 -25.84
N PRO C 394 0.66 40.35 -25.79
CA PRO C 394 0.84 41.41 -26.79
C PRO C 394 1.91 42.43 -26.40
N ILE C 395 3.17 42.04 -26.65
CA ILE C 395 4.33 42.89 -26.48
C ILE C 395 5.52 42.15 -27.11
N GLN C 396 6.31 42.83 -27.93
CA GLN C 396 7.52 42.22 -28.49
C GLN C 396 8.51 41.92 -27.38
N LYS C 397 9.66 41.37 -27.76
CA LYS C 397 10.67 40.96 -26.79
C LYS C 397 11.60 42.14 -26.47
N GLU C 398 12.08 42.84 -27.49
CA GLU C 398 12.97 43.98 -27.31
C GLU C 398 12.25 45.09 -26.58
N THR C 399 10.90 45.11 -26.67
CA THR C 399 10.06 46.03 -25.91
C THR C 399 10.20 45.73 -24.42
N TRP C 400 9.98 44.46 -24.06
CA TRP C 400 10.22 44.03 -22.70
C TRP C 400 11.69 44.30 -22.34
N GLU C 401 12.61 43.71 -23.10
CA GLU C 401 14.05 43.77 -22.82
C GLU C 401 14.47 45.16 -22.33
N THR C 402 14.07 46.20 -23.07
CA THR C 402 14.54 47.55 -22.79
C THR C 402 13.92 48.02 -21.47
N TRP C 403 12.60 47.89 -21.35
CA TRP C 403 11.92 48.26 -20.10
C TRP C 403 12.67 47.67 -18.91
N TRP C 404 12.75 46.33 -18.88
CA TRP C 404 13.50 45.59 -17.87
C TRP C 404 14.88 46.23 -17.66
N THR C 405 15.65 46.40 -18.75
CA THR C 405 17.01 46.91 -18.67
C THR C 405 17.03 48.11 -17.73
N GLU C 406 16.14 49.06 -18.01
CA GLU C 406 16.18 50.38 -17.40
C GLU C 406 15.38 50.44 -16.11
N TYR C 407 14.50 49.48 -15.84
CA TYR C 407 13.67 49.61 -14.65
C TYR C 407 14.55 49.41 -13.43
N TRP C 408 14.53 50.40 -12.52
CA TRP C 408 15.27 50.40 -11.26
C TRP C 408 14.82 49.26 -10.35
N GLN C 409 13.64 48.69 -10.65
CA GLN C 409 13.06 47.63 -9.84
C GLN C 409 13.36 46.28 -10.50
N ALA C 410 13.65 45.28 -9.66
CA ALA C 410 13.78 43.90 -10.12
C ALA C 410 12.41 43.42 -10.54
N THR C 411 12.36 42.67 -11.66
CA THR C 411 11.11 42.09 -12.14
C THR C 411 11.44 40.74 -12.75
N TRP C 412 10.47 39.84 -12.75
CA TRP C 412 10.57 38.58 -13.47
C TRP C 412 9.25 38.28 -14.18
N ILE C 413 9.36 37.69 -15.37
CA ILE C 413 8.22 37.21 -16.12
C ILE C 413 8.54 35.81 -16.66
N PRO C 414 7.64 34.83 -16.43
CA PRO C 414 7.73 33.54 -17.14
C PRO C 414 7.85 33.79 -18.64
N GLU C 415 8.68 32.98 -19.32
CA GLU C 415 8.83 33.07 -20.77
C GLU C 415 7.45 32.99 -21.41
N TRP C 416 7.34 33.45 -22.67
CA TRP C 416 6.04 33.70 -23.26
C TRP C 416 6.13 33.68 -24.77
N GLU C 417 4.96 33.74 -25.43
CA GLU C 417 4.85 33.78 -26.88
C GLU C 417 4.17 35.08 -27.31
N PHE C 418 4.87 35.90 -28.11
CA PHE C 418 4.31 37.15 -28.61
C PHE C 418 3.10 36.86 -29.48
N VAL C 419 2.05 37.67 -29.39
CA VAL C 419 0.93 37.57 -30.32
C VAL C 419 0.68 38.95 -30.95
N ASN C 420 0.40 38.92 -32.26
CA ASN C 420 0.28 40.13 -33.07
C ASN C 420 -1.09 40.76 -32.83
N THR C 421 -1.97 40.05 -32.12
CA THR C 421 -3.27 40.58 -31.75
C THR C 421 -3.11 42.00 -31.22
N PRO C 422 -3.58 43.04 -31.95
CA PRO C 422 -3.46 44.42 -31.47
C PRO C 422 -4.50 44.70 -30.39
N PRO C 423 -4.37 45.78 -29.57
CA PRO C 423 -3.20 46.66 -29.58
C PRO C 423 -2.03 46.29 -28.67
N LEU C 424 -0.82 46.22 -29.26
CA LEU C 424 0.40 45.87 -28.55
C LEU C 424 0.68 46.86 -27.42
N VAL C 425 1.36 46.37 -26.38
CA VAL C 425 1.97 47.24 -25.37
C VAL C 425 3.26 47.79 -25.98
N LYS C 426 3.30 49.12 -26.16
CA LYS C 426 4.44 49.84 -26.75
C LYS C 426 4.86 50.97 -25.81
N LEU C 427 6.15 51.33 -25.88
CA LEU C 427 6.69 52.43 -25.10
C LEU C 427 6.55 53.72 -25.91
N TRP C 428 5.76 54.66 -25.36
CA TRP C 428 5.39 55.87 -26.07
C TRP C 428 6.57 56.83 -26.20
N TYR C 429 7.45 56.88 -25.19
CA TYR C 429 8.57 57.82 -25.27
C TYR C 429 9.72 57.35 -24.40
N GLN C 430 10.89 57.96 -24.65
CA GLN C 430 12.11 57.64 -23.92
C GLN C 430 12.86 58.95 -23.65
N LEU C 431 12.87 59.41 -22.40
CA LEU C 431 13.75 60.53 -22.08
C LEU C 431 15.15 60.24 -22.59
N GLU C 432 15.74 61.20 -23.30
CA GLU C 432 17.16 61.16 -23.61
C GLU C 432 17.95 60.94 -22.32
N LYS C 433 19.03 60.17 -22.43
CA LYS C 433 19.90 59.90 -21.29
C LYS C 433 21.08 60.88 -21.29
N GLU C 434 21.13 61.79 -22.27
CA GLU C 434 22.21 62.76 -22.39
C GLU C 434 21.69 64.13 -22.85
N PRO C 435 22.25 65.24 -22.31
CA PRO C 435 21.88 66.61 -22.72
C PRO C 435 21.94 66.83 -24.23
N ILE C 436 21.05 67.69 -24.74
CA ILE C 436 20.98 67.95 -26.17
C ILE C 436 21.74 69.25 -26.45
N VAL C 437 22.73 69.16 -27.35
CA VAL C 437 23.53 70.30 -27.80
C VAL C 437 22.71 71.12 -28.79
N GLY C 438 22.59 72.43 -28.51
CA GLY C 438 21.82 73.37 -29.32
C GLY C 438 20.33 73.41 -28.98
N ALA C 439 19.92 72.89 -27.82
CA ALA C 439 18.51 72.90 -27.46
C ALA C 439 18.29 73.84 -26.28
N GLU C 440 17.12 74.49 -26.28
CA GLU C 440 16.83 75.50 -25.28
C GLU C 440 16.71 74.86 -23.90
N THR C 441 17.22 75.58 -22.89
CA THR C 441 17.56 75.00 -21.60
C THR C 441 16.76 75.67 -20.49
N PHE C 442 15.56 75.15 -20.24
CA PHE C 442 14.68 75.75 -19.26
C PHE C 442 15.05 75.34 -17.83
N TYR C 443 15.08 76.33 -16.94
CA TYR C 443 15.24 76.05 -15.49
C TYR C 443 13.89 76.35 -14.87
N VAL C 444 13.22 75.37 -14.27
CA VAL C 444 11.86 75.55 -13.80
C VAL C 444 11.83 75.34 -12.30
N ASP C 445 10.82 75.94 -11.66
CA ASP C 445 10.44 75.64 -10.29
C ASP C 445 8.97 76.04 -10.08
N GLY C 446 8.47 75.76 -8.88
CA GLY C 446 7.16 76.19 -8.42
C GLY C 446 7.14 76.30 -6.90
N ALA C 447 6.02 76.81 -6.36
CA ALA C 447 5.81 76.93 -4.93
C ALA C 447 4.35 77.31 -4.68
N ALA C 448 3.95 77.31 -3.40
CA ALA C 448 2.56 77.66 -3.04
C ALA C 448 2.52 78.15 -1.59
N ASN C 449 1.33 78.34 -1.02
CA ASN C 449 1.21 78.87 0.36
C ASN C 449 0.26 77.98 1.18
N ARG C 450 0.36 78.04 2.51
CA ARG C 450 -0.51 77.20 3.38
C ARG C 450 -1.93 77.21 2.81
N GLU C 451 -2.41 78.36 2.35
CA GLU C 451 -3.74 78.40 1.69
C GLU C 451 -3.61 77.76 0.31
N THR C 452 -4.29 76.64 0.07
CA THR C 452 -4.12 75.89 -1.20
C THR C 452 -4.32 76.83 -2.39
N LYS C 453 -5.26 77.76 -2.30
CA LYS C 453 -5.58 78.62 -3.47
C LYS C 453 -4.28 79.26 -3.97
N LEU C 454 -3.22 79.22 -3.16
CA LEU C 454 -1.92 79.76 -3.62
C LEU C 454 -1.44 78.95 -4.82
N GLY C 455 -0.37 79.40 -5.46
CA GLY C 455 0.18 78.61 -6.58
C GLY C 455 0.90 79.49 -7.58
N LYS C 456 2.17 79.20 -7.83
CA LYS C 456 2.92 79.98 -8.86
C LYS C 456 4.06 79.12 -9.41
N ALA C 457 4.07 78.88 -10.72
CA ALA C 457 5.16 78.11 -11.35
C ALA C 457 5.64 78.82 -12.61
N GLY C 458 6.94 78.73 -12.93
CA GLY C 458 7.49 79.41 -14.11
C GLY C 458 8.81 78.82 -14.56
N TYR C 459 9.50 79.48 -15.49
CA TYR C 459 10.79 78.97 -16.02
C TYR C 459 11.76 80.10 -16.34
N VAL C 460 13.02 79.76 -16.63
CA VAL C 460 14.06 80.76 -17.04
C VAL C 460 14.95 80.04 -18.06
N THR C 461 15.05 80.55 -19.28
CA THR C 461 15.80 79.80 -20.33
C THR C 461 17.17 80.40 -20.60
N ASN C 462 18.05 79.61 -21.22
CA ASN C 462 19.43 80.08 -21.55
C ASN C 462 19.31 81.24 -22.54
N LYS C 463 18.26 81.25 -23.35
CA LYS C 463 18.10 82.30 -24.38
C LYS C 463 17.60 83.58 -23.72
N GLY C 464 17.29 83.52 -22.42
CA GLY C 464 16.87 84.70 -21.68
C GLY C 464 15.35 84.77 -21.42
N ARG C 465 14.56 83.88 -22.04
CA ARG C 465 13.11 83.87 -21.88
C ARG C 465 12.73 83.64 -20.42
N GLN C 466 11.53 84.06 -20.04
CA GLN C 466 11.02 83.84 -18.70
C GLN C 466 9.50 83.70 -18.74
N LYS C 467 8.94 83.33 -17.60
CA LYS C 467 7.50 83.19 -17.46
C LYS C 467 7.16 82.97 -15.98
N VAL C 468 5.87 83.02 -15.68
CA VAL C 468 5.38 82.53 -14.42
C VAL C 468 3.86 82.58 -14.51
N VAL C 469 3.19 81.67 -13.81
CA VAL C 469 1.77 81.47 -13.98
C VAL C 469 1.11 81.38 -12.61
N PRO C 470 0.01 82.13 -12.38
CA PRO C 470 -0.74 82.00 -11.13
C PRO C 470 -1.55 80.71 -11.10
N LEU C 471 -1.46 80.02 -9.96
CA LEU C 471 -2.12 78.70 -9.86
C LEU C 471 -2.97 78.69 -8.58
N THR C 472 -4.20 78.19 -8.68
CA THR C 472 -5.12 78.17 -7.53
C THR C 472 -5.31 76.73 -7.07
N ASN C 473 -5.42 76.52 -5.75
CA ASN C 473 -5.62 75.15 -5.21
C ASN C 473 -4.50 74.27 -5.73
N THR C 474 -3.28 74.51 -5.27
CA THR C 474 -2.13 73.72 -5.77
C THR C 474 -1.25 73.29 -4.61
N THR C 475 -0.49 72.21 -4.79
CA THR C 475 0.43 71.71 -3.74
C THR C 475 1.86 71.98 -4.19
N ASN C 476 2.76 72.28 -3.27
CA ASN C 476 4.15 72.43 -3.66
C ASN C 476 4.46 71.32 -4.66
N GLN C 477 3.90 70.13 -4.42
CA GLN C 477 4.11 69.05 -5.36
C GLN C 477 3.59 69.47 -6.73
N LYS C 478 2.30 69.81 -6.80
CA LYS C 478 1.63 69.98 -8.08
C LYS C 478 2.33 71.07 -8.90
N THR C 479 2.73 72.19 -8.27
CA THR C 479 3.30 73.31 -9.00
C THR C 479 4.58 72.89 -9.71
N GLU C 480 5.42 72.13 -8.98
CA GLU C 480 6.66 71.59 -9.51
C GLU C 480 6.41 70.80 -10.81
N LEU C 481 5.25 70.12 -10.88
CA LEU C 481 4.83 69.44 -12.09
C LEU C 481 4.42 70.45 -13.17
N GLN C 482 3.67 71.49 -12.76
CA GLN C 482 3.19 72.52 -13.68
C GLN C 482 4.39 73.14 -14.40
N ALA C 483 5.37 73.60 -13.62
CA ALA C 483 6.60 74.13 -14.21
C ALA C 483 7.14 73.20 -15.30
N ILE C 484 7.22 71.89 -15.03
CA ILE C 484 7.70 70.96 -16.04
C ILE C 484 6.78 71.07 -17.25
N TYR C 485 5.48 71.12 -16.97
CA TYR C 485 4.50 71.11 -18.03
C TYR C 485 4.64 72.36 -18.88
N LEU C 486 4.90 73.47 -18.18
CA LEU C 486 4.96 74.81 -18.75
C LEU C 486 6.13 74.92 -19.72
N ALA C 487 7.28 74.33 -19.33
CA ALA C 487 8.47 74.36 -20.16
C ALA C 487 8.28 73.49 -21.40
N LEU C 488 7.37 72.52 -21.32
CA LEU C 488 7.17 71.59 -22.42
C LEU C 488 6.30 72.24 -23.49
N GLN C 489 5.27 72.97 -23.06
CA GLN C 489 4.33 73.58 -24.05
C GLN C 489 4.97 74.83 -24.66
N ASP C 490 5.94 75.42 -23.95
CA ASP C 490 6.57 76.68 -24.43
C ASP C 490 7.97 76.38 -24.99
N SER C 491 8.16 75.20 -25.58
CA SER C 491 9.53 74.83 -26.02
C SER C 491 9.52 74.16 -27.39
N GLY C 492 10.70 74.01 -27.99
CA GLY C 492 10.82 73.35 -29.27
C GLY C 492 10.57 71.85 -29.14
N LEU C 493 10.84 71.12 -30.22
CA LEU C 493 10.74 69.67 -30.22
C LEU C 493 11.90 69.07 -29.43
N GLU C 494 13.09 69.69 -29.52
CA GLU C 494 14.20 69.34 -28.65
C GLU C 494 14.23 70.31 -27.47
N VAL C 495 14.53 69.79 -26.28
CA VAL C 495 14.48 70.60 -25.07
C VAL C 495 15.39 70.00 -24.01
N ASN C 496 15.96 70.89 -23.18
CA ASN C 496 16.55 70.50 -21.92
C ASN C 496 15.77 71.18 -20.81
N ILE C 497 15.41 70.40 -19.79
CA ILE C 497 14.67 70.87 -18.63
C ILE C 497 15.49 70.53 -17.39
N VAL C 498 15.32 71.29 -16.30
CA VAL C 498 15.98 70.96 -15.05
C VAL C 498 15.10 71.44 -13.91
N THR C 499 14.88 70.56 -12.93
CA THR C 499 14.08 70.93 -11.78
C THR C 499 14.84 70.58 -10.51
N ASP C 500 14.36 71.14 -9.40
CA ASP C 500 14.96 70.97 -8.09
C ASP C 500 14.11 70.00 -7.26
N SER C 501 13.15 69.36 -7.93
CA SER C 501 12.12 68.58 -7.27
C SER C 501 12.32 67.10 -7.57
N GLN C 502 12.80 66.35 -6.57
CA GLN C 502 12.86 64.90 -6.70
C GLN C 502 11.46 64.37 -7.00
N TYR C 503 10.45 64.86 -6.25
CA TYR C 503 9.10 64.33 -6.34
C TYR C 503 8.67 64.15 -7.80
N ALA C 504 9.01 65.16 -8.61
CA ALA C 504 8.51 65.29 -9.97
C ALA C 504 9.40 64.50 -10.94
N LEU C 505 10.72 64.58 -10.76
CA LEU C 505 11.64 63.74 -11.51
C LEU C 505 11.29 62.27 -11.28
N GLY C 506 10.85 61.94 -10.06
CA GLY C 506 10.44 60.59 -9.69
C GLY C 506 9.31 60.05 -10.59
N ILE C 507 8.36 60.92 -10.91
CA ILE C 507 7.22 60.55 -11.73
C ILE C 507 7.66 60.37 -13.18
N ILE C 508 8.40 61.34 -13.69
CA ILE C 508 8.64 61.42 -15.12
C ILE C 508 9.63 60.33 -15.53
N GLN C 509 10.65 60.06 -14.71
CA GLN C 509 11.61 59.01 -15.03
C GLN C 509 10.91 57.66 -15.07
N ALA C 510 9.89 57.50 -14.22
CA ALA C 510 9.03 56.32 -14.27
C ALA C 510 8.55 56.04 -15.70
N GLN C 511 8.40 57.09 -16.50
CA GLN C 511 7.87 57.00 -17.85
C GLN C 511 6.41 56.54 -17.80
N PRO C 512 5.51 57.27 -17.11
CA PRO C 512 4.09 56.94 -17.13
C PRO C 512 3.59 57.01 -18.56
N ASP C 513 2.58 56.18 -18.86
CA ASP C 513 1.79 56.26 -20.07
C ASP C 513 0.35 56.60 -19.68
N LYS C 514 0.10 56.52 -18.36
CA LYS C 514 -1.24 56.62 -17.79
C LYS C 514 -1.08 57.30 -16.44
N SER C 515 -2.16 57.91 -15.95
CA SER C 515 -2.20 58.47 -14.60
C SER C 515 -3.62 58.82 -14.19
N GLU C 516 -3.78 59.13 -12.90
CA GLU C 516 -5.03 59.63 -12.31
C GLU C 516 -5.14 61.14 -12.58
N SER C 517 -4.07 61.90 -12.27
CA SER C 517 -4.08 63.36 -12.36
C SER C 517 -4.08 63.84 -13.81
N GLU C 518 -5.03 64.73 -14.12
CA GLU C 518 -5.29 65.17 -15.48
C GLU C 518 -4.05 65.93 -16.00
N LEU C 519 -3.34 66.61 -15.08
CA LEU C 519 -2.10 67.32 -15.38
C LEU C 519 -1.03 66.40 -15.98
N VAL C 520 -0.77 65.26 -15.34
CA VAL C 520 0.31 64.38 -15.77
C VAL C 520 -0.01 63.91 -17.19
N ASN C 521 -1.29 63.63 -17.45
CA ASN C 521 -1.70 63.13 -18.74
C ASN C 521 -1.32 64.12 -19.84
N GLN C 522 -1.42 65.41 -19.51
CA GLN C 522 -1.03 66.48 -20.41
C GLN C 522 0.49 66.50 -20.59
N ILE C 523 1.23 66.40 -19.49
CA ILE C 523 2.68 66.30 -19.55
C ILE C 523 3.02 65.11 -20.44
N ILE C 524 2.35 63.99 -20.21
CA ILE C 524 2.61 62.83 -21.03
C ILE C 524 2.37 63.26 -22.47
N GLU C 525 1.14 63.71 -22.79
CA GLU C 525 0.79 64.05 -24.15
C GLU C 525 1.94 64.83 -24.79
N GLN C 526 2.48 65.83 -24.07
CA GLN C 526 3.52 66.69 -24.62
C GLN C 526 4.76 65.89 -24.96
N LEU C 527 5.26 65.11 -23.98
CA LEU C 527 6.50 64.35 -24.10
C LEU C 527 6.44 63.40 -25.30
N ILE C 528 5.24 62.96 -25.66
CA ILE C 528 5.08 62.10 -26.86
C ILE C 528 5.23 62.99 -28.10
N LYS C 529 4.59 64.16 -28.09
CA LYS C 529 4.65 65.08 -29.25
C LYS C 529 6.10 65.53 -29.49
N LYS C 530 6.83 65.76 -28.40
CA LYS C 530 8.25 66.23 -28.52
C LYS C 530 9.11 65.13 -29.14
N GLU C 531 10.31 65.49 -29.60
CA GLU C 531 11.21 64.49 -30.23
C GLU C 531 12.32 64.10 -29.24
N LYS C 532 12.94 65.07 -28.60
CA LYS C 532 14.07 64.77 -27.67
C LYS C 532 13.91 65.59 -26.39
N VAL C 533 13.85 64.93 -25.23
CA VAL C 533 13.63 65.63 -23.97
C VAL C 533 14.60 65.11 -22.91
N TYR C 534 15.74 65.78 -22.75
CA TYR C 534 16.59 65.53 -21.59
C TYR C 534 15.99 66.24 -20.37
N LEU C 535 16.38 65.83 -19.16
CA LEU C 535 15.81 66.35 -17.93
C LEU C 535 16.75 66.03 -16.77
N ALA C 536 17.29 67.08 -16.13
CA ALA C 536 18.26 66.93 -15.05
C ALA C 536 17.63 67.33 -13.72
N TRP C 537 18.40 67.12 -12.66
CA TRP C 537 18.02 67.53 -11.32
C TRP C 537 19.20 68.28 -10.73
N VAL C 538 18.92 69.25 -9.84
CA VAL C 538 19.93 69.86 -9.01
C VAL C 538 19.31 70.12 -7.65
N PRO C 539 20.11 70.26 -6.58
CA PRO C 539 19.58 70.46 -5.24
C PRO C 539 19.02 71.86 -5.12
N ALA C 540 17.94 72.02 -4.36
CA ALA C 540 17.29 73.35 -4.28
C ALA C 540 18.07 74.28 -3.34
N HIS C 541 17.78 75.58 -3.41
CA HIS C 541 18.41 76.54 -2.47
C HIS C 541 19.89 76.20 -2.27
N LYS C 542 20.68 76.30 -3.34
CA LYS C 542 22.14 76.06 -3.21
C LYS C 542 22.87 76.90 -4.25
N GLY C 543 22.35 78.09 -4.55
CA GLY C 543 22.99 78.99 -5.53
C GLY C 543 23.52 78.22 -6.73
N ILE C 544 22.74 77.29 -7.26
CA ILE C 544 23.23 76.44 -8.39
C ILE C 544 22.84 77.10 -9.71
N GLY C 545 22.85 78.42 -9.77
CA GLY C 545 22.57 79.12 -11.04
C GLY C 545 21.09 79.23 -11.32
N GLY C 546 20.63 78.71 -12.45
CA GLY C 546 19.23 78.88 -12.85
C GLY C 546 18.28 78.61 -11.70
N ASN C 547 18.34 77.42 -11.12
CA ASN C 547 17.39 77.07 -10.04
C ASN C 547 17.17 78.31 -9.18
N GLU C 548 18.25 78.88 -8.66
CA GLU C 548 18.14 80.06 -7.78
C GLU C 548 17.21 81.07 -8.43
N GLN C 549 17.58 81.55 -9.62
CA GLN C 549 16.76 82.56 -10.33
C GLN C 549 15.29 82.15 -10.32
N VAL C 550 14.94 81.07 -11.01
CA VAL C 550 13.49 80.72 -11.16
C VAL C 550 12.89 80.56 -9.76
N ASP C 551 13.64 79.94 -8.85
CA ASP C 551 13.15 79.77 -7.46
C ASP C 551 12.65 81.13 -6.96
N LYS C 552 13.50 82.15 -7.00
CA LYS C 552 13.13 83.48 -6.45
C LYS C 552 11.84 83.96 -7.13
N LEU C 553 11.77 83.84 -8.46
CA LEU C 553 10.60 84.34 -9.20
C LEU C 553 9.33 83.61 -8.74
N VAL C 554 9.38 82.29 -8.66
CA VAL C 554 8.19 81.49 -8.29
C VAL C 554 8.04 81.55 -6.78
N SER C 555 9.14 81.81 -6.07
CA SER C 555 9.11 81.80 -4.59
C SER C 555 7.87 82.57 -4.14
N ALA C 556 7.15 82.00 -3.18
CA ALA C 556 5.97 82.70 -2.63
C ALA C 556 6.39 84.10 -2.18
N ILE D 5 16.48 13.09 29.17
CA ILE D 5 15.31 13.76 29.80
C ILE D 5 14.97 15.03 29.01
N GLU D 6 15.86 16.03 29.05
CA GLU D 6 15.66 17.27 28.26
C GLU D 6 14.31 17.91 28.62
N THR D 7 13.40 18.04 27.65
CA THR D 7 12.09 18.70 27.89
C THR D 7 12.33 20.01 28.66
N VAL D 8 13.41 20.71 28.33
CA VAL D 8 13.74 22.00 29.02
C VAL D 8 12.56 22.96 28.86
N PRO D 9 12.13 23.64 29.93
CA PRO D 9 11.02 24.60 29.84
C PRO D 9 11.39 25.78 28.92
N VAL D 10 10.49 26.13 28.00
CA VAL D 10 10.74 27.27 27.07
C VAL D 10 9.45 28.10 26.99
N LYS D 11 9.44 29.27 27.62
CA LYS D 11 8.25 30.11 27.63
C LYS D 11 8.42 31.24 26.61
N LEU D 12 7.30 31.79 26.15
CA LEU D 12 7.30 32.87 25.17
C LEU D 12 7.75 34.18 25.81
N LYS D 13 7.78 35.24 24.99
CA LYS D 13 7.99 36.60 25.46
C LYS D 13 6.89 36.95 26.46
N PRO D 14 7.03 38.05 27.23
CA PRO D 14 5.94 38.55 28.08
C PRO D 14 4.58 38.56 27.37
N GLY D 15 4.57 39.12 26.14
CA GLY D 15 3.39 39.16 25.28
C GLY D 15 3.26 37.88 24.47
N MET D 16 2.67 36.86 25.10
CA MET D 16 2.89 35.48 24.75
C MET D 16 1.76 34.95 23.88
N ASP D 17 1.26 35.76 22.93
CA ASP D 17 0.44 35.23 21.86
C ASP D 17 1.34 34.36 20.99
N GLY D 18 0.78 33.30 20.38
CA GLY D 18 1.56 32.38 19.56
C GLY D 18 1.43 32.66 18.07
N PRO D 19 2.39 32.21 17.22
CA PRO D 19 2.46 32.65 15.82
C PRO D 19 1.18 32.28 15.07
N LYS D 20 0.80 33.09 14.08
CA LYS D 20 -0.42 32.82 13.33
C LYS D 20 -0.22 33.27 11.89
N VAL D 21 0.80 32.72 11.23
CA VAL D 21 1.19 33.15 9.89
C VAL D 21 0.34 32.40 8.86
N LYS D 22 -0.20 33.13 7.87
CA LYS D 22 -0.98 32.53 6.79
C LYS D 22 -0.07 31.72 5.89
N GLN D 23 -0.50 30.50 5.54
CA GLN D 23 0.35 29.60 4.71
C GLN D 23 0.17 29.98 3.24
N TRP D 24 1.26 30.38 2.59
CA TRP D 24 1.20 30.76 1.15
C TRP D 24 0.80 29.55 0.33
N PRO D 25 0.08 29.70 -0.80
CA PRO D 25 -0.25 28.57 -1.67
C PRO D 25 1.03 28.10 -2.36
N LEU D 26 1.14 26.80 -2.62
CA LEU D 26 2.39 26.25 -3.21
C LEU D 26 2.08 25.44 -4.48
N THR D 27 3.00 25.43 -5.45
CA THR D 27 2.82 24.64 -6.65
C THR D 27 2.61 23.20 -6.19
N GLU D 28 1.96 22.38 -7.03
CA GLU D 28 1.66 21.00 -6.68
C GLU D 28 2.96 20.21 -6.46
N GLU D 29 3.85 20.17 -7.46
CA GLU D 29 5.06 19.39 -7.33
C GLU D 29 5.76 19.66 -5.99
N LYS D 30 5.57 20.84 -5.39
CA LYS D 30 6.23 21.18 -4.14
C LYS D 30 5.43 20.65 -2.93
N ILE D 31 4.12 20.48 -3.08
CA ILE D 31 3.32 19.92 -2.00
C ILE D 31 3.65 18.44 -1.83
N LYS D 32 3.49 17.67 -2.90
CA LYS D 32 3.76 16.25 -2.88
C LYS D 32 5.13 16.02 -2.27
N ALA D 33 6.06 16.96 -2.47
CA ALA D 33 7.34 16.87 -1.80
C ALA D 33 7.14 16.94 -0.27
N LEU D 34 6.43 17.96 0.22
CA LEU D 34 6.34 18.17 1.66
C LEU D 34 5.51 17.07 2.31
N VAL D 35 4.69 16.36 1.53
CA VAL D 35 3.90 15.27 2.06
C VAL D 35 4.81 14.07 2.30
N GLU D 36 5.64 13.76 1.30
CA GLU D 36 6.57 12.66 1.43
C GLU D 36 7.44 12.95 2.64
N ILE D 37 8.05 14.15 2.68
CA ILE D 37 9.05 14.49 3.69
C ILE D 37 8.44 14.32 5.08
N CYS D 38 7.14 14.54 5.23
CA CYS D 38 6.55 14.64 6.55
C CYS D 38 6.02 13.27 6.99
N THR D 39 5.56 12.46 6.04
CA THR D 39 5.23 11.07 6.32
C THR D 39 6.40 10.39 7.01
N GLU D 40 7.57 10.41 6.35
CA GLU D 40 8.78 9.80 6.87
C GLU D 40 9.13 10.38 8.25
N MET D 41 9.14 11.71 8.37
CA MET D 41 9.45 12.38 9.63
C MET D 41 8.43 12.05 10.73
N GLU D 42 7.23 11.64 10.30
CA GLU D 42 6.17 11.26 11.28
C GLU D 42 6.48 9.84 11.74
N LYS D 43 6.92 9.00 10.81
CA LYS D 43 7.32 7.62 11.18
C LYS D 43 8.51 7.72 12.13
N GLU D 44 9.42 8.66 11.88
CA GLU D 44 10.61 8.86 12.76
C GLU D 44 10.16 9.55 14.06
N GLY D 45 8.88 9.92 14.16
CA GLY D 45 8.36 10.51 15.41
C GLY D 45 8.85 11.93 15.62
N LYS D 46 9.41 12.55 14.58
CA LYS D 46 9.88 13.96 14.68
C LYS D 46 8.66 14.89 14.75
N ILE D 47 7.62 14.57 13.98
CA ILE D 47 6.38 15.42 13.97
C ILE D 47 5.16 14.51 14.14
N SER D 48 4.02 15.09 14.51
CA SER D 48 2.80 14.31 14.70
C SER D 48 1.62 15.15 14.23
N LYS D 49 0.47 14.51 13.97
CA LYS D 49 -0.72 15.26 13.59
C LYS D 49 -1.18 16.10 14.78
N ILE D 50 -2.01 17.10 14.48
CA ILE D 50 -2.60 17.94 15.50
C ILE D 50 -4.03 18.21 15.07
N GLY D 51 -4.89 18.41 16.10
CA GLY D 51 -6.31 18.65 15.91
C GLY D 51 -6.58 20.14 15.72
N PRO D 52 -7.85 20.57 15.67
CA PRO D 52 -8.16 22.00 15.56
C PRO D 52 -8.10 22.82 16.86
N GLU D 53 -7.62 22.22 17.96
CA GLU D 53 -7.41 22.97 19.20
C GLU D 53 -6.03 23.62 19.20
N ASN D 54 -5.41 23.69 18.02
CA ASN D 54 -4.18 24.43 17.83
C ASN D 54 -4.45 25.48 16.79
N PRO D 55 -4.58 26.77 17.20
CA PRO D 55 -4.84 27.84 16.25
C PRO D 55 -3.57 28.27 15.52
N TYR D 56 -2.42 27.86 16.06
CA TYR D 56 -1.13 28.35 15.60
C TYR D 56 -0.76 27.77 14.24
N ASN D 57 0.27 28.37 13.61
CA ASN D 57 0.73 28.00 12.27
C ASN D 57 2.09 28.66 12.03
N THR D 58 2.70 28.31 10.89
CA THR D 58 4.02 28.76 10.49
C THR D 58 4.26 28.33 9.03
N PRO D 59 4.76 29.21 8.13
CA PRO D 59 4.86 28.86 6.72
C PRO D 59 5.98 27.84 6.47
N VAL D 60 5.69 26.87 5.61
CA VAL D 60 6.65 25.87 5.18
C VAL D 60 6.72 25.92 3.66
N PHE D 61 7.94 25.75 3.14
CA PHE D 61 8.19 25.81 1.71
C PHE D 61 9.03 24.60 1.31
N ALA D 62 8.91 24.21 0.04
CA ALA D 62 9.80 23.25 -0.57
C ALA D 62 10.91 24.00 -1.31
N ILE D 63 12.15 23.58 -1.09
CA ILE D 63 13.31 24.27 -1.72
C ILE D 63 14.43 23.26 -1.95
N LYS D 64 14.71 22.91 -3.21
CA LYS D 64 15.84 22.00 -3.50
C LYS D 64 17.14 22.70 -3.08
N LYS D 65 18.10 21.94 -2.55
CA LYS D 65 19.36 22.56 -2.04
C LYS D 65 20.51 22.28 -3.00
N LYS D 66 21.08 23.33 -3.60
CA LYS D 66 22.24 23.16 -4.51
C LYS D 66 22.00 21.98 -5.44
N ASP D 67 20.87 22.00 -6.17
CA ASP D 67 20.57 20.89 -7.12
C ASP D 67 20.73 19.56 -6.40
N SER D 68 20.09 19.40 -5.24
CA SER D 68 20.19 18.15 -4.46
C SER D 68 19.51 17.01 -5.23
N THR D 69 18.87 17.32 -6.36
CA THR D 69 18.13 16.28 -7.14
C THR D 69 16.98 15.78 -6.27
N LYS D 70 16.80 16.37 -5.09
CA LYS D 70 15.70 15.98 -4.17
C LYS D 70 15.28 17.20 -3.36
N TRP D 71 13.99 17.35 -3.09
CA TRP D 71 13.48 18.54 -2.35
C TRP D 71 13.92 18.46 -0.88
N ARG D 72 13.79 19.57 -0.14
CA ARG D 72 14.14 19.59 1.31
C ARG D 72 13.17 20.52 2.03
N LYS D 73 12.55 20.07 3.12
CA LYS D 73 11.55 20.90 3.78
C LYS D 73 12.21 22.17 4.32
N LEU D 74 11.48 23.29 4.27
CA LEU D 74 11.92 24.56 4.84
C LEU D 74 10.75 25.25 5.55
N VAL D 75 11.08 25.99 6.61
CA VAL D 75 10.08 26.49 7.52
C VAL D 75 10.46 27.93 7.85
N ASP D 76 9.45 28.82 7.93
CA ASP D 76 9.70 30.22 8.21
C ASP D 76 9.28 30.54 9.63
N PHE D 77 10.22 30.39 10.58
CA PHE D 77 9.92 30.49 11.99
C PHE D 77 10.06 31.93 12.51
N ARG D 78 10.31 32.89 11.59
CA ARG D 78 10.60 34.26 11.98
C ARG D 78 9.63 34.70 13.07
N GLU D 79 8.31 34.58 12.81
CA GLU D 79 7.32 35.11 13.73
C GLU D 79 7.38 34.37 15.06
N LEU D 80 7.60 33.04 15.00
CA LEU D 80 7.91 32.30 16.19
C LEU D 80 9.23 32.81 16.77
N ASN D 81 10.29 32.77 15.95
CA ASN D 81 11.66 33.02 16.38
C ASN D 81 11.77 34.29 17.21
N LYS D 82 10.95 35.30 16.90
CA LYS D 82 10.91 36.51 17.70
C LYS D 82 10.60 36.15 19.15
N ARG D 83 9.42 35.58 19.37
CA ARG D 83 8.80 35.49 20.68
C ARG D 83 9.62 34.58 21.60
N THR D 84 10.20 33.53 21.01
CA THR D 84 11.04 32.58 21.74
C THR D 84 12.30 33.28 22.25
N GLN D 85 13.01 33.95 21.33
CA GLN D 85 14.34 34.47 21.56
C GLN D 85 14.50 35.05 22.96
N ASP D 86 13.49 35.78 23.43
CA ASP D 86 13.58 36.45 24.75
C ASP D 86 14.24 35.64 25.87
N PHE D 87 13.80 34.40 26.07
CA PHE D 87 14.47 33.56 27.09
C PHE D 87 15.88 33.23 26.57
N TRP D 88 15.96 32.69 25.35
CA TRP D 88 17.28 32.29 24.79
C TRP D 88 18.20 33.51 24.70
N GLU D 89 17.62 34.69 24.44
CA GLU D 89 18.43 35.92 24.35
C GLU D 89 19.34 36.00 25.58
N VAL D 90 18.74 35.96 26.77
CA VAL D 90 19.54 35.99 28.04
C VAL D 90 20.35 34.71 28.11
N GLN D 91 19.76 33.58 27.69
CA GLN D 91 20.47 32.27 27.74
C GLN D 91 21.41 32.15 26.55
N HIS D 96 29.02 35.66 20.99
CA HIS D 96 29.98 36.69 21.48
C HIS D 96 30.71 37.34 20.31
N PRO D 97 30.82 38.68 20.26
CA PRO D 97 31.51 39.37 19.16
C PRO D 97 32.88 38.73 18.95
N ALA D 98 33.08 38.10 17.78
N ALA D 98 33.08 38.10 17.78
CA ALA D 98 34.37 37.44 17.49
CA ALA D 98 34.37 37.44 17.49
C ALA D 98 35.24 38.34 16.62
C ALA D 98 35.24 38.34 16.62
N GLY D 99 35.81 37.77 15.55
CA GLY D 99 36.67 38.55 14.64
C GLY D 99 37.08 37.68 13.48
N LEU D 100 36.17 36.83 13.00
CA LEU D 100 36.52 35.86 11.94
C LEU D 100 36.72 36.56 10.59
N LYS D 101 36.14 37.75 10.40
CA LYS D 101 36.25 38.35 9.09
C LYS D 101 37.73 38.52 8.68
N LYS D 102 38.63 38.41 9.66
CA LYS D 102 40.06 38.54 9.42
C LYS D 102 40.63 37.22 8.87
N LYS D 103 40.07 36.08 9.30
CA LYS D 103 40.50 34.77 8.82
C LYS D 103 40.52 34.74 7.28
N LYS D 104 41.60 34.16 6.71
CA LYS D 104 41.89 34.22 5.29
C LYS D 104 41.01 33.25 4.49
N SER D 105 40.36 32.29 5.17
CA SER D 105 39.26 31.52 4.59
C SER D 105 38.23 31.20 5.67
N VAL D 106 37.16 30.48 5.30
CA VAL D 106 36.09 30.13 6.24
C VAL D 106 35.15 29.14 5.57
N THR D 107 34.69 28.14 6.33
CA THR D 107 33.72 27.18 5.84
C THR D 107 32.53 27.08 6.80
N VAL D 108 31.33 27.34 6.27
CA VAL D 108 30.12 27.11 7.05
C VAL D 108 29.74 25.65 6.84
N LEU D 109 29.23 25.03 7.90
CA LEU D 109 28.83 23.60 7.84
C LEU D 109 27.42 23.47 8.42
N ASP D 110 26.54 22.74 7.72
CA ASP D 110 25.15 22.56 8.19
C ASP D 110 25.14 21.60 9.38
N VAL D 111 24.69 22.08 10.55
CA VAL D 111 24.57 21.17 11.73
C VAL D 111 23.62 20.05 11.32
N GLY D 112 22.57 20.37 10.57
CA GLY D 112 21.65 19.34 10.07
C GLY D 112 21.04 18.51 11.19
N ASP D 113 21.19 17.18 11.11
CA ASP D 113 20.57 16.29 12.12
C ASP D 113 21.38 16.35 13.41
N ALA D 114 21.26 17.44 14.17
CA ALA D 114 21.95 17.55 15.46
C ALA D 114 20.89 17.81 16.54
N TYR D 115 19.79 18.44 16.16
CA TYR D 115 18.67 18.68 17.11
C TYR D 115 17.56 17.69 16.79
N PHE D 116 17.76 16.86 15.76
CA PHE D 116 16.72 15.89 15.34
C PHE D 116 16.42 14.93 16.50
N SER D 117 17.45 14.57 17.26
CA SER D 117 17.24 13.68 18.43
C SER D 117 16.65 14.50 19.58
N VAL D 118 17.36 15.54 20.02
CA VAL D 118 16.89 16.37 21.16
C VAL D 118 15.38 16.60 21.04
N PRO D 119 14.57 16.17 22.03
CA PRO D 119 13.13 16.39 21.99
C PRO D 119 12.75 17.82 22.39
N LEU D 120 11.45 18.11 22.44
CA LEU D 120 11.02 19.51 22.71
C LEU D 120 9.99 19.55 23.83
N ASP D 121 10.13 20.51 24.76
CA ASP D 121 9.12 20.67 25.83
C ASP D 121 7.74 20.46 25.22
N GLU D 122 7.03 19.45 25.70
CA GLU D 122 5.66 19.15 25.20
C GLU D 122 4.80 20.40 25.27
N ASP D 123 5.16 21.37 26.10
CA ASP D 123 4.29 22.57 26.28
C ASP D 123 4.60 23.61 25.20
N PHE D 124 5.54 23.34 24.30
CA PHE D 124 5.93 24.35 23.29
C PHE D 124 5.51 23.87 21.90
N ARG D 125 5.50 22.56 21.69
CA ARG D 125 5.16 21.99 20.36
C ARG D 125 4.00 22.77 19.73
N LYS D 126 2.99 23.12 20.52
CA LYS D 126 1.81 23.81 19.95
C LYS D 126 2.28 24.88 18.96
N TYR D 127 3.20 25.73 19.40
CA TYR D 127 3.62 26.88 18.56
C TYR D 127 4.47 26.43 17.38
N THR D 128 4.90 25.17 17.37
CA THR D 128 5.69 24.65 16.22
C THR D 128 4.73 24.02 15.21
N ALA D 129 3.49 24.52 15.15
CA ALA D 129 2.48 23.93 14.25
C ALA D 129 2.69 24.42 12.83
N PHE D 130 2.46 23.56 11.84
CA PHE D 130 2.56 23.99 10.43
C PHE D 130 1.45 23.32 9.62
N THR D 131 1.32 23.70 8.34
CA THR D 131 0.21 23.18 7.52
C THR D 131 0.65 22.94 6.08
N ILE D 132 0.32 21.79 5.50
CA ILE D 132 0.61 21.56 4.05
C ILE D 132 -0.69 21.86 3.31
N PRO D 133 -0.70 22.81 2.36
CA PRO D 133 -1.96 23.24 1.74
C PRO D 133 -2.57 22.33 0.68
N SER D 134 -3.87 22.51 0.41
CA SER D 134 -4.56 21.72 -0.64
C SER D 134 -4.85 22.62 -1.83
N ILE D 135 -4.85 22.06 -3.04
CA ILE D 135 -5.07 22.88 -4.27
C ILE D 135 -6.56 23.23 -4.35
N ASN D 136 -6.88 24.45 -4.79
CA ASN D 136 -8.30 24.86 -4.96
C ASN D 136 -9.07 24.61 -3.66
N ASN D 137 -8.42 24.82 -2.52
CA ASN D 137 -9.10 24.65 -1.21
C ASN D 137 -10.10 23.51 -1.33
N GLU D 138 -9.63 22.32 -1.71
CA GLU D 138 -10.52 21.15 -1.88
C GLU D 138 -10.51 20.33 -0.59
N THR D 139 -9.35 20.24 0.06
CA THR D 139 -9.24 19.40 1.29
C THR D 139 -8.92 20.28 2.49
N PRO D 140 -9.44 19.97 3.69
CA PRO D 140 -9.17 20.76 4.90
C PRO D 140 -7.71 21.19 5.03
N GLY D 141 -6.76 20.33 4.63
CA GLY D 141 -5.33 20.66 4.80
C GLY D 141 -4.69 19.79 5.87
N ILE D 142 -3.37 19.58 5.78
CA ILE D 142 -2.67 18.66 6.73
C ILE D 142 -2.03 19.48 7.85
N ARG D 143 -2.19 19.03 9.10
CA ARG D 143 -1.63 19.78 10.26
C ARG D 143 -0.64 18.89 11.04
N TYR D 144 0.49 19.46 11.45
CA TYR D 144 1.54 18.70 12.18
C TYR D 144 2.19 19.59 13.23
N GLN D 145 2.80 19.01 14.26
CA GLN D 145 3.55 19.81 15.26
C GLN D 145 4.90 19.15 15.50
N TYR D 146 5.89 19.90 15.96
CA TYR D 146 7.25 19.32 16.10
C TYR D 146 7.40 18.68 17.48
N ASN D 147 7.78 17.40 17.51
CA ASN D 147 7.96 16.69 18.80
C ASN D 147 9.39 16.94 19.26
N VAL D 148 10.32 17.04 18.31
CA VAL D 148 11.74 17.30 18.64
C VAL D 148 12.04 18.77 18.38
N LEU D 149 13.27 19.21 18.65
CA LEU D 149 13.65 20.59 18.42
C LEU D 149 13.77 20.81 16.91
N PRO D 150 13.04 21.83 16.33
CA PRO D 150 13.03 22.05 14.88
C PRO D 150 14.28 22.74 14.35
N GLN D 151 14.52 22.62 13.04
CA GLN D 151 15.79 22.99 12.43
C GLN D 151 15.91 24.50 12.20
N GLY D 152 14.83 25.14 11.79
CA GLY D 152 14.84 26.55 11.46
C GLY D 152 14.78 27.46 12.68
N TRP D 153 14.46 26.90 13.86
CA TRP D 153 14.17 27.67 15.06
C TRP D 153 15.48 28.19 15.67
N LYS D 154 15.34 29.16 16.60
CA LYS D 154 16.45 29.71 17.36
C LYS D 154 16.81 28.79 18.52
N GLY D 155 15.78 28.27 19.21
CA GLY D 155 15.95 27.41 20.37
C GLY D 155 16.94 26.28 20.12
N SER D 156 16.70 25.46 19.08
CA SER D 156 17.53 24.30 18.82
C SER D 156 19.01 24.62 19.01
N PRO D 157 19.64 25.55 18.26
CA PRO D 157 21.04 25.94 18.51
C PRO D 157 21.40 26.40 19.92
N ALA D 158 20.42 26.93 20.68
CA ALA D 158 20.67 27.51 22.00
C ALA D 158 20.77 26.42 23.08
N ILE D 159 19.80 25.50 23.09
CA ILE D 159 19.71 24.45 24.11
C ILE D 159 20.84 23.44 23.90
N PHE D 160 21.10 23.07 22.63
CA PHE D 160 22.16 22.15 22.26
C PHE D 160 23.54 22.80 22.35
N GLN D 161 23.63 23.99 22.98
CA GLN D 161 24.88 24.74 23.10
C GLN D 161 25.85 23.96 23.97
N SER D 162 25.40 23.68 25.20
CA SER D 162 26.14 22.89 26.17
C SER D 162 26.68 21.59 25.54
N SER D 163 25.88 20.95 24.67
CA SER D 163 26.20 19.67 24.05
C SER D 163 27.01 19.84 22.77
N MET D 164 26.96 21.05 22.21
CA MET D 164 27.76 21.35 21.04
C MET D 164 29.20 21.60 21.49
N THR D 165 29.32 22.19 22.69
CA THR D 165 30.60 22.47 23.32
C THR D 165 31.37 21.16 23.46
N LYS D 166 30.77 20.18 24.15
CA LYS D 166 31.44 18.94 24.48
C LYS D 166 31.76 18.13 23.22
N ILE D 167 30.95 18.27 22.17
CA ILE D 167 31.16 17.55 20.93
C ILE D 167 32.38 18.16 20.21
N LEU D 168 32.78 19.37 20.62
CA LEU D 168 33.78 20.16 19.94
C LEU D 168 35.04 20.39 20.79
N GLU D 169 35.11 19.78 21.98
CA GLU D 169 36.24 19.97 22.89
C GLU D 169 37.50 19.30 22.34
N PRO D 170 37.40 18.16 21.62
CA PRO D 170 38.55 17.56 20.92
C PRO D 170 39.25 18.35 19.82
N PHE D 171 38.53 18.78 18.77
CA PHE D 171 39.16 19.50 17.66
C PHE D 171 39.65 20.87 18.15
N LYS D 172 38.99 21.40 19.21
CA LYS D 172 39.28 22.72 19.75
C LYS D 172 40.69 22.80 20.33
N LYS D 173 41.04 21.86 21.22
CA LYS D 173 42.32 21.89 21.93
C LYS D 173 43.42 21.19 21.13
N GLN D 174 43.10 20.65 19.93
CA GLN D 174 44.10 20.09 19.03
C GLN D 174 44.58 21.18 18.05
N ASN D 175 43.74 22.19 17.79
CA ASN D 175 44.05 23.25 16.85
C ASN D 175 43.63 24.61 17.41
N PRO D 176 44.29 25.15 18.48
CA PRO D 176 43.82 26.36 19.16
C PRO D 176 44.00 27.66 18.37
N ASP D 177 44.60 27.56 17.18
CA ASP D 177 44.78 28.70 16.28
C ASP D 177 43.48 29.01 15.53
N ILE D 178 42.49 28.11 15.62
CA ILE D 178 41.27 28.21 14.82
C ILE D 178 40.16 28.88 15.63
N VAL D 179 39.25 29.54 14.89
CA VAL D 179 38.06 30.18 15.46
C VAL D 179 36.83 29.49 14.86
N ILE D 180 35.94 28.99 15.71
CA ILE D 180 34.69 28.34 15.21
C ILE D 180 33.47 29.12 15.73
N TYR D 181 32.49 29.38 14.87
CA TYR D 181 31.25 30.10 15.30
C TYR D 181 30.02 29.49 14.65
N GLN D 182 29.24 28.72 15.41
CA GLN D 182 27.97 28.20 14.86
C GLN D 182 26.94 29.32 14.97
N TYR D 183 26.06 29.43 13.97
CA TYR D 183 24.98 30.44 14.01
C TYR D 183 23.69 29.80 13.51
N MET D 184 22.68 29.72 14.36
CA MET D 184 21.38 29.17 13.92
C MET D 184 21.51 28.01 12.95
N ASP D 185 22.10 26.90 13.39
CA ASP D 185 22.13 25.68 12.54
C ASP D 185 23.18 25.93 11.45
N ASP D 186 24.07 26.88 11.65
CA ASP D 186 25.17 27.10 10.67
C ASP D 186 26.48 27.30 11.43
N LEU D 187 27.27 26.24 11.60
CA LEU D 187 28.59 26.41 12.28
C LEU D 187 29.58 27.01 11.28
N TYR D 188 30.29 28.05 11.71
CA TYR D 188 31.32 28.67 10.83
C TYR D 188 32.70 28.13 11.21
N VAL D 189 33.52 27.81 10.21
CA VAL D 189 34.82 27.22 10.47
C VAL D 189 35.88 28.02 9.71
N GLY D 190 36.67 28.82 10.45
CA GLY D 190 37.55 29.82 9.85
C GLY D 190 39.02 29.61 10.19
N SER D 191 39.85 29.47 9.13
CA SER D 191 41.29 29.24 9.22
C SER D 191 42.07 30.42 8.65
N ASP D 192 43.35 30.53 9.02
CA ASP D 192 44.30 31.39 8.33
C ASP D 192 45.43 30.50 7.80
N LEU D 193 45.07 29.54 6.95
CA LEU D 193 45.96 28.49 6.48
C LEU D 193 45.96 28.46 4.95
N GLU D 194 46.50 27.37 4.36
CA GLU D 194 46.53 27.19 2.92
C GLU D 194 45.25 26.51 2.44
N ILE D 195 45.00 26.55 1.13
CA ILE D 195 43.75 26.15 0.52
C ILE D 195 43.53 24.64 0.67
N GLY D 196 44.57 23.84 0.37
CA GLY D 196 44.52 22.39 0.57
C GLY D 196 44.55 22.03 2.05
N GLN D 197 45.27 22.83 2.84
CA GLN D 197 45.51 22.60 4.26
C GLN D 197 44.25 22.88 5.08
N HIS D 198 43.54 23.96 4.71
CA HIS D 198 42.22 24.23 5.25
C HIS D 198 41.23 23.17 4.76
N ARG D 199 41.28 22.85 3.46
CA ARG D 199 40.34 21.93 2.81
C ARG D 199 40.26 20.61 3.57
N THR D 200 41.44 20.03 3.88
CA THR D 200 41.53 18.76 4.57
C THR D 200 41.08 18.89 6.03
N LYS D 201 41.51 19.96 6.72
CA LYS D 201 41.14 20.18 8.12
C LYS D 201 39.64 20.47 8.25
N ILE D 202 38.97 20.66 7.11
CA ILE D 202 37.52 20.69 7.02
C ILE D 202 36.97 19.28 7.28
N GLU D 203 37.50 18.30 6.53
CA GLU D 203 37.01 16.93 6.58
C GLU D 203 37.32 16.28 7.93
N GLU D 204 38.31 16.84 8.65
CA GLU D 204 38.65 16.40 9.99
C GLU D 204 37.64 16.96 10.99
N LEU D 205 37.02 18.10 10.65
CA LEU D 205 35.91 18.64 11.43
C LEU D 205 34.64 17.85 11.13
N ARG D 206 34.50 17.36 9.88
CA ARG D 206 33.36 16.54 9.47
C ARG D 206 33.57 15.09 9.91
N GLN D 207 34.84 14.67 10.09
CA GLN D 207 35.15 13.36 10.64
C GLN D 207 34.95 13.39 12.16
N HIS D 208 35.54 14.39 12.84
CA HIS D 208 35.40 14.54 14.29
C HIS D 208 33.92 14.65 14.68
N LEU D 209 33.09 15.17 13.77
CA LEU D 209 31.65 15.24 13.99
C LEU D 209 30.94 14.10 13.27
N LEU D 210 31.67 13.00 13.00
CA LEU D 210 31.10 11.84 12.34
C LEU D 210 30.29 11.02 13.35
N ARG D 211 30.39 11.42 14.61
CA ARG D 211 29.63 10.75 15.70
C ARG D 211 28.14 10.98 15.45
N TYR D 232 31.09 26.89 -2.53
CA TYR D 232 32.53 26.65 -2.84
C TYR D 232 33.37 26.91 -1.60
N GLU D 233 33.49 28.18 -1.19
CA GLU D 233 34.31 28.55 -0.01
C GLU D 233 34.07 30.01 0.34
N LEU D 234 34.78 30.54 1.34
CA LEU D 234 34.64 31.97 1.72
C LEU D 234 36.02 32.56 1.97
N HIS D 235 36.25 33.79 1.53
CA HIS D 235 37.55 34.48 1.76
C HIS D 235 37.28 35.78 2.51
N PRO D 236 36.92 35.74 3.81
CA PRO D 236 36.56 36.96 4.56
C PRO D 236 37.61 38.06 4.60
N ASP D 237 38.90 37.68 4.44
CA ASP D 237 39.99 38.65 4.44
C ASP D 237 39.87 39.54 3.21
N LYS D 238 39.44 38.94 2.08
CA LYS D 238 39.43 39.61 0.79
C LYS D 238 38.07 40.23 0.52
N TRP D 239 37.52 40.94 1.52
CA TRP D 239 36.29 41.70 1.37
C TRP D 239 36.66 43.19 1.31
N THR D 240 36.33 43.86 0.19
CA THR D 240 36.73 45.24 -0.04
C THR D 240 35.49 46.15 -0.06
N VAL D 241 35.59 47.29 0.63
CA VAL D 241 34.53 48.29 0.64
C VAL D 241 34.44 48.94 -0.75
N GLN D 242 33.28 49.53 -1.05
CA GLN D 242 33.07 50.29 -2.28
C GLN D 242 33.30 51.78 -2.00
N PRO D 243 34.35 52.41 -2.56
CA PRO D 243 34.74 53.78 -2.22
C PRO D 243 34.03 54.86 -3.05
N ILE D 244 33.69 55.99 -2.41
CA ILE D 244 32.94 57.05 -3.06
C ILE D 244 33.85 57.75 -4.08
N VAL D 245 33.47 57.65 -5.37
CA VAL D 245 34.37 57.90 -6.50
C VAL D 245 33.75 58.89 -7.49
N LEU D 246 34.17 60.17 -7.38
CA LEU D 246 33.68 61.28 -8.22
C LEU D 246 34.42 61.28 -9.55
N PRO D 247 33.72 61.13 -10.71
CA PRO D 247 34.39 61.09 -12.01
C PRO D 247 35.36 62.24 -12.20
N GLU D 248 36.37 62.07 -13.06
CA GLU D 248 37.27 63.15 -13.41
C GLU D 248 37.48 63.09 -14.93
N LYS D 249 37.56 64.27 -15.56
CA LYS D 249 37.72 64.39 -17.01
C LYS D 249 38.27 65.78 -17.34
N ASP D 250 38.87 65.89 -18.53
CA ASP D 250 39.57 67.09 -18.97
C ASP D 250 38.59 68.23 -19.11
N SER D 251 37.55 67.99 -19.93
CA SER D 251 36.50 68.94 -20.22
C SER D 251 35.29 68.66 -19.32
N TRP D 252 34.65 69.74 -18.85
CA TRP D 252 33.41 69.62 -18.09
C TRP D 252 32.31 70.49 -18.71
N THR D 253 31.21 69.82 -19.04
CA THR D 253 30.04 70.57 -19.54
C THR D 253 29.26 71.03 -18.32
N VAL D 254 28.29 71.91 -18.54
CA VAL D 254 27.53 72.49 -17.43
C VAL D 254 26.87 71.37 -16.64
N ASN D 255 26.26 70.44 -17.39
CA ASN D 255 25.47 69.35 -16.82
C ASN D 255 26.34 68.52 -15.89
N ASP D 256 27.59 68.30 -16.29
CA ASP D 256 28.54 67.47 -15.56
C ASP D 256 28.88 68.11 -14.22
N ILE D 257 28.96 69.44 -14.20
CA ILE D 257 29.33 70.15 -12.98
C ILE D 257 28.13 70.15 -12.05
N GLN D 258 26.91 70.30 -12.62
CA GLN D 258 25.68 70.20 -11.84
C GLN D 258 25.65 68.86 -11.11
N LYS D 259 25.68 67.76 -11.88
CA LYS D 259 25.64 66.41 -11.37
C LYS D 259 26.65 66.24 -10.25
N LEU D 260 27.90 66.56 -10.56
CA LEU D 260 28.98 66.47 -9.53
C LEU D 260 28.44 67.06 -8.24
N VAL D 261 28.06 68.33 -8.27
CA VAL D 261 27.60 69.00 -7.02
C VAL D 261 26.56 68.11 -6.34
N GLY D 262 25.62 67.58 -7.13
CA GLY D 262 24.55 66.75 -6.53
C GLY D 262 25.13 65.69 -5.62
N LYS D 263 26.05 64.88 -6.14
CA LYS D 263 26.68 63.82 -5.32
C LYS D 263 27.28 64.44 -4.07
N LEU D 264 28.15 65.44 -4.24
CA LEU D 264 28.84 66.03 -3.07
C LEU D 264 27.81 66.44 -2.01
N ASN D 265 26.73 67.07 -2.45
CA ASN D 265 25.67 67.47 -1.49
C ASN D 265 25.27 66.23 -0.69
N TRP D 266 24.90 65.15 -1.38
CA TRP D 266 24.47 63.91 -0.69
C TRP D 266 25.58 63.47 0.27
N ALA D 267 26.83 63.56 -0.16
CA ALA D 267 27.96 63.11 0.67
C ALA D 267 28.00 63.90 1.99
N SER D 268 27.57 65.16 1.95
CA SER D 268 27.64 66.02 3.16
C SER D 268 26.88 65.36 4.31
N GLN D 269 25.75 64.74 4.02
CA GLN D 269 24.94 64.07 5.07
C GLN D 269 25.81 62.99 5.72
N ILE D 270 26.67 62.32 4.94
CA ILE D 270 27.55 61.25 5.47
C ILE D 270 28.89 61.65 6.07
N TYR D 271 29.85 62.05 5.23
CA TYR D 271 31.16 62.53 5.75
C TYR D 271 30.80 63.94 6.21
N PRO D 272 31.01 64.30 7.49
CA PRO D 272 30.62 65.62 8.00
C PRO D 272 31.38 66.69 7.22
N GLY D 273 32.68 66.47 6.95
CA GLY D 273 33.44 67.41 6.13
C GLY D 273 32.72 67.67 4.83
N ILE D 274 32.56 68.94 4.44
CA ILE D 274 31.78 69.25 3.20
C ILE D 274 32.73 69.72 2.11
N LYS D 275 32.62 69.15 0.91
CA LYS D 275 33.45 69.65 -0.22
C LYS D 275 33.11 71.14 -0.38
N VAL D 276 34.12 71.97 -0.63
CA VAL D 276 33.88 73.44 -0.68
C VAL D 276 32.65 73.70 -1.55
N ARG D 277 32.48 72.94 -2.63
CA ARG D 277 31.29 73.10 -3.51
C ARG D 277 31.22 74.56 -3.98
N GLN D 278 32.36 75.26 -4.00
CA GLN D 278 32.39 76.66 -4.49
C GLN D 278 32.07 76.64 -5.99
N LEU D 279 32.10 75.45 -6.60
CA LEU D 279 31.75 75.32 -8.05
C LEU D 279 30.38 75.98 -8.25
N SER D 280 29.59 76.08 -7.19
CA SER D 280 28.30 76.81 -7.30
C SER D 280 28.59 78.17 -7.91
N LYS D 281 29.61 78.87 -7.41
CA LYS D 281 30.01 80.18 -7.98
C LYS D 281 30.45 79.95 -9.43
N LEU D 282 31.10 78.83 -9.69
CA LEU D 282 31.57 78.52 -11.07
C LEU D 282 30.36 78.39 -11.99
N LEU D 283 29.15 78.38 -11.41
CA LEU D 283 27.93 78.23 -12.22
C LEU D 283 26.92 79.33 -11.86
N ARG D 284 27.20 80.55 -12.33
CA ARG D 284 26.27 81.68 -12.06
C ARG D 284 25.53 82.01 -13.36
N GLY D 285 24.32 82.53 -13.25
CA GLY D 285 23.51 82.89 -14.40
C GLY D 285 22.66 81.73 -14.91
N THR D 286 22.44 81.70 -16.22
CA THR D 286 21.53 80.74 -16.83
C THR D 286 22.24 80.08 -18.00
N LYS D 287 23.36 79.43 -17.67
CA LYS D 287 24.18 78.74 -18.65
C LYS D 287 23.37 77.58 -19.23
N ALA D 288 23.68 77.20 -20.48
CA ALA D 288 23.08 76.01 -21.06
C ALA D 288 23.75 74.78 -20.46
N LEU D 289 23.01 73.66 -20.47
CA LEU D 289 23.54 72.39 -20.00
C LEU D 289 24.77 72.05 -20.85
N THR D 290 24.60 72.02 -22.19
CA THR D 290 25.63 71.63 -23.12
C THR D 290 26.93 72.44 -22.95
N GLU D 291 26.77 73.69 -22.51
CA GLU D 291 27.92 74.63 -22.36
C GLU D 291 29.15 73.94 -21.77
N VAL D 292 30.33 74.28 -22.30
CA VAL D 292 31.58 73.72 -21.81
C VAL D 292 32.35 74.77 -21.00
N ILE D 293 32.21 74.78 -19.66
CA ILE D 293 32.90 75.81 -18.88
C ILE D 293 34.28 75.26 -18.52
N PRO D 294 35.26 76.12 -18.17
CA PRO D 294 36.58 75.65 -17.77
C PRO D 294 36.72 75.58 -16.24
N LEU D 295 37.37 74.53 -15.74
CA LEU D 295 37.56 74.38 -14.27
C LEU D 295 38.44 75.53 -13.76
N THR D 296 38.04 76.16 -12.66
CA THR D 296 38.84 77.26 -12.06
C THR D 296 40.07 76.65 -11.38
N GLU D 297 41.18 77.39 -11.34
CA GLU D 297 42.40 76.90 -10.65
C GLU D 297 42.03 76.57 -9.20
N GLU D 298 41.35 77.50 -8.53
CA GLU D 298 40.89 77.23 -7.13
C GLU D 298 39.92 76.05 -7.17
N ALA D 299 39.09 75.96 -8.22
CA ALA D 299 38.09 74.88 -8.31
C ALA D 299 38.79 73.52 -8.29
N GLU D 300 39.86 73.38 -9.07
CA GLU D 300 40.56 72.06 -9.16
C GLU D 300 40.93 71.61 -7.74
N LEU D 301 41.22 72.55 -6.85
CA LEU D 301 41.62 72.21 -5.46
C LEU D 301 40.43 71.59 -4.73
N GLU D 302 39.41 72.40 -4.41
CA GLU D 302 38.24 71.90 -3.67
C GLU D 302 37.87 70.54 -4.25
N LEU D 303 37.94 70.40 -5.58
CA LEU D 303 37.64 69.13 -6.21
C LEU D 303 38.48 68.02 -5.56
N ALA D 304 39.81 68.13 -5.65
CA ALA D 304 40.71 67.08 -5.19
C ALA D 304 40.69 66.99 -3.66
N GLU D 305 40.41 68.13 -3.00
CA GLU D 305 40.22 68.25 -1.55
C GLU D 305 39.09 67.33 -1.09
N ASN D 306 37.99 67.32 -1.85
CA ASN D 306 36.90 66.38 -1.62
C ASN D 306 37.38 64.97 -1.98
N ARG D 307 38.01 64.83 -3.15
CA ARG D 307 38.44 63.55 -3.68
C ARG D 307 39.26 62.79 -2.64
N GLU D 308 40.15 63.51 -1.94
CA GLU D 308 40.94 62.94 -0.86
C GLU D 308 40.01 62.57 0.31
N ILE D 309 39.12 63.48 0.70
CA ILE D 309 38.25 63.26 1.85
C ILE D 309 37.27 62.12 1.57
N LEU D 310 37.01 61.83 0.29
CA LEU D 310 36.04 60.80 -0.09
C LEU D 310 36.73 59.44 -0.23
N LYS D 311 38.07 59.42 -0.36
CA LYS D 311 38.82 58.18 -0.46
C LYS D 311 39.37 57.77 0.91
N GLU D 312 39.18 58.64 1.91
CA GLU D 312 39.62 58.31 3.29
C GLU D 312 38.48 57.56 4.00
N PRO D 313 38.75 56.68 4.98
CA PRO D 313 37.70 55.90 5.62
C PRO D 313 36.71 56.78 6.38
N VAL D 314 35.42 56.43 6.32
CA VAL D 314 34.38 57.22 7.04
C VAL D 314 34.57 57.03 8.54
N HIS D 315 35.13 58.02 9.22
CA HIS D 315 35.31 57.94 10.69
C HIS D 315 33.95 58.13 11.37
N GLY D 316 33.84 57.72 12.64
CA GLY D 316 32.56 57.82 13.37
C GLY D 316 31.75 56.54 13.28
N VAL D 317 32.27 55.54 12.55
CA VAL D 317 31.54 54.26 12.37
C VAL D 317 31.58 53.49 13.70
N TYR D 318 30.42 53.22 14.31
CA TYR D 318 30.37 52.45 15.58
C TYR D 318 29.09 51.63 15.63
N TYR D 319 29.20 50.33 15.89
CA TYR D 319 28.02 49.43 15.90
C TYR D 319 27.40 49.40 17.30
N ASP D 320 26.08 49.56 17.39
CA ASP D 320 25.38 49.48 18.70
C ASP D 320 24.56 48.19 18.74
N PRO D 321 24.86 47.24 19.65
CA PRO D 321 24.17 45.96 19.67
C PRO D 321 22.66 46.00 19.86
N SER D 322 22.16 47.00 20.60
CA SER D 322 20.75 47.13 20.93
C SER D 322 19.93 47.51 19.70
N LYS D 323 20.50 48.34 18.81
CA LYS D 323 19.86 48.76 17.58
C LYS D 323 20.01 47.67 16.53
N ASP D 324 19.01 47.53 15.63
CA ASP D 324 18.98 46.46 14.64
C ASP D 324 19.58 46.91 13.32
N LEU D 325 20.21 45.95 12.61
CA LEU D 325 20.91 46.22 11.37
C LEU D 325 19.90 46.36 10.23
N ILE D 326 20.20 47.28 9.30
CA ILE D 326 19.39 47.49 8.11
C ILE D 326 20.29 47.36 6.88
N ALA D 327 19.72 46.84 5.79
CA ALA D 327 20.44 46.71 4.53
C ALA D 327 19.56 47.25 3.41
N GLU D 328 20.21 47.80 2.39
CA GLU D 328 19.54 48.48 1.30
C GLU D 328 20.20 48.02 0.01
N ILE D 329 19.42 47.87 -1.06
CA ILE D 329 19.95 47.40 -2.33
C ILE D 329 19.48 48.33 -3.43
N GLN D 330 20.40 48.59 -4.37
CA GLN D 330 20.07 49.28 -5.60
C GLN D 330 20.49 48.40 -6.76
N LYS D 331 19.56 48.15 -7.68
CA LYS D 331 19.83 47.52 -8.96
C LYS D 331 20.53 48.51 -9.90
N GLN D 332 21.71 48.13 -10.38
CA GLN D 332 22.46 48.97 -11.32
C GLN D 332 22.06 48.57 -12.73
N GLY D 333 21.90 47.25 -12.95
CA GLY D 333 21.28 46.76 -14.17
C GLY D 333 22.28 46.21 -15.19
N GLN D 334 23.53 45.99 -14.78
CA GLN D 334 24.41 45.22 -15.61
C GLN D 334 24.61 43.85 -14.96
N GLY D 335 23.47 43.23 -14.61
CA GLY D 335 23.46 42.17 -13.63
C GLY D 335 24.27 42.54 -12.40
N GLN D 336 24.40 43.85 -12.15
CA GLN D 336 25.21 44.33 -11.05
C GLN D 336 24.26 44.90 -10.02
N TRP D 337 24.72 44.92 -8.76
CA TRP D 337 23.90 45.34 -7.64
C TRP D 337 24.80 46.03 -6.60
N THR D 338 24.22 46.86 -5.75
CA THR D 338 24.96 47.57 -4.70
C THR D 338 24.23 47.35 -3.39
N TYR D 339 24.92 47.64 -2.27
CA TYR D 339 24.26 47.63 -0.98
C TYR D 339 24.98 48.49 0.04
N GLN D 340 24.27 48.77 1.14
CA GLN D 340 24.81 49.40 2.33
C GLN D 340 24.12 48.81 3.54
N ILE D 341 24.87 48.73 4.63
CA ILE D 341 24.31 48.17 5.90
C ILE D 341 24.51 49.22 6.97
N TYR D 342 23.47 49.47 7.77
CA TYR D 342 23.57 50.54 8.79
C TYR D 342 22.59 50.25 9.92
N GLN D 343 22.86 50.80 11.11
CA GLN D 343 21.92 50.67 12.24
C GLN D 343 21.22 52.02 12.39
N GLU D 344 21.89 53.08 11.95
CA GLU D 344 21.27 54.44 11.95
C GLU D 344 21.49 55.03 10.55
N PRO D 345 20.69 56.01 10.10
CA PRO D 345 20.81 56.52 8.73
C PRO D 345 22.22 57.06 8.46
N PHE D 346 22.76 56.79 7.27
CA PHE D 346 24.07 57.36 6.85
C PHE D 346 25.22 56.74 7.64
N LYS D 347 24.90 56.04 8.73
CA LYS D 347 25.96 55.34 9.48
C LYS D 347 26.34 54.12 8.64
N ASN D 348 26.89 54.35 7.45
CA ASN D 348 27.25 53.23 6.55
C ASN D 348 28.15 52.45 7.51
N LEU D 349 27.83 51.17 7.75
CA LEU D 349 28.69 50.33 8.62
C LEU D 349 29.44 49.51 7.57
N LYS D 350 28.81 49.24 6.42
CA LYS D 350 29.52 48.55 5.32
C LYS D 350 28.83 48.85 3.99
N THR D 351 29.60 48.86 2.89
CA THR D 351 29.07 49.16 1.54
C THR D 351 29.76 48.26 0.53
N GLY D 352 29.11 47.95 -0.58
CA GLY D 352 29.71 47.02 -1.54
C GLY D 352 28.81 46.73 -2.75
N LYS D 353 29.45 46.19 -3.80
CA LYS D 353 28.85 45.93 -5.10
C LYS D 353 29.00 44.43 -5.41
N TYR D 354 28.14 43.90 -6.31
CA TYR D 354 28.19 42.49 -6.69
C TYR D 354 28.03 42.31 -8.20
N ALA D 355 29.06 41.70 -8.82
CA ALA D 355 28.98 41.26 -10.20
C ALA D 355 28.09 40.02 -10.30
N ARG D 356 27.60 39.73 -11.51
CA ARG D 356 26.81 38.49 -11.72
C ARG D 356 27.78 37.33 -11.88
N ALA D 360 24.62 33.95 -17.91
CA ALA D 360 23.92 32.87 -18.63
C ALA D 360 22.63 32.49 -17.88
N HIS D 361 21.48 32.58 -18.54
CA HIS D 361 20.19 32.19 -17.92
C HIS D 361 20.13 32.67 -16.46
N THR D 362 20.20 33.98 -16.26
CA THR D 362 20.13 34.54 -14.88
C THR D 362 19.03 35.61 -14.84
N ASN D 363 18.11 35.51 -13.88
CA ASN D 363 16.98 36.47 -13.79
C ASN D 363 17.21 37.45 -12.64
N ASP D 364 16.56 38.61 -12.68
CA ASP D 364 16.71 39.59 -11.63
C ASP D 364 16.46 38.92 -10.29
N VAL D 365 15.32 38.21 -10.21
CA VAL D 365 14.87 37.60 -8.98
C VAL D 365 15.98 36.68 -8.49
N LYS D 366 16.55 35.91 -9.41
CA LYS D 366 17.67 35.05 -9.10
C LYS D 366 18.75 35.89 -8.42
N GLN D 367 19.17 36.95 -9.12
CA GLN D 367 20.29 37.76 -8.67
C GLN D 367 19.96 38.39 -7.32
N LEU D 368 18.70 38.78 -7.13
CA LEU D 368 18.31 39.51 -5.93
C LEU D 368 18.40 38.58 -4.72
N THR D 369 17.88 37.35 -4.86
CA THR D 369 17.98 36.39 -3.79
C THR D 369 19.46 36.20 -3.42
N GLU D 370 20.26 35.79 -4.42
CA GLU D 370 21.69 35.56 -4.21
C GLU D 370 22.28 36.67 -3.36
N ALA D 371 22.08 37.91 -3.81
CA ALA D 371 22.60 39.07 -3.13
C ALA D 371 22.13 39.08 -1.70
N VAL D 372 20.81 38.92 -1.48
CA VAL D 372 20.24 38.93 -0.15
C VAL D 372 21.04 37.97 0.74
N GLN D 373 21.32 36.77 0.21
CA GLN D 373 21.98 35.70 0.96
C GLN D 373 23.45 36.02 1.16
N LYS D 374 24.13 36.39 0.07
CA LYS D 374 25.53 36.75 0.09
C LYS D 374 25.76 37.86 1.10
N ILE D 375 24.75 38.73 1.32
CA ILE D 375 24.86 39.77 2.34
C ILE D 375 24.65 39.17 3.73
N THR D 376 23.60 38.33 3.88
CA THR D 376 23.21 37.85 5.19
C THR D 376 24.40 37.12 5.80
N THR D 377 25.04 36.22 5.04
CA THR D 377 26.23 35.53 5.50
C THR D 377 27.23 36.53 6.04
N GLU D 378 27.56 37.53 5.21
CA GLU D 378 28.62 38.50 5.50
C GLU D 378 28.33 39.26 6.78
N SER D 379 27.04 39.50 7.07
CA SER D 379 26.61 40.24 8.24
C SER D 379 26.62 39.32 9.46
N ILE D 380 26.32 38.03 9.24
CA ILE D 380 26.48 37.04 10.29
C ILE D 380 27.94 37.05 10.72
N VAL D 381 28.85 37.00 9.73
CA VAL D 381 30.28 36.95 9.99
C VAL D 381 30.73 38.22 10.72
N ILE D 382 30.45 39.38 10.11
CA ILE D 382 30.99 40.65 10.55
C ILE D 382 30.36 41.11 11.87
N TRP D 383 29.12 40.66 12.22
CA TRP D 383 28.51 41.04 13.50
C TRP D 383 27.73 39.92 14.20
N GLY D 384 27.42 38.81 13.52
CA GLY D 384 26.62 37.75 14.12
C GLY D 384 25.17 38.18 14.32
N LYS D 385 24.61 38.77 13.25
CA LYS D 385 23.21 39.12 13.19
C LYS D 385 22.81 39.16 11.72
N THR D 386 21.51 39.00 11.45
CA THR D 386 20.96 39.22 10.13
C THR D 386 20.30 40.59 10.11
N PRO D 387 20.33 41.33 8.98
CA PRO D 387 19.67 42.63 8.89
C PRO D 387 18.24 42.53 8.35
N LYS D 388 17.49 43.64 8.45
CA LYS D 388 16.13 43.72 7.94
C LYS D 388 16.20 44.37 6.56
N PHE D 389 16.06 43.55 5.50
CA PHE D 389 16.34 43.98 4.14
C PHE D 389 15.26 44.92 3.61
N LYS D 390 15.72 45.87 2.78
CA LYS D 390 14.85 46.77 2.02
C LYS D 390 14.94 46.39 0.54
N LEU D 391 13.98 45.58 0.05
CA LEU D 391 14.11 44.90 -1.24
C LEU D 391 13.45 45.71 -2.35
N PRO D 392 14.18 46.02 -3.43
CA PRO D 392 13.60 46.70 -4.58
C PRO D 392 12.88 45.75 -5.54
N ILE D 393 11.67 45.35 -5.16
CA ILE D 393 10.87 44.44 -5.97
C ILE D 393 9.41 44.46 -5.50
N GLN D 394 8.48 44.11 -6.39
CA GLN D 394 7.09 43.96 -6.02
C GLN D 394 6.96 42.82 -5.02
N LYS D 395 6.23 43.08 -3.93
CA LYS D 395 5.95 42.11 -2.87
C LYS D 395 5.47 40.79 -3.48
N GLU D 396 4.50 40.83 -4.38
CA GLU D 396 3.82 39.62 -4.82
C GLU D 396 4.75 38.78 -5.71
N THR D 397 5.70 39.43 -6.36
CA THR D 397 6.59 38.78 -7.30
C THR D 397 7.71 38.04 -6.56
N TRP D 398 8.11 38.55 -5.39
CA TRP D 398 9.18 37.97 -4.59
C TRP D 398 8.64 36.85 -3.71
N GLU D 399 7.44 37.08 -3.16
CA GLU D 399 6.68 36.09 -2.44
C GLU D 399 6.45 34.87 -3.32
N THR D 400 6.45 35.08 -4.64
CA THR D 400 6.05 34.07 -5.61
C THR D 400 7.26 33.40 -6.28
N TRP D 401 8.49 33.87 -6.05
CA TRP D 401 9.66 33.29 -6.70
C TRP D 401 10.90 33.23 -5.80
N TRP D 402 10.81 33.63 -4.52
CA TRP D 402 12.01 33.67 -3.70
C TRP D 402 12.52 32.26 -3.45
N THR D 403 11.59 31.34 -3.20
CA THR D 403 11.90 29.97 -2.84
C THR D 403 12.70 29.30 -3.96
N GLU D 404 12.37 29.64 -5.22
CA GLU D 404 12.99 28.95 -6.38
C GLU D 404 14.51 28.82 -6.25
N TYR D 405 15.18 29.75 -5.56
CA TYR D 405 16.65 29.68 -5.52
C TYR D 405 17.17 30.15 -4.15
N TRP D 406 16.36 29.98 -3.11
CA TRP D 406 16.83 30.33 -1.74
C TRP D 406 18.09 29.54 -1.43
N GLN D 407 17.97 28.23 -1.26
CA GLN D 407 19.15 27.38 -1.05
C GLN D 407 19.86 27.75 0.26
N ALA D 408 19.10 27.79 1.36
CA ALA D 408 19.64 28.17 2.66
C ALA D 408 18.75 27.66 3.79
N THR D 409 19.19 27.89 5.03
CA THR D 409 18.55 27.34 6.20
C THR D 409 17.71 28.42 6.87
N TRP D 410 18.21 29.67 6.89
CA TRP D 410 17.51 30.79 7.52
C TRP D 410 16.71 31.58 6.50
N ILE D 411 15.90 32.51 7.01
CA ILE D 411 15.17 33.45 6.18
C ILE D 411 15.23 34.80 6.90
N PRO D 412 15.88 35.84 6.32
CA PRO D 412 15.99 37.16 6.96
C PRO D 412 14.77 38.03 6.75
N GLU D 413 14.52 38.93 7.72
CA GLU D 413 13.43 39.91 7.69
C GLU D 413 13.51 40.80 6.45
N TRP D 414 12.35 41.13 5.86
CA TRP D 414 12.35 41.98 4.67
C TRP D 414 11.06 42.77 4.51
N GLU D 415 11.20 43.88 3.76
CA GLU D 415 10.10 44.73 3.33
C GLU D 415 10.43 45.33 1.96
N PHE D 416 9.43 45.91 1.32
CA PHE D 416 9.52 46.26 -0.09
C PHE D 416 9.39 47.79 -0.26
N VAL D 417 10.43 48.43 -0.82
CA VAL D 417 10.44 49.88 -0.97
C VAL D 417 10.83 50.26 -2.39
N ASN D 418 10.55 51.54 -2.75
CA ASN D 418 10.84 52.12 -4.06
C ASN D 418 12.11 52.97 -4.03
N THR D 419 13.04 52.69 -4.94
CA THR D 419 14.36 53.39 -4.91
C THR D 419 14.30 54.77 -5.56
N PRO D 420 15.08 55.74 -5.08
CA PRO D 420 15.16 57.07 -5.69
C PRO D 420 16.35 57.15 -6.64
N PRO D 421 16.67 58.33 -7.22
CA PRO D 421 17.81 58.47 -8.15
C PRO D 421 19.16 58.31 -7.45
N LEU D 422 19.16 58.00 -6.16
CA LEU D 422 20.43 57.84 -5.39
C LEU D 422 21.33 56.82 -6.10
N VAL D 423 20.74 55.96 -6.94
CA VAL D 423 21.52 54.93 -7.66
C VAL D 423 22.74 55.61 -8.30
N LYS D 424 22.50 56.71 -9.02
CA LYS D 424 23.62 57.44 -9.69
C LYS D 424 24.70 57.71 -8.65
N LEU D 425 24.31 58.03 -7.41
CA LEU D 425 25.30 58.24 -6.34
C LEU D 425 25.73 56.86 -5.82
N TRP D 426 26.08 55.94 -6.72
CA TRP D 426 26.49 54.56 -6.33
C TRP D 426 27.00 54.55 -4.89
C10 VVE E . -17.26 -33.11 -25.13
C15 VVE E . -13.03 -36.60 -25.59
C11 VVE E . -16.61 -34.04 -25.93
C12 VVE E . -17.08 -35.32 -26.01
C14 VVE E . -14.39 -36.33 -25.59
C16 VVE E . -12.37 -37.03 -26.72
C18 VVE E . -12.44 -37.66 -29.09
C1 VVE E . -25.31 -39.18 -28.38
C2 VVE E . -23.85 -39.01 -27.94
C3 VVE E . -22.64 -38.88 -28.82
O1 VVE E . -22.71 -38.77 -30.03
N1 VVE E . -21.35 -39.00 -28.19
C4 VVE E . -21.14 -38.96 -26.83
O2 VVE E . -21.98 -38.79 -25.97
N2 VVE E . -19.79 -39.17 -26.63
C5 VVE E . -19.11 -39.19 -25.35
C6 VVE E . -18.08 -38.11 -25.30
O3 VVE E . -18.81 -36.90 -25.34
C7 VVE E . -18.23 -35.68 -25.30
C8 VVE E . -18.90 -34.77 -24.54
C9 VVE E . -18.39 -33.49 -24.45
CL1 VVE E . -19.21 -32.33 -23.45
O4 VVE E . -16.47 -36.27 -26.83
C13 VVE E . -15.11 -36.51 -26.75
CL2 VVE E . -12.14 -36.37 -24.11
C17 VVE E . -13.09 -37.21 -27.89
N3 VVE E . -11.90 -38.05 -30.02
C19 VVE E . -14.46 -36.95 -27.91
C20 VVE E . -19.15 -39.32 -27.86
C21 VVE E . -17.81 -39.53 -28.16
C22 VVE E . -17.48 -39.66 -29.50
C23 VVE E . -18.46 -39.56 -30.48
C24 VVE E . -19.78 -39.34 -30.17
C25 VVE E . -20.12 -39.22 -28.83
P PO4 F . 14.58 -60.30 16.49
O1 PO4 F . 15.73 -61.27 16.27
O2 PO4 F . 13.41 -61.02 17.13
O3 PO4 F . 14.14 -59.72 15.16
O4 PO4 F . 15.05 -59.17 17.41
P PO4 G . 2.49 -18.66 32.83
O1 PO4 G . 3.04 -19.69 33.80
O2 PO4 G . 3.21 -18.81 31.49
O3 PO4 G . 1.00 -18.88 32.65
O4 PO4 G . 2.74 -17.27 33.38
C10 VVE H . -14.92 15.42 -7.51
C15 VVE H . -19.99 19.92 -7.29
C11 VVE H . -16.23 15.84 -7.52
C12 VVE H . -16.66 16.71 -8.48
C14 VVE H . -19.61 18.75 -7.92
C16 VVE H . -19.09 20.69 -6.58
C18 VVE H . -16.81 21.06 -5.78
C1 VVE H . -17.02 16.72 -17.36
C2 VVE H . -18.19 17.28 -17.40
C3 VVE H . -19.25 17.07 -16.39
O1 VVE H . -20.42 16.92 -16.65
N1 VVE H . -18.84 17.07 -15.03
C4 VVE H . -17.56 16.77 -14.57
O2 VVE H . -16.59 16.48 -15.25
N2 VVE H . -17.59 16.89 -13.19
C5 VVE H . -16.45 16.66 -12.31
C6 VVE H . -15.90 17.94 -11.75
O3 VVE H . -16.30 18.05 -10.39
C7 VVE H . -15.78 17.18 -9.47
C8 VVE H . -14.47 16.75 -9.46
C9 VVE H . -14.07 15.87 -8.48
CL1 VVE H . -12.42 15.32 -8.47
O4 VVE H . -17.97 17.16 -8.51
C13 VVE H . -18.30 18.35 -7.85
CL2 VVE H . -21.65 20.42 -7.38
C17 VVE H . -17.77 20.28 -6.51
N3 VVE H . -16.07 21.70 -5.18
C19 VVE H . -17.37 19.11 -7.14
C20 VVE H . -18.87 17.25 -12.78
C21 VVE H . -19.38 17.47 -11.52
C22 VVE H . -20.71 17.81 -11.43
C23 VVE H . -21.50 17.93 -12.57
C24 VVE H . -20.99 17.71 -13.83
C25 VVE H . -19.66 17.36 -13.92
H1 VVE H . -14.63 14.81 -6.86
H2 VVE H . -16.84 15.53 -6.85
H3 VVE H . -20.24 18.25 -8.39
H4 VVE H . -19.38 21.47 -6.16
H5 VVE H . -16.94 15.80 -17.14
H6 VVE H . -16.25 17.23 -17.54
H8 VVE H . -18.38 17.84 -18.13
H10 VVE H . -15.77 16.20 -12.80
H11 VVE H . -16.75 16.09 -11.58
H12 VVE H . -16.26 18.70 -12.25
H13 VVE H . -14.92 17.95 -11.82
H14 VVE H . -13.86 17.05 -10.12
H15 VVE H . -16.47 18.83 -7.09
H16 VVE H . -18.84 17.39 -10.76
H17 VVE H . -21.09 17.97 -10.59
H18 VVE H . -22.41 18.17 -12.47
H19 VVE H . -21.54 17.79 -14.60
#